data_2CSF
#
_entry.id   2CSF
#
_entity_poly.entity_id   1
_entity_poly.type   'polypeptide(L)'
_entity_poly.pdbx_seq_one_letter_code
;GSSGSSGPIKVDGANINITAAIYDEIQQEMKRAKVSQALFAKVAANKSQGWLCELLRWKENPSPENRTLWENLCTIRRFL
NLPQHERDVIYEEESSGPSSG
;
_entity_poly.pdbx_strand_id   A
#
# COMPACT_ATOMS: atom_id res chain seq x y z
N GLY A 1 20.03 11.10 -10.06
CA GLY A 1 18.68 11.14 -10.62
C GLY A 1 17.86 9.93 -10.23
N SER A 2 16.54 10.09 -10.23
CA SER A 2 15.64 9.00 -9.85
C SER A 2 15.24 8.19 -11.09
N SER A 3 15.80 6.99 -11.19
CA SER A 3 15.51 6.11 -12.32
C SER A 3 14.44 5.09 -11.94
N GLY A 4 13.40 5.00 -12.77
CA GLY A 4 12.32 4.07 -12.51
C GLY A 4 10.97 4.59 -12.97
N SER A 5 10.14 3.70 -13.50
CA SER A 5 8.82 4.08 -13.98
C SER A 5 7.86 4.32 -12.81
N SER A 6 7.45 5.57 -12.65
CA SER A 6 6.54 5.93 -11.57
C SER A 6 5.42 6.83 -12.08
N GLY A 7 4.89 6.51 -13.25
CA GLY A 7 3.82 7.30 -13.84
C GLY A 7 2.49 7.08 -13.14
N PRO A 8 1.65 8.12 -13.15
CA PRO A 8 0.31 8.06 -12.53
C PRO A 8 -0.64 7.14 -13.26
N ILE A 9 -1.05 6.06 -12.60
CA ILE A 9 -1.96 5.10 -13.19
C ILE A 9 -3.22 5.80 -13.72
N LYS A 10 -3.35 5.83 -15.04
CA LYS A 10 -4.49 6.46 -15.68
C LYS A 10 -5.79 6.06 -14.97
N VAL A 11 -6.79 6.94 -15.04
CA VAL A 11 -8.07 6.67 -14.41
C VAL A 11 -8.72 5.42 -14.99
N ASP A 12 -9.25 4.57 -14.11
CA ASP A 12 -9.90 3.33 -14.54
C ASP A 12 -11.25 3.17 -13.84
N GLY A 13 -12.04 4.23 -13.83
CA GLY A 13 -13.34 4.17 -13.19
C GLY A 13 -13.26 3.79 -11.73
N ALA A 14 -13.95 2.73 -11.34
CA ALA A 14 -13.94 2.26 -9.97
C ALA A 14 -13.57 0.79 -9.88
N ASN A 15 -12.55 0.40 -10.65
CA ASN A 15 -12.09 -0.98 -10.66
C ASN A 15 -10.59 -1.06 -10.40
N ILE A 16 -10.22 -1.29 -9.15
CA ILE A 16 -8.81 -1.39 -8.77
C ILE A 16 -8.34 -2.84 -8.81
N ASN A 17 -7.22 -3.07 -9.49
CA ASN A 17 -6.66 -4.41 -9.60
C ASN A 17 -5.52 -4.61 -8.59
N ILE A 18 -5.82 -5.34 -7.51
CA ILE A 18 -4.84 -5.60 -6.47
C ILE A 18 -3.96 -6.79 -6.85
N THR A 19 -2.65 -6.61 -6.72
CA THR A 19 -1.70 -7.67 -7.04
C THR A 19 -0.73 -7.90 -5.90
N ALA A 20 -0.15 -9.10 -5.84
CA ALA A 20 0.80 -9.43 -4.79
C ALA A 20 1.84 -8.34 -4.61
N ALA A 21 2.21 -7.69 -5.72
CA ALA A 21 3.20 -6.63 -5.68
C ALA A 21 2.87 -5.62 -4.57
N ILE A 22 1.58 -5.39 -4.35
CA ILE A 22 1.13 -4.46 -3.32
C ILE A 22 1.99 -4.58 -2.07
N TYR A 23 2.34 -5.80 -1.71
CA TYR A 23 3.16 -6.06 -0.54
C TYR A 23 4.52 -5.39 -0.65
N ASP A 24 5.17 -5.60 -1.80
CA ASP A 24 6.49 -5.02 -2.05
C ASP A 24 6.44 -3.50 -1.93
N GLU A 25 5.50 -2.89 -2.64
CA GLU A 25 5.35 -1.44 -2.62
C GLU A 25 5.29 -0.92 -1.19
N ILE A 26 4.62 -1.67 -0.32
CA ILE A 26 4.49 -1.29 1.09
C ILE A 26 5.84 -1.33 1.80
N GLN A 27 6.66 -2.32 1.44
CA GLN A 27 7.98 -2.46 2.05
C GLN A 27 8.86 -1.27 1.73
N GLN A 28 8.93 -0.91 0.45
CA GLN A 28 9.74 0.22 0.01
C GLN A 28 9.16 1.53 0.51
N GLU A 29 7.86 1.73 0.28
CA GLU A 29 7.18 2.94 0.70
C GLU A 29 7.62 3.35 2.10
N MET A 30 7.75 2.37 2.98
CA MET A 30 8.17 2.62 4.35
C MET A 30 9.58 3.21 4.40
N LYS A 31 10.52 2.56 3.73
CA LYS A 31 11.90 3.02 3.69
C LYS A 31 12.01 4.33 2.93
N ARG A 32 11.05 4.58 2.03
CA ARG A 32 11.05 5.80 1.24
C ARG A 32 10.44 6.95 2.03
N ALA A 33 9.41 6.64 2.83
CA ALA A 33 8.75 7.65 3.62
C ALA A 33 9.38 7.76 5.02
N LYS A 34 10.23 6.80 5.34
CA LYS A 34 10.91 6.78 6.64
C LYS A 34 9.92 6.48 7.75
N VAL A 35 9.05 5.50 7.53
CA VAL A 35 8.06 5.11 8.53
C VAL A 35 8.15 3.62 8.84
N SER A 36 7.32 3.16 9.77
CA SER A 36 7.30 1.76 10.16
C SER A 36 6.02 1.08 9.70
N GLN A 37 6.01 -0.25 9.76
CA GLN A 37 4.84 -1.02 9.35
C GLN A 37 3.59 -0.55 10.09
N ALA A 38 3.78 -0.12 11.34
CA ALA A 38 2.67 0.35 12.16
C ALA A 38 2.11 1.66 11.63
N LEU A 39 3.01 2.59 11.30
CA LEU A 39 2.60 3.90 10.78
C LEU A 39 1.92 3.74 9.43
N PHE A 40 2.67 3.26 8.45
CA PHE A 40 2.13 3.07 7.10
C PHE A 40 0.78 2.36 7.15
N ALA A 41 0.66 1.38 8.03
CA ALA A 41 -0.58 0.62 8.18
C ALA A 41 -1.61 1.42 8.97
N LYS A 42 -1.14 2.40 9.74
CA LYS A 42 -2.02 3.22 10.55
C LYS A 42 -2.58 4.38 9.73
N VAL A 43 -1.86 4.76 8.68
CA VAL A 43 -2.28 5.86 7.81
C VAL A 43 -2.87 5.32 6.51
N ALA A 44 -2.56 4.07 6.20
CA ALA A 44 -3.06 3.44 4.98
C ALA A 44 -4.38 2.73 5.23
N ALA A 45 -4.35 1.69 6.07
CA ALA A 45 -5.55 0.93 6.39
C ALA A 45 -6.04 1.26 7.79
N ASN A 46 -5.24 2.00 8.54
CA ASN A 46 -5.60 2.38 9.91
C ASN A 46 -5.63 1.17 10.81
N LYS A 47 -4.82 0.17 10.50
CA LYS A 47 -4.75 -1.06 11.29
C LYS A 47 -3.53 -1.06 12.19
N SER A 48 -3.35 -2.13 12.94
CA SER A 48 -2.22 -2.27 13.85
C SER A 48 -1.04 -2.96 13.17
N GLN A 49 0.17 -2.52 13.49
CA GLN A 49 1.37 -3.10 12.91
C GLN A 49 1.19 -4.59 12.65
N GLY A 50 0.86 -5.34 13.70
CA GLY A 50 0.65 -6.77 13.57
C GLY A 50 -0.08 -7.14 12.31
N TRP A 51 -1.13 -6.39 12.00
CA TRP A 51 -1.92 -6.64 10.80
C TRP A 51 -1.10 -6.42 9.54
N LEU A 52 -0.19 -5.45 9.59
CA LEU A 52 0.67 -5.14 8.46
C LEU A 52 1.82 -6.12 8.36
N CYS A 53 2.61 -6.21 9.43
CA CYS A 53 3.75 -7.12 9.47
C CYS A 53 3.41 -8.46 8.84
N GLU A 54 2.30 -9.05 9.28
CA GLU A 54 1.85 -10.34 8.76
C GLU A 54 1.77 -10.31 7.23
N LEU A 55 1.02 -9.34 6.71
CA LEU A 55 0.86 -9.21 5.26
C LEU A 55 2.19 -9.39 4.54
N LEU A 56 3.25 -8.78 5.08
CA LEU A 56 4.57 -8.88 4.49
C LEU A 56 5.20 -10.24 4.78
N ARG A 57 4.73 -10.88 5.85
CA ARG A 57 5.25 -12.19 6.23
C ARG A 57 4.63 -13.29 5.36
N TRP A 58 3.31 -13.40 5.40
CA TRP A 58 2.60 -14.41 4.62
C TRP A 58 2.51 -13.99 3.16
N LYS A 59 2.21 -12.73 2.92
CA LYS A 59 2.09 -12.21 1.56
C LYS A 59 1.07 -13.01 0.76
N GLU A 60 -0.01 -13.41 1.41
CA GLU A 60 -1.06 -14.18 0.75
C GLU A 60 -1.42 -13.57 -0.59
N ASN A 61 -1.81 -14.41 -1.55
CA ASN A 61 -2.19 -13.94 -2.87
C ASN A 61 -3.50 -13.17 -2.82
N PRO A 62 -3.44 -11.87 -3.17
CA PRO A 62 -4.61 -11.00 -3.17
C PRO A 62 -5.60 -11.35 -4.28
N SER A 63 -6.88 -11.25 -3.98
CA SER A 63 -7.93 -11.56 -4.95
C SER A 63 -9.25 -10.90 -4.56
N PRO A 64 -10.13 -10.71 -5.56
CA PRO A 64 -11.44 -10.08 -5.35
C PRO A 64 -12.39 -10.99 -4.57
N GLU A 65 -11.90 -12.17 -4.21
CA GLU A 65 -12.71 -13.13 -3.46
C GLU A 65 -12.59 -12.88 -1.95
N ASN A 66 -11.37 -12.59 -1.50
CA ASN A 66 -11.12 -12.34 -0.08
C ASN A 66 -11.51 -10.91 0.28
N ARG A 67 -12.59 -10.78 1.06
CA ARG A 67 -13.06 -9.47 1.47
C ARG A 67 -12.12 -8.84 2.49
N THR A 68 -12.05 -9.44 3.68
CA THR A 68 -11.18 -8.95 4.73
C THR A 68 -9.82 -8.54 4.19
N LEU A 69 -9.38 -9.24 3.14
CA LEU A 69 -8.08 -8.95 2.52
C LEU A 69 -8.24 -7.90 1.42
N TRP A 70 -8.92 -8.28 0.34
CA TRP A 70 -9.13 -7.37 -0.78
C TRP A 70 -9.53 -5.98 -0.29
N GLU A 71 -10.52 -5.94 0.61
CA GLU A 71 -11.00 -4.68 1.16
C GLU A 71 -9.84 -3.83 1.65
N ASN A 72 -9.17 -4.30 2.71
CA ASN A 72 -8.04 -3.57 3.29
C ASN A 72 -7.01 -3.24 2.22
N LEU A 73 -6.58 -4.26 1.48
CA LEU A 73 -5.59 -4.08 0.43
C LEU A 73 -6.05 -3.03 -0.58
N CYS A 74 -7.37 -2.85 -0.67
CA CYS A 74 -7.94 -1.87 -1.59
C CYS A 74 -7.63 -0.45 -1.15
N THR A 75 -7.82 -0.18 0.15
CA THR A 75 -7.56 1.14 0.70
C THR A 75 -6.08 1.47 0.68
N ILE A 76 -5.25 0.45 0.89
CA ILE A 76 -3.80 0.62 0.90
C ILE A 76 -3.27 0.84 -0.52
N ARG A 77 -3.98 0.30 -1.50
CA ARG A 77 -3.58 0.44 -2.89
C ARG A 77 -3.75 1.88 -3.37
N ARG A 78 -4.81 2.53 -2.89
CA ARG A 78 -5.08 3.91 -3.28
C ARG A 78 -4.07 4.86 -2.65
N PHE A 79 -3.58 4.50 -1.46
CA PHE A 79 -2.61 5.33 -0.76
C PHE A 79 -1.32 5.45 -1.57
N LEU A 80 -0.77 4.31 -1.97
CA LEU A 80 0.47 4.28 -2.74
C LEU A 80 0.30 5.06 -4.04
N ASN A 81 -0.91 5.09 -4.57
CA ASN A 81 -1.19 5.79 -5.81
C ASN A 81 -0.96 7.30 -5.65
N LEU A 82 -0.90 7.74 -4.40
CA LEU A 82 -0.66 9.16 -4.10
C LEU A 82 0.78 9.55 -4.42
N PRO A 83 0.99 10.84 -4.71
CA PRO A 83 2.30 11.37 -5.04
C PRO A 83 3.23 11.40 -3.81
N GLN A 84 4.52 11.20 -4.05
CA GLN A 84 5.50 11.21 -2.97
C GLN A 84 5.27 12.38 -2.03
N HIS A 85 5.04 13.55 -2.60
CA HIS A 85 4.79 14.76 -1.82
C HIS A 85 3.58 14.57 -0.90
N GLU A 86 2.63 13.77 -1.34
CA GLU A 86 1.42 13.52 -0.57
C GLU A 86 1.71 12.55 0.57
N ARG A 87 2.01 11.29 0.22
CA ARG A 87 2.31 10.27 1.20
C ARG A 87 3.18 10.82 2.33
N ASP A 88 4.22 11.56 1.94
CA ASP A 88 5.14 12.15 2.92
C ASP A 88 4.39 13.06 3.89
N VAL A 89 3.39 13.78 3.38
CA VAL A 89 2.61 14.69 4.21
C VAL A 89 1.76 13.90 5.21
N ILE A 90 1.09 12.86 4.73
CA ILE A 90 0.25 12.04 5.59
C ILE A 90 1.06 11.44 6.74
N TYR A 91 2.20 10.85 6.40
CA TYR A 91 3.06 10.24 7.41
C TYR A 91 3.55 11.28 8.42
N GLU A 92 3.98 12.42 7.91
CA GLU A 92 4.47 13.50 8.77
C GLU A 92 3.38 13.98 9.71
N GLU A 93 2.26 14.43 9.15
CA GLU A 93 1.15 14.93 9.95
C GLU A 93 0.72 13.89 10.99
N GLU A 94 0.69 12.64 10.58
CA GLU A 94 0.30 11.55 11.47
C GLU A 94 1.35 11.35 12.56
N SER A 95 2.54 10.92 12.17
CA SER A 95 3.63 10.68 13.11
C SER A 95 4.70 11.74 12.97
N SER A 96 4.61 12.79 13.78
CA SER A 96 5.57 13.88 13.74
C SER A 96 6.97 13.38 14.08
N GLY A 97 7.99 14.13 13.64
CA GLY A 97 9.36 13.73 13.90
C GLY A 97 10.36 14.75 13.38
N PRO A 98 11.47 14.91 14.10
CA PRO A 98 12.54 15.86 13.72
C PRO A 98 13.29 15.41 12.48
N SER A 99 13.41 14.10 12.32
CA SER A 99 14.13 13.53 11.17
C SER A 99 13.62 14.13 9.87
N SER A 100 14.45 14.98 9.25
CA SER A 100 14.07 15.62 7.99
C SER A 100 15.28 16.35 7.39
N GLY A 101 15.42 16.24 6.07
CA GLY A 101 16.53 16.88 5.39
C GLY A 101 17.07 16.04 4.25
N GLY A 1 6.31 -12.69 -36.55
CA GLY A 1 7.21 -13.24 -35.55
C GLY A 1 7.76 -12.16 -34.63
N SER A 2 8.53 -12.58 -33.64
CA SER A 2 9.12 -11.65 -32.68
C SER A 2 8.04 -10.88 -31.93
N SER A 3 6.98 -11.59 -31.55
CA SER A 3 5.86 -10.97 -30.84
C SER A 3 5.42 -11.83 -29.66
N GLY A 4 5.19 -11.19 -28.52
CA GLY A 4 4.78 -11.92 -27.34
C GLY A 4 3.37 -12.46 -27.46
N SER A 5 2.92 -13.17 -26.43
CA SER A 5 1.58 -13.76 -26.42
C SER A 5 0.91 -13.56 -25.07
N SER A 6 -0.24 -12.89 -25.08
CA SER A 6 -0.99 -12.63 -23.86
C SER A 6 -2.36 -12.04 -24.17
N GLY A 7 -3.41 -12.70 -23.71
CA GLY A 7 -4.76 -12.22 -23.95
C GLY A 7 -5.42 -11.70 -22.69
N PRO A 8 -5.29 -10.38 -22.45
CA PRO A 8 -5.87 -9.73 -21.28
C PRO A 8 -7.41 -9.67 -21.34
N ILE A 9 -8.05 -10.08 -20.25
CA ILE A 9 -9.51 -10.07 -20.18
C ILE A 9 -10.04 -8.66 -19.94
N LYS A 10 -11.18 -8.35 -20.54
CA LYS A 10 -11.80 -7.04 -20.38
C LYS A 10 -12.67 -6.99 -19.12
N VAL A 11 -13.11 -5.79 -18.77
CA VAL A 11 -13.95 -5.61 -17.59
C VAL A 11 -14.73 -4.29 -17.66
N ASP A 12 -15.95 -4.31 -17.15
CA ASP A 12 -16.80 -3.13 -17.16
C ASP A 12 -16.15 -2.00 -16.37
N GLY A 13 -16.24 -0.78 -16.91
CA GLY A 13 -15.65 0.37 -16.26
C GLY A 13 -14.18 0.17 -15.94
N ALA A 14 -13.75 0.73 -14.81
CA ALA A 14 -12.35 0.61 -14.39
C ALA A 14 -12.25 0.39 -12.89
N ASN A 15 -11.88 -0.83 -12.50
CA ASN A 15 -11.74 -1.17 -11.09
C ASN A 15 -10.27 -1.22 -10.68
N ILE A 16 -10.03 -1.46 -9.39
CA ILE A 16 -8.68 -1.54 -8.87
C ILE A 16 -8.17 -2.98 -8.86
N ASN A 17 -7.11 -3.23 -9.64
CA ASN A 17 -6.54 -4.57 -9.71
C ASN A 17 -5.44 -4.74 -8.66
N ILE A 18 -5.79 -5.42 -7.57
CA ILE A 18 -4.84 -5.67 -6.49
C ILE A 18 -3.93 -6.85 -6.82
N THR A 19 -2.62 -6.62 -6.73
CA THR A 19 -1.65 -7.65 -7.02
C THR A 19 -0.72 -7.87 -5.83
N ALA A 20 -0.15 -9.08 -5.74
CA ALA A 20 0.76 -9.41 -4.65
C ALA A 20 1.80 -8.33 -4.46
N ALA A 21 2.23 -7.71 -5.56
CA ALA A 21 3.23 -6.65 -5.51
C ALA A 21 2.89 -5.63 -4.44
N ILE A 22 1.59 -5.38 -4.24
CA ILE A 22 1.14 -4.43 -3.24
C ILE A 22 1.95 -4.55 -1.95
N TYR A 23 2.37 -5.77 -1.65
CA TYR A 23 3.16 -6.02 -0.44
C TYR A 23 4.53 -5.38 -0.55
N ASP A 24 5.20 -5.60 -1.67
CA ASP A 24 6.53 -5.05 -1.89
C ASP A 24 6.51 -3.52 -1.83
N GLU A 25 5.54 -2.92 -2.53
CA GLU A 25 5.40 -1.47 -2.54
C GLU A 25 5.33 -0.92 -1.12
N ILE A 26 4.66 -1.64 -0.24
CA ILE A 26 4.52 -1.22 1.15
C ILE A 26 5.87 -1.18 1.85
N GLN A 27 6.67 -2.22 1.63
CA GLN A 27 8.00 -2.30 2.24
C GLN A 27 8.86 -1.11 1.82
N GLN A 28 8.97 -0.90 0.52
CA GLN A 28 9.77 0.21 -0.01
C GLN A 28 9.17 1.55 0.38
N GLU A 29 7.87 1.72 0.12
CA GLU A 29 7.18 2.95 0.45
C GLU A 29 7.51 3.41 1.86
N MET A 30 7.76 2.45 2.74
CA MET A 30 8.10 2.75 4.14
C MET A 30 9.48 3.40 4.23
N LYS A 31 10.49 2.68 3.78
CA LYS A 31 11.86 3.18 3.83
C LYS A 31 11.98 4.50 3.07
N ARG A 32 11.07 4.72 2.13
CA ARG A 32 11.07 5.95 1.33
C ARG A 32 10.37 7.09 2.08
N ALA A 33 9.31 6.74 2.81
CA ALA A 33 8.56 7.73 3.57
C ALA A 33 9.13 7.88 4.98
N LYS A 34 10.00 6.96 5.35
CA LYS A 34 10.61 6.99 6.68
C LYS A 34 9.59 6.68 7.76
N VAL A 35 8.77 5.66 7.53
CA VAL A 35 7.75 5.26 8.49
C VAL A 35 7.91 3.80 8.90
N SER A 36 7.08 3.36 9.83
CA SER A 36 7.14 1.98 10.32
C SER A 36 5.90 1.21 9.89
N GLN A 37 6.02 -0.11 9.80
CA GLN A 37 4.91 -0.96 9.40
C GLN A 37 3.64 -0.59 10.16
N ALA A 38 3.81 -0.14 11.41
CA ALA A 38 2.69 0.25 12.24
C ALA A 38 2.05 1.53 11.72
N LEU A 39 2.87 2.47 11.31
CA LEU A 39 2.38 3.75 10.78
C LEU A 39 1.73 3.57 9.41
N PHE A 40 2.53 3.13 8.45
CA PHE A 40 2.04 2.92 7.08
C PHE A 40 0.69 2.20 7.11
N ALA A 41 0.54 1.27 8.04
CA ALA A 41 -0.70 0.51 8.17
C ALA A 41 -1.75 1.31 8.92
N LYS A 42 -1.31 2.24 9.75
CA LYS A 42 -2.22 3.07 10.53
C LYS A 42 -2.73 4.24 9.70
N VAL A 43 -1.94 4.67 8.72
CA VAL A 43 -2.31 5.77 7.85
C VAL A 43 -2.83 5.26 6.51
N ALA A 44 -2.63 3.97 6.26
CA ALA A 44 -3.08 3.36 5.02
C ALA A 44 -4.36 2.56 5.23
N ALA A 45 -4.29 1.55 6.08
CA ALA A 45 -5.45 0.72 6.38
C ALA A 45 -5.98 0.98 7.78
N ASN A 46 -5.28 1.83 8.52
CA ASN A 46 -5.68 2.17 9.88
C ASN A 46 -5.72 0.93 10.76
N LYS A 47 -4.86 -0.03 10.46
CA LYS A 47 -4.79 -1.27 11.22
C LYS A 47 -3.58 -1.28 12.15
N SER A 48 -3.41 -2.38 12.88
CA SER A 48 -2.29 -2.52 13.80
C SER A 48 -1.09 -3.17 13.12
N GLN A 49 0.11 -2.74 13.51
CA GLN A 49 1.33 -3.28 12.93
C GLN A 49 1.18 -4.78 12.65
N GLY A 50 0.82 -5.54 13.68
CA GLY A 50 0.65 -6.97 13.52
C GLY A 50 -0.08 -7.33 12.25
N TRP A 51 -1.11 -6.56 11.92
CA TRP A 51 -1.89 -6.80 10.71
C TRP A 51 -1.08 -6.51 9.47
N LEU A 52 -0.18 -5.54 9.57
CA LEU A 52 0.67 -5.16 8.44
C LEU A 52 1.86 -6.11 8.31
N CYS A 53 2.66 -6.19 9.35
CA CYS A 53 3.84 -7.06 9.36
C CYS A 53 3.51 -8.41 8.74
N GLU A 54 2.41 -9.01 9.17
CA GLU A 54 1.99 -10.31 8.65
C GLU A 54 1.84 -10.27 7.14
N LEU A 55 1.07 -9.31 6.65
CA LEU A 55 0.85 -9.16 5.22
C LEU A 55 2.15 -9.32 4.44
N LEU A 56 3.23 -8.77 4.99
CA LEU A 56 4.54 -8.86 4.36
C LEU A 56 5.19 -10.21 4.62
N ARG A 57 4.77 -10.86 5.71
CA ARG A 57 5.32 -12.16 6.06
C ARG A 57 4.69 -13.26 5.22
N TRP A 58 3.37 -13.36 5.27
CA TRP A 58 2.65 -14.37 4.50
C TRP A 58 2.54 -13.98 3.04
N LYS A 59 2.25 -12.70 2.80
CA LYS A 59 2.11 -12.19 1.44
C LYS A 59 1.08 -12.99 0.65
N GLU A 60 -0.01 -13.34 1.31
CA GLU A 60 -1.08 -14.12 0.68
C GLU A 60 -1.46 -13.49 -0.67
N ASN A 61 -1.86 -14.34 -1.60
CA ASN A 61 -2.27 -13.88 -2.93
C ASN A 61 -3.58 -13.11 -2.86
N PRO A 62 -3.54 -11.82 -3.22
CA PRO A 62 -4.72 -10.95 -3.22
C PRO A 62 -5.72 -11.31 -4.30
N SER A 63 -7.00 -11.22 -3.98
CA SER A 63 -8.07 -11.55 -4.91
C SER A 63 -9.38 -10.90 -4.51
N PRO A 64 -10.27 -10.71 -5.49
CA PRO A 64 -11.58 -10.10 -5.26
C PRO A 64 -12.51 -10.99 -4.44
N GLU A 65 -12.01 -12.17 -4.08
CA GLU A 65 -12.81 -13.12 -3.30
C GLU A 65 -12.66 -12.85 -1.80
N ASN A 66 -11.42 -12.57 -1.38
CA ASN A 66 -11.14 -12.30 0.03
C ASN A 66 -11.56 -10.88 0.40
N ARG A 67 -12.62 -10.78 1.20
CA ARG A 67 -13.13 -9.48 1.63
C ARG A 67 -12.15 -8.81 2.61
N THR A 68 -12.03 -9.39 3.80
CA THR A 68 -11.15 -8.85 4.83
C THR A 68 -9.80 -8.48 4.23
N LEU A 69 -9.38 -9.21 3.21
CA LEU A 69 -8.10 -8.94 2.56
C LEU A 69 -8.27 -7.90 1.45
N TRP A 70 -8.97 -8.27 0.39
CA TRP A 70 -9.21 -7.38 -0.74
C TRP A 70 -9.58 -5.98 -0.25
N GLU A 71 -10.55 -5.92 0.66
CA GLU A 71 -11.01 -4.64 1.21
C GLU A 71 -9.83 -3.80 1.66
N ASN A 72 -9.16 -4.24 2.72
CA ASN A 72 -8.01 -3.52 3.25
C ASN A 72 -6.98 -3.23 2.15
N LEU A 73 -6.56 -4.28 1.46
CA LEU A 73 -5.59 -4.14 0.38
C LEU A 73 -6.07 -3.12 -0.65
N CYS A 74 -7.37 -2.85 -0.67
CA CYS A 74 -7.95 -1.90 -1.60
C CYS A 74 -7.57 -0.47 -1.22
N THR A 75 -7.80 -0.12 0.05
CA THR A 75 -7.49 1.21 0.54
C THR A 75 -5.99 1.49 0.49
N ILE A 76 -5.20 0.49 0.89
CA ILE A 76 -3.74 0.62 0.89
C ILE A 76 -3.22 0.84 -0.52
N ARG A 77 -3.91 0.28 -1.51
CA ARG A 77 -3.50 0.41 -2.90
C ARG A 77 -3.63 1.87 -3.36
N ARG A 78 -4.72 2.52 -2.98
CA ARG A 78 -4.97 3.90 -3.35
C ARG A 78 -3.95 4.83 -2.69
N PHE A 79 -3.49 4.45 -1.49
CA PHE A 79 -2.52 5.24 -0.76
C PHE A 79 -1.21 5.35 -1.52
N LEU A 80 -0.70 4.20 -1.96
CA LEU A 80 0.55 4.16 -2.70
C LEU A 80 0.44 4.92 -4.01
N ASN A 81 -0.77 4.97 -4.56
CA ASN A 81 -1.03 5.67 -5.81
C ASN A 81 -0.79 7.17 -5.65
N LEU A 82 -0.69 7.61 -4.41
CA LEU A 82 -0.47 9.03 -4.12
C LEU A 82 0.98 9.42 -4.40
N PRO A 83 1.19 10.70 -4.73
CA PRO A 83 2.53 11.23 -5.03
C PRO A 83 3.42 11.30 -3.79
N GLN A 84 4.72 11.13 -4.00
CA GLN A 84 5.68 11.17 -2.89
C GLN A 84 5.40 12.36 -1.98
N HIS A 85 5.16 13.52 -2.58
CA HIS A 85 4.89 14.73 -1.82
C HIS A 85 3.66 14.55 -0.94
N GLU A 86 2.73 13.70 -1.38
CA GLU A 86 1.50 13.44 -0.63
C GLU A 86 1.77 12.49 0.53
N ARG A 87 2.10 11.24 0.19
CA ARG A 87 2.37 10.22 1.21
C ARG A 87 3.20 10.80 2.34
N ASP A 88 4.23 11.57 1.99
CA ASP A 88 5.09 12.19 2.98
C ASP A 88 4.29 13.07 3.94
N VAL A 89 3.38 13.86 3.39
CA VAL A 89 2.56 14.75 4.19
C VAL A 89 1.71 13.96 5.19
N ILE A 90 1.07 12.90 4.70
CA ILE A 90 0.23 12.07 5.56
C ILE A 90 1.03 11.54 6.76
N TYR A 91 2.20 11.00 6.51
CA TYR A 91 3.05 10.47 7.56
C TYR A 91 3.51 11.57 8.50
N GLU A 92 3.92 12.70 7.93
CA GLU A 92 4.38 13.83 8.72
C GLU A 92 3.29 14.30 9.68
N GLU A 93 2.12 14.63 9.12
CA GLU A 93 1.00 15.09 9.93
C GLU A 93 0.62 14.06 10.99
N GLU A 94 0.65 12.79 10.60
CA GLU A 94 0.31 11.70 11.52
C GLU A 94 1.35 11.59 12.63
N SER A 95 2.57 11.20 12.27
CA SER A 95 3.65 11.05 13.24
C SER A 95 4.87 11.85 12.80
N SER A 96 5.27 12.80 13.63
CA SER A 96 6.43 13.64 13.34
C SER A 96 7.72 12.91 13.67
N GLY A 97 8.48 12.57 12.63
CA GLY A 97 9.74 11.87 12.84
C GLY A 97 10.94 12.80 12.77
N PRO A 98 11.94 12.55 13.63
CA PRO A 98 13.16 13.36 13.68
C PRO A 98 14.04 13.16 12.46
N SER A 99 15.04 14.02 12.32
CA SER A 99 15.96 13.95 11.18
C SER A 99 17.40 14.15 11.63
N SER A 100 18.33 13.49 10.94
CA SER A 100 19.74 13.60 11.27
C SER A 100 20.18 15.05 11.34
N GLY A 101 21.44 15.27 11.70
CA GLY A 101 21.96 16.62 11.79
C GLY A 101 23.46 16.68 11.64
N GLY A 1 3.64 -16.05 -7.05
CA GLY A 1 3.33 -15.70 -5.68
C GLY A 1 2.95 -16.90 -4.84
N SER A 2 1.68 -16.98 -4.46
CA SER A 2 1.18 -18.09 -3.64
C SER A 2 0.17 -18.93 -4.42
N SER A 3 -0.02 -20.16 -3.99
CA SER A 3 -0.96 -21.07 -4.65
C SER A 3 -2.22 -20.32 -5.07
N GLY A 4 -2.46 -20.27 -6.38
CA GLY A 4 -3.63 -19.59 -6.90
C GLY A 4 -3.78 -19.74 -8.39
N SER A 5 -4.92 -19.30 -8.92
CA SER A 5 -5.18 -19.40 -10.36
C SER A 5 -4.18 -18.57 -11.15
N SER A 6 -3.48 -19.22 -12.08
CA SER A 6 -2.50 -18.54 -12.91
C SER A 6 -3.11 -18.09 -14.23
N GLY A 7 -2.90 -16.81 -14.57
CA GLY A 7 -3.44 -16.28 -15.80
C GLY A 7 -4.51 -15.23 -15.56
N PRO A 8 -5.19 -14.81 -16.64
CA PRO A 8 -6.25 -13.80 -16.57
C PRO A 8 -7.51 -14.33 -15.88
N ILE A 9 -7.76 -13.85 -14.66
CA ILE A 9 -8.92 -14.27 -13.90
C ILE A 9 -10.21 -13.80 -14.56
N LYS A 10 -11.14 -14.73 -14.75
CA LYS A 10 -12.42 -14.43 -15.38
C LYS A 10 -13.31 -13.64 -14.42
N VAL A 11 -13.20 -12.31 -14.47
CA VAL A 11 -13.99 -11.45 -13.61
C VAL A 11 -14.82 -10.47 -14.43
N ASP A 12 -15.93 -10.01 -13.86
CA ASP A 12 -16.81 -9.08 -14.54
C ASP A 12 -17.17 -7.90 -13.63
N GLY A 13 -16.42 -6.81 -13.74
CA GLY A 13 -16.68 -5.65 -12.92
C GLY A 13 -15.60 -5.43 -11.88
N ALA A 14 -14.55 -4.70 -12.26
CA ALA A 14 -13.45 -4.41 -11.34
C ALA A 14 -12.84 -3.05 -11.63
N ASN A 15 -12.68 -2.25 -10.59
CA ASN A 15 -12.11 -0.91 -10.73
C ASN A 15 -10.61 -0.94 -10.44
N ILE A 16 -10.25 -1.36 -9.23
CA ILE A 16 -8.85 -1.42 -8.82
C ILE A 16 -8.34 -2.86 -8.88
N ASN A 17 -7.25 -3.06 -9.62
CA ASN A 17 -6.65 -4.38 -9.75
C ASN A 17 -5.52 -4.58 -8.74
N ILE A 18 -5.83 -5.29 -7.66
CA ILE A 18 -4.84 -5.55 -6.62
C ILE A 18 -3.95 -6.73 -6.99
N THR A 19 -2.65 -6.59 -6.73
CA THR A 19 -1.70 -7.65 -7.03
C THR A 19 -0.72 -7.86 -5.88
N ALA A 20 -0.17 -9.06 -5.79
CA ALA A 20 0.78 -9.39 -4.73
C ALA A 20 1.80 -8.29 -4.54
N ALA A 21 2.23 -7.67 -5.64
CA ALA A 21 3.20 -6.59 -5.60
C ALA A 21 2.87 -5.61 -4.48
N ILE A 22 1.58 -5.38 -4.26
CA ILE A 22 1.13 -4.46 -3.22
C ILE A 22 1.99 -4.59 -1.97
N TYR A 23 2.37 -5.82 -1.64
CA TYR A 23 3.18 -6.09 -0.46
C TYR A 23 4.55 -5.44 -0.59
N ASP A 24 5.21 -5.68 -1.73
CA ASP A 24 6.53 -5.11 -1.98
C ASP A 24 6.49 -3.59 -1.90
N GLU A 25 5.52 -2.98 -2.57
CA GLU A 25 5.38 -1.53 -2.58
C GLU A 25 5.34 -0.99 -1.15
N ILE A 26 4.67 -1.72 -0.26
CA ILE A 26 4.55 -1.32 1.14
C ILE A 26 5.91 -1.29 1.82
N GLN A 27 6.74 -2.29 1.51
CA GLN A 27 8.07 -2.39 2.10
C GLN A 27 8.92 -1.18 1.72
N GLN A 28 9.04 -0.95 0.41
CA GLN A 28 9.84 0.17 -0.09
C GLN A 28 9.21 1.50 0.32
N GLU A 29 7.92 1.64 0.08
CA GLU A 29 7.21 2.87 0.41
C GLU A 29 7.57 3.33 1.83
N MET A 30 7.73 2.37 2.74
CA MET A 30 8.07 2.67 4.12
C MET A 30 9.47 3.30 4.21
N LYS A 31 10.47 2.57 3.71
CA LYS A 31 11.84 3.06 3.74
C LYS A 31 11.97 4.38 2.98
N ARG A 32 11.03 4.63 2.08
CA ARG A 32 11.03 5.87 1.30
C ARG A 32 10.40 7.01 2.09
N ALA A 33 9.32 6.71 2.80
CA ALA A 33 8.63 7.71 3.59
C ALA A 33 9.21 7.81 5.00
N LYS A 34 10.07 6.85 5.34
CA LYS A 34 10.70 6.82 6.65
C LYS A 34 9.68 6.53 7.74
N VAL A 35 8.83 5.53 7.51
CA VAL A 35 7.80 5.16 8.48
C VAL A 35 7.95 3.71 8.89
N SER A 36 7.11 3.29 9.83
CA SER A 36 7.13 1.91 10.32
C SER A 36 5.88 1.15 9.89
N GLN A 37 6.00 -0.16 9.80
CA GLN A 37 4.87 -1.00 9.39
C GLN A 37 3.60 -0.63 10.16
N ALA A 38 3.79 -0.18 11.39
CA ALA A 38 2.66 0.22 12.23
C ALA A 38 2.02 1.51 11.72
N LEU A 39 2.86 2.44 11.30
CA LEU A 39 2.38 3.72 10.78
C LEU A 39 1.74 3.55 9.40
N PHE A 40 2.54 3.12 8.43
CA PHE A 40 2.06 2.92 7.08
C PHE A 40 0.70 2.22 7.08
N ALA A 41 0.53 1.27 8.00
CA ALA A 41 -0.72 0.52 8.12
C ALA A 41 -1.77 1.33 8.88
N LYS A 42 -1.31 2.25 9.73
CA LYS A 42 -2.20 3.08 10.52
C LYS A 42 -2.70 4.26 9.70
N VAL A 43 -1.91 4.68 8.72
CA VAL A 43 -2.27 5.80 7.86
C VAL A 43 -2.79 5.31 6.50
N ALA A 44 -2.59 4.03 6.24
CA ALA A 44 -3.05 3.43 4.99
C ALA A 44 -4.33 2.63 5.18
N ALA A 45 -4.27 1.63 6.06
CA ALA A 45 -5.44 0.79 6.34
C ALA A 45 -5.99 1.08 7.73
N ASN A 46 -5.28 1.91 8.49
CA ASN A 46 -5.70 2.25 9.84
C ASN A 46 -5.72 1.02 10.74
N LYS A 47 -4.86 0.05 10.42
CA LYS A 47 -4.77 -1.18 11.20
C LYS A 47 -3.55 -1.16 12.11
N SER A 48 -3.36 -2.25 12.85
CA SER A 48 -2.23 -2.35 13.77
C SER A 48 -1.05 -3.06 13.10
N GLN A 49 0.15 -2.67 13.49
CA GLN A 49 1.36 -3.27 12.93
C GLN A 49 1.17 -4.76 12.69
N GLY A 50 0.79 -5.48 13.74
CA GLY A 50 0.58 -6.91 13.62
C GLY A 50 -0.15 -7.29 12.36
N TRP A 51 -1.14 -6.49 11.98
CA TRP A 51 -1.91 -6.75 10.77
C TRP A 51 -1.08 -6.49 9.52
N LEU A 52 -0.19 -5.52 9.60
CA LEU A 52 0.68 -5.17 8.48
C LEU A 52 1.85 -6.14 8.37
N CYS A 53 2.65 -6.21 9.43
CA CYS A 53 3.81 -7.10 9.45
C CYS A 53 3.47 -8.45 8.83
N GLU A 54 2.35 -9.03 9.26
CA GLU A 54 1.91 -10.33 8.74
C GLU A 54 1.80 -10.29 7.22
N LEU A 55 1.04 -9.33 6.71
CA LEU A 55 0.85 -9.19 5.27
C LEU A 55 2.17 -9.36 4.52
N LEU A 56 3.24 -8.81 5.08
CA LEU A 56 4.56 -8.91 4.47
C LEU A 56 5.19 -10.26 4.76
N ARG A 57 4.75 -10.91 5.84
CA ARG A 57 5.27 -12.21 6.22
C ARG A 57 4.65 -13.32 5.36
N TRP A 58 3.32 -13.41 5.39
CA TRP A 58 2.60 -14.41 4.62
C TRP A 58 2.52 -14.02 3.16
N LYS A 59 2.23 -12.75 2.90
CA LYS A 59 2.11 -12.23 1.54
C LYS A 59 1.09 -13.03 0.74
N GLU A 60 -0.01 -13.40 1.40
CA GLU A 60 -1.06 -14.17 0.74
C GLU A 60 -1.45 -13.54 -0.60
N ASN A 61 -1.82 -14.39 -1.56
CA ASN A 61 -2.20 -13.92 -2.88
C ASN A 61 -3.52 -13.14 -2.82
N PRO A 62 -3.46 -11.85 -3.18
CA PRO A 62 -4.64 -10.97 -3.18
C PRO A 62 -5.64 -11.34 -4.27
N SER A 63 -6.92 -11.24 -3.95
CA SER A 63 -7.97 -11.56 -4.91
C SER A 63 -9.28 -10.90 -4.51
N PRO A 64 -10.17 -10.71 -5.51
CA PRO A 64 -11.48 -10.08 -5.29
C PRO A 64 -12.42 -10.97 -4.47
N GLU A 65 -11.94 -12.16 -4.11
CA GLU A 65 -12.74 -13.10 -3.34
C GLU A 65 -12.60 -12.83 -1.85
N ASN A 66 -11.38 -12.55 -1.41
CA ASN A 66 -11.12 -12.28 0.00
C ASN A 66 -11.53 -10.85 0.36
N ARG A 67 -12.60 -10.73 1.14
CA ARG A 67 -13.09 -9.43 1.56
C ARG A 67 -12.14 -8.78 2.56
N THR A 68 -12.04 -9.37 3.74
CA THR A 68 -11.16 -8.85 4.78
C THR A 68 -9.80 -8.46 4.22
N LEU A 69 -9.37 -9.18 3.19
CA LEU A 69 -8.08 -8.91 2.56
C LEU A 69 -8.22 -7.88 1.45
N TRP A 70 -8.92 -8.26 0.38
CA TRP A 70 -9.13 -7.36 -0.75
C TRP A 70 -9.51 -5.97 -0.27
N GLU A 71 -10.48 -5.90 0.64
CA GLU A 71 -10.95 -4.63 1.18
C GLU A 71 -9.76 -3.77 1.64
N ASN A 72 -9.10 -4.22 2.70
CA ASN A 72 -7.96 -3.50 3.25
C ASN A 72 -6.93 -3.20 2.16
N LEU A 73 -6.52 -4.25 1.45
CA LEU A 73 -5.54 -4.09 0.37
C LEU A 73 -6.02 -3.08 -0.66
N CYS A 74 -7.32 -2.83 -0.68
CA CYS A 74 -7.90 -1.88 -1.62
C CYS A 74 -7.54 -0.45 -1.24
N THR A 75 -7.78 -0.10 0.02
CA THR A 75 -7.48 1.24 0.51
C THR A 75 -5.98 1.52 0.48
N ILE A 76 -5.19 0.53 0.86
CA ILE A 76 -3.73 0.67 0.87
C ILE A 76 -3.20 0.87 -0.55
N ARG A 77 -3.88 0.27 -1.53
CA ARG A 77 -3.47 0.38 -2.92
C ARG A 77 -3.64 1.82 -3.42
N ARG A 78 -4.71 2.46 -2.99
CA ARG A 78 -4.97 3.84 -3.40
C ARG A 78 -3.98 4.80 -2.77
N PHE A 79 -3.55 4.49 -1.54
CA PHE A 79 -2.59 5.33 -0.83
C PHE A 79 -1.29 5.46 -1.62
N LEU A 80 -0.76 4.32 -2.06
CA LEU A 80 0.49 4.30 -2.83
C LEU A 80 0.34 5.10 -4.12
N ASN A 81 -0.87 5.08 -4.68
CA ASN A 81 -1.14 5.80 -5.91
C ASN A 81 -0.92 7.30 -5.74
N LEU A 82 -0.86 7.74 -4.49
CA LEU A 82 -0.65 9.15 -4.18
C LEU A 82 0.80 9.56 -4.48
N PRO A 83 1.00 10.85 -4.76
CA PRO A 83 2.33 11.40 -5.06
C PRO A 83 3.22 11.43 -3.83
N GLN A 84 4.52 11.24 -4.05
CA GLN A 84 5.49 11.25 -2.96
C GLN A 84 5.25 12.44 -2.02
N HIS A 85 5.01 13.60 -2.60
CA HIS A 85 4.74 14.80 -1.82
C HIS A 85 3.53 14.62 -0.91
N GLU A 86 2.59 13.79 -1.36
CA GLU A 86 1.38 13.53 -0.59
C GLU A 86 1.66 12.54 0.54
N ARG A 87 1.97 11.31 0.19
CA ARG A 87 2.25 10.27 1.18
C ARG A 87 3.11 10.83 2.31
N ASP A 88 4.16 11.55 1.95
CA ASP A 88 5.06 12.14 2.94
C ASP A 88 4.29 13.02 3.92
N VAL A 89 3.37 13.83 3.40
CA VAL A 89 2.56 14.71 4.22
C VAL A 89 1.75 13.92 5.25
N ILE A 90 1.09 12.86 4.78
CA ILE A 90 0.29 12.02 5.65
C ILE A 90 1.10 11.52 6.84
N TYR A 91 2.27 10.96 6.56
CA TYR A 91 3.14 10.43 7.59
C TYR A 91 3.59 11.54 8.54
N GLU A 92 3.98 12.67 7.98
CA GLU A 92 4.43 13.81 8.76
C GLU A 92 3.34 14.26 9.73
N GLU A 93 2.16 14.56 9.21
CA GLU A 93 1.05 15.00 10.03
C GLU A 93 0.71 13.96 11.09
N GLU A 94 0.72 12.69 10.69
CA GLU A 94 0.40 11.61 11.60
C GLU A 94 1.42 11.55 12.73
N SER A 95 2.65 11.13 12.41
CA SER A 95 3.71 11.03 13.40
C SER A 95 4.89 11.93 13.03
N SER A 96 5.15 12.92 13.87
CA SER A 96 6.24 13.85 13.64
C SER A 96 7.58 13.13 13.62
N GLY A 97 8.62 13.83 13.18
CA GLY A 97 9.94 13.24 13.12
C GLY A 97 11.03 14.20 13.58
N PRO A 98 12.30 13.80 13.39
CA PRO A 98 13.44 14.62 13.78
C PRO A 98 13.60 15.86 12.92
N SER A 99 13.39 17.03 13.51
CA SER A 99 13.50 18.28 12.79
C SER A 99 14.75 19.05 13.23
N SER A 100 14.98 19.09 14.54
CA SER A 100 16.15 19.79 15.08
C SER A 100 17.35 18.85 15.20
N GLY A 101 18.46 19.26 14.62
CA GLY A 101 19.67 18.45 14.67
C GLY A 101 20.55 18.65 13.45
N GLY A 1 6.63 4.58 -12.65
CA GLY A 1 7.67 4.61 -11.64
C GLY A 1 7.83 3.28 -10.93
N SER A 2 6.80 2.87 -10.21
CA SER A 2 6.84 1.60 -9.48
C SER A 2 7.61 0.55 -10.25
N SER A 3 7.36 0.48 -11.56
CA SER A 3 8.02 -0.49 -12.41
C SER A 3 8.32 0.11 -13.78
N GLY A 4 9.00 -0.67 -14.63
CA GLY A 4 9.33 -0.20 -15.96
C GLY A 4 9.44 -1.32 -16.96
N SER A 5 8.41 -1.50 -17.78
CA SER A 5 8.39 -2.55 -18.79
C SER A 5 7.68 -2.08 -20.05
N SER A 6 7.70 -2.92 -21.08
CA SER A 6 7.07 -2.60 -22.36
C SER A 6 5.59 -2.98 -22.35
N GLY A 7 4.76 -2.11 -22.90
CA GLY A 7 3.34 -2.38 -22.95
C GLY A 7 2.66 -2.14 -21.61
N PRO A 8 1.45 -1.56 -21.65
CA PRO A 8 0.68 -1.27 -20.44
C PRO A 8 0.16 -2.53 -19.76
N ILE A 9 -0.31 -2.39 -18.53
CA ILE A 9 -0.84 -3.53 -17.78
C ILE A 9 -2.24 -3.89 -18.24
N LYS A 10 -2.52 -5.19 -18.31
CA LYS A 10 -3.83 -5.67 -18.75
C LYS A 10 -4.95 -4.89 -18.06
N VAL A 11 -5.81 -4.28 -18.86
CA VAL A 11 -6.92 -3.50 -18.33
C VAL A 11 -8.25 -4.22 -18.55
N ASP A 12 -9.14 -4.14 -17.56
CA ASP A 12 -10.45 -4.78 -17.65
C ASP A 12 -11.32 -4.37 -16.47
N GLY A 13 -12.50 -3.83 -16.77
CA GLY A 13 -13.42 -3.42 -15.73
C GLY A 13 -12.91 -2.21 -14.97
N ALA A 14 -13.72 -1.16 -14.90
CA ALA A 14 -13.35 0.05 -14.20
C ALA A 14 -13.25 -0.19 -12.70
N ASN A 15 -12.11 -0.72 -12.26
CA ASN A 15 -11.89 -1.01 -10.84
C ASN A 15 -10.41 -1.13 -10.55
N ILE A 16 -10.07 -1.18 -9.26
CA ILE A 16 -8.68 -1.30 -8.83
C ILE A 16 -8.21 -2.75 -8.89
N ASN A 17 -7.06 -2.97 -9.51
CA ASN A 17 -6.49 -4.30 -9.63
C ASN A 17 -5.41 -4.54 -8.60
N ILE A 18 -5.74 -5.31 -7.56
CA ILE A 18 -4.79 -5.61 -6.49
C ILE A 18 -3.91 -6.79 -6.87
N THR A 19 -2.61 -6.65 -6.62
CA THR A 19 -1.66 -7.71 -6.94
C THR A 19 -0.66 -7.91 -5.79
N ALA A 20 -0.10 -9.11 -5.70
CA ALA A 20 0.86 -9.44 -4.65
C ALA A 20 1.88 -8.32 -4.49
N ALA A 21 2.26 -7.70 -5.60
CA ALA A 21 3.23 -6.62 -5.59
C ALA A 21 2.90 -5.61 -4.49
N ILE A 22 1.62 -5.35 -4.29
CA ILE A 22 1.17 -4.41 -3.28
C ILE A 22 1.99 -4.54 -2.00
N TYR A 23 2.35 -5.77 -1.67
CA TYR A 23 3.14 -6.03 -0.46
C TYR A 23 4.51 -5.38 -0.56
N ASP A 24 5.18 -5.59 -1.70
CA ASP A 24 6.50 -5.02 -1.93
C ASP A 24 6.47 -3.50 -1.82
N GLU A 25 5.54 -2.89 -2.55
CA GLU A 25 5.40 -1.44 -2.55
C GLU A 25 5.34 -0.90 -1.12
N ILE A 26 4.64 -1.63 -0.25
CA ILE A 26 4.51 -1.23 1.14
C ILE A 26 5.85 -1.26 1.85
N GLN A 27 6.63 -2.30 1.60
CA GLN A 27 7.95 -2.44 2.22
C GLN A 27 8.85 -1.28 1.85
N GLN A 28 8.84 -0.90 0.57
CA GLN A 28 9.65 0.20 0.09
C GLN A 28 9.12 1.54 0.59
N GLU A 29 7.81 1.76 0.40
CA GLU A 29 7.18 3.00 0.83
C GLU A 29 7.64 3.39 2.24
N MET A 30 7.83 2.38 3.08
CA MET A 30 8.26 2.62 4.46
C MET A 30 9.65 3.25 4.49
N LYS A 31 10.60 2.60 3.83
CA LYS A 31 11.98 3.09 3.77
C LYS A 31 12.06 4.40 2.98
N ARG A 32 11.11 4.60 2.07
CA ARG A 32 11.07 5.79 1.24
C ARG A 32 10.45 6.96 2.01
N ALA A 33 9.43 6.66 2.82
CA ALA A 33 8.76 7.68 3.61
C ALA A 33 9.37 7.79 5.00
N LYS A 34 10.21 6.82 5.35
CA LYS A 34 10.86 6.82 6.66
C LYS A 34 9.86 6.51 7.77
N VAL A 35 9.01 5.52 7.53
CA VAL A 35 7.99 5.13 8.51
C VAL A 35 8.08 3.63 8.82
N SER A 36 7.34 3.20 9.84
CA SER A 36 7.33 1.80 10.24
C SER A 36 6.05 1.11 9.77
N GLN A 37 6.10 -0.22 9.73
CA GLN A 37 4.93 -1.00 9.30
C GLN A 37 3.68 -0.55 10.04
N ALA A 38 3.84 -0.14 11.29
CA ALA A 38 2.71 0.31 12.09
C ALA A 38 2.14 1.62 11.56
N LEU A 39 3.02 2.59 11.32
CA LEU A 39 2.60 3.88 10.81
C LEU A 39 1.91 3.74 9.46
N PHE A 40 2.67 3.28 8.46
CA PHE A 40 2.13 3.09 7.12
C PHE A 40 0.78 2.38 7.17
N ALA A 41 0.67 1.40 8.05
CA ALA A 41 -0.57 0.64 8.19
C ALA A 41 -1.60 1.43 8.99
N LYS A 42 -1.13 2.40 9.77
CA LYS A 42 -2.01 3.22 10.59
C LYS A 42 -2.61 4.36 9.76
N VAL A 43 -1.88 4.77 8.72
CA VAL A 43 -2.34 5.85 7.85
C VAL A 43 -2.92 5.30 6.55
N ALA A 44 -2.61 4.05 6.25
CA ALA A 44 -3.10 3.40 5.04
C ALA A 44 -4.41 2.68 5.31
N ALA A 45 -4.36 1.65 6.14
CA ALA A 45 -5.55 0.87 6.48
C ALA A 45 -6.03 1.19 7.89
N ASN A 46 -5.23 1.94 8.63
CA ASN A 46 -5.58 2.31 10.00
C ASN A 46 -5.59 1.10 10.91
N LYS A 47 -4.84 0.07 10.52
CA LYS A 47 -4.77 -1.16 11.31
C LYS A 47 -3.53 -1.16 12.20
N SER A 48 -3.35 -2.24 12.97
CA SER A 48 -2.21 -2.37 13.86
C SER A 48 -1.03 -3.03 13.15
N GLN A 49 0.18 -2.61 13.51
CA GLN A 49 1.39 -3.16 12.90
C GLN A 49 1.23 -4.65 12.64
N GLY A 50 0.90 -5.40 13.68
CA GLY A 50 0.73 -6.83 13.55
C GLY A 50 -0.04 -7.21 12.29
N TRP A 51 -1.05 -6.43 11.97
CA TRP A 51 -1.88 -6.68 10.79
C TRP A 51 -1.08 -6.43 9.52
N LEU A 52 -0.17 -5.45 9.57
CA LEU A 52 0.65 -5.11 8.41
C LEU A 52 1.84 -6.07 8.30
N CYS A 53 2.65 -6.14 9.34
CA CYS A 53 3.81 -7.01 9.36
C CYS A 53 3.49 -8.36 8.74
N GLU A 54 2.42 -8.98 9.22
CA GLU A 54 1.99 -10.28 8.71
C GLU A 54 1.88 -10.27 7.19
N LEU A 55 1.08 -9.34 6.68
CA LEU A 55 0.89 -9.21 5.24
C LEU A 55 2.21 -9.39 4.48
N LEU A 56 3.25 -8.75 5.00
CA LEU A 56 4.57 -8.82 4.38
C LEU A 56 5.23 -10.17 4.68
N ARG A 57 4.84 -10.79 5.79
CA ARG A 57 5.39 -12.07 6.18
C ARG A 57 4.79 -13.21 5.35
N TRP A 58 3.47 -13.34 5.40
CA TRP A 58 2.78 -14.37 4.64
C TRP A 58 2.66 -13.99 3.17
N LYS A 59 2.25 -12.75 2.92
CA LYS A 59 2.09 -12.24 1.56
C LYS A 59 1.11 -13.13 0.77
N GLU A 60 -0.03 -13.41 1.38
CA GLU A 60 -1.04 -14.25 0.73
C GLU A 60 -1.34 -13.73 -0.67
N ASN A 61 -2.14 -14.49 -1.41
CA ASN A 61 -2.51 -14.12 -2.78
C ASN A 61 -3.78 -13.25 -2.78
N PRO A 62 -3.63 -11.98 -3.16
CA PRO A 62 -4.74 -11.03 -3.21
C PRO A 62 -5.71 -11.35 -4.35
N SER A 63 -7.00 -11.16 -4.08
CA SER A 63 -8.04 -11.43 -5.08
C SER A 63 -9.36 -10.80 -4.67
N PRO A 64 -10.24 -10.59 -5.66
CA PRO A 64 -11.55 -9.98 -5.44
C PRO A 64 -12.49 -10.91 -4.67
N GLU A 65 -11.99 -12.09 -4.31
CA GLU A 65 -12.79 -13.06 -3.57
C GLU A 65 -12.65 -12.85 -2.07
N ASN A 66 -11.44 -12.50 -1.63
CA ASN A 66 -11.18 -12.27 -0.22
C ASN A 66 -11.57 -10.85 0.18
N ARG A 67 -12.66 -10.74 0.96
CA ARG A 67 -13.14 -9.44 1.40
C ARG A 67 -12.19 -8.85 2.44
N THR A 68 -12.08 -9.49 3.58
CA THR A 68 -11.21 -9.02 4.65
C THR A 68 -9.85 -8.60 4.11
N LEU A 69 -9.39 -9.30 3.08
CA LEU A 69 -8.10 -9.00 2.46
C LEU A 69 -8.25 -7.94 1.38
N TRP A 70 -8.93 -8.31 0.29
CA TRP A 70 -9.14 -7.38 -0.81
C TRP A 70 -9.55 -6.01 -0.30
N GLU A 71 -10.54 -5.97 0.58
CA GLU A 71 -11.02 -4.71 1.15
C GLU A 71 -9.84 -3.86 1.66
N ASN A 72 -9.19 -4.35 2.71
CA ASN A 72 -8.06 -3.63 3.29
C ASN A 72 -7.03 -3.29 2.22
N LEU A 73 -6.60 -4.30 1.48
CA LEU A 73 -5.61 -4.11 0.41
C LEU A 73 -6.08 -3.05 -0.58
N CYS A 74 -7.39 -2.85 -0.65
CA CYS A 74 -7.97 -1.87 -1.56
C CYS A 74 -7.67 -0.45 -1.09
N THR A 75 -7.84 -0.20 0.20
CA THR A 75 -7.59 1.11 0.78
C THR A 75 -6.10 1.43 0.78
N ILE A 76 -5.28 0.42 0.98
CA ILE A 76 -3.83 0.60 0.99
C ILE A 76 -3.29 0.82 -0.40
N ARG A 77 -3.99 0.29 -1.40
CA ARG A 77 -3.58 0.43 -2.79
C ARG A 77 -3.77 1.87 -3.27
N ARG A 78 -4.85 2.50 -2.82
CA ARG A 78 -5.14 3.87 -3.20
C ARG A 78 -4.13 4.84 -2.59
N PHE A 79 -3.59 4.46 -1.44
CA PHE A 79 -2.60 5.29 -0.75
C PHE A 79 -1.32 5.42 -1.57
N LEU A 80 -0.77 4.28 -1.98
CA LEU A 80 0.45 4.27 -2.77
C LEU A 80 0.28 5.04 -4.06
N ASN A 81 -0.96 5.06 -4.57
CA ASN A 81 -1.26 5.77 -5.81
C ASN A 81 -1.00 7.27 -5.65
N LEU A 82 -0.88 7.71 -4.41
CA LEU A 82 -0.62 9.12 -4.12
C LEU A 82 0.82 9.49 -4.43
N PRO A 83 1.03 10.78 -4.75
CA PRO A 83 2.38 11.29 -5.08
C PRO A 83 3.29 11.33 -3.86
N GLN A 84 4.58 11.11 -4.08
CA GLN A 84 5.56 11.12 -3.01
C GLN A 84 5.33 12.32 -2.09
N HIS A 85 5.11 13.48 -2.68
CA HIS A 85 4.88 14.70 -1.90
C HIS A 85 3.66 14.55 -0.99
N GLU A 86 2.70 13.75 -1.43
CA GLU A 86 1.48 13.52 -0.66
C GLU A 86 1.76 12.56 0.50
N ARG A 87 2.06 11.31 0.18
CA ARG A 87 2.33 10.30 1.20
C ARG A 87 3.21 10.88 2.31
N ASP A 88 4.24 11.61 1.92
CA ASP A 88 5.16 12.23 2.88
C ASP A 88 4.40 13.14 3.84
N VAL A 89 3.39 13.82 3.32
CA VAL A 89 2.59 14.74 4.14
C VAL A 89 1.75 13.97 5.16
N ILE A 90 1.06 12.93 4.69
CA ILE A 90 0.22 12.11 5.57
C ILE A 90 1.04 11.54 6.72
N TYR A 91 2.17 10.93 6.39
CA TYR A 91 3.03 10.34 7.42
C TYR A 91 3.51 11.40 8.41
N GLU A 92 3.95 12.54 7.89
CA GLU A 92 4.43 13.63 8.73
C GLU A 92 3.33 14.10 9.68
N GLU A 93 2.19 14.46 9.11
CA GLU A 93 1.07 14.94 9.90
C GLU A 93 0.67 13.92 10.97
N GLU A 94 0.66 12.65 10.58
CA GLU A 94 0.30 11.58 11.51
C GLU A 94 1.40 11.37 12.54
N SER A 95 2.53 10.84 12.10
CA SER A 95 3.66 10.59 12.98
C SER A 95 4.75 11.64 12.80
N SER A 96 4.64 12.73 13.55
CA SER A 96 5.61 13.82 13.47
C SER A 96 6.97 13.37 13.98
N GLY A 97 8.03 13.96 13.43
CA GLY A 97 9.38 13.59 13.84
C GLY A 97 9.83 12.27 13.27
N PRO A 98 11.14 12.11 13.10
CA PRO A 98 11.73 10.87 12.57
C PRO A 98 11.62 9.71 13.54
N SER A 99 12.22 8.58 13.18
CA SER A 99 12.19 7.39 14.02
C SER A 99 13.47 7.28 14.85
N SER A 100 13.40 6.50 15.93
CA SER A 100 14.54 6.31 16.82
C SER A 100 15.04 4.87 16.75
N GLY A 101 14.12 3.93 16.80
CA GLY A 101 14.48 2.52 16.74
C GLY A 101 14.07 1.87 15.43
N GLY A 1 -15.67 17.99 -47.66
CA GLY A 1 -15.82 16.90 -46.72
C GLY A 1 -15.54 17.32 -45.29
N SER A 2 -16.52 17.15 -44.42
CA SER A 2 -16.38 17.53 -43.02
C SER A 2 -15.38 16.61 -42.31
N SER A 3 -14.80 17.11 -41.23
CA SER A 3 -13.82 16.33 -40.46
C SER A 3 -14.33 16.06 -39.05
N GLY A 4 -15.13 15.00 -38.91
CA GLY A 4 -15.68 14.64 -37.62
C GLY A 4 -15.07 13.38 -37.06
N SER A 5 -14.43 13.48 -35.90
CA SER A 5 -13.80 12.33 -35.26
C SER A 5 -14.82 11.53 -34.46
N SER A 6 -14.77 10.21 -34.62
CA SER A 6 -15.70 9.32 -33.92
C SER A 6 -15.03 7.99 -33.60
N GLY A 7 -15.46 7.36 -32.52
CA GLY A 7 -14.90 6.07 -32.13
C GLY A 7 -15.71 5.39 -31.03
N PRO A 8 -15.44 4.11 -30.81
CA PRO A 8 -16.14 3.31 -29.80
C PRO A 8 -15.77 3.73 -28.38
N ILE A 9 -16.78 4.09 -27.60
CA ILE A 9 -16.56 4.51 -26.22
C ILE A 9 -15.60 3.57 -25.50
N LYS A 10 -14.59 4.15 -24.87
CA LYS A 10 -13.60 3.36 -24.14
C LYS A 10 -13.67 3.65 -22.64
N VAL A 11 -13.97 2.60 -21.86
CA VAL A 11 -14.08 2.74 -20.42
C VAL A 11 -12.88 2.10 -19.72
N ASP A 12 -12.35 2.78 -18.71
CA ASP A 12 -11.21 2.27 -17.96
C ASP A 12 -11.34 2.59 -16.47
N GLY A 13 -10.69 1.80 -15.64
CA GLY A 13 -10.75 2.02 -14.21
C GLY A 13 -12.09 1.65 -13.62
N ALA A 14 -12.46 0.38 -13.72
CA ALA A 14 -13.73 -0.10 -13.19
C ALA A 14 -13.59 -0.57 -11.75
N ASN A 15 -12.53 -1.32 -11.48
CA ASN A 15 -12.27 -1.84 -10.14
C ASN A 15 -10.78 -2.06 -9.91
N ILE A 16 -10.20 -1.27 -9.02
CA ILE A 16 -8.78 -1.38 -8.71
C ILE A 16 -8.31 -2.84 -8.79
N ASN A 17 -7.20 -3.05 -9.50
CA ASN A 17 -6.65 -4.39 -9.65
C ASN A 17 -5.51 -4.62 -8.67
N ILE A 18 -5.80 -5.30 -7.57
CA ILE A 18 -4.79 -5.59 -6.56
C ILE A 18 -3.90 -6.76 -6.98
N THR A 19 -2.67 -6.76 -6.48
CA THR A 19 -1.73 -7.82 -6.81
C THR A 19 -0.71 -8.01 -5.69
N ALA A 20 -0.14 -9.21 -5.61
CA ALA A 20 0.85 -9.52 -4.59
C ALA A 20 1.85 -8.39 -4.43
N ALA A 21 2.20 -7.77 -5.55
CA ALA A 21 3.15 -6.66 -5.54
C ALA A 21 2.84 -5.67 -4.41
N ILE A 22 1.55 -5.44 -4.17
CA ILE A 22 1.13 -4.53 -3.12
C ILE A 22 2.00 -4.68 -1.88
N TYR A 23 2.37 -5.92 -1.56
CA TYR A 23 3.20 -6.19 -0.40
C TYR A 23 4.58 -5.56 -0.54
N ASP A 24 5.20 -5.77 -1.71
CA ASP A 24 6.53 -5.22 -1.97
C ASP A 24 6.50 -3.70 -1.94
N GLU A 25 5.46 -3.12 -2.55
CA GLU A 25 5.31 -1.66 -2.58
C GLU A 25 5.26 -1.09 -1.17
N ILE A 26 4.60 -1.80 -0.28
CA ILE A 26 4.46 -1.36 1.11
C ILE A 26 5.82 -1.33 1.81
N GLN A 27 6.65 -2.32 1.51
CA GLN A 27 7.98 -2.41 2.11
C GLN A 27 8.84 -1.22 1.70
N GLN A 28 8.93 -0.98 0.40
CA GLN A 28 9.72 0.14 -0.13
C GLN A 28 9.12 1.47 0.28
N GLU A 29 7.81 1.63 0.05
CA GLU A 29 7.12 2.86 0.38
C GLU A 29 7.48 3.32 1.80
N MET A 30 7.72 2.35 2.68
CA MET A 30 8.07 2.66 4.06
C MET A 30 9.47 3.27 4.14
N LYS A 31 10.46 2.51 3.68
CA LYS A 31 11.85 2.99 3.70
C LYS A 31 11.99 4.30 2.95
N ARG A 32 11.06 4.55 2.03
CA ARG A 32 11.09 5.77 1.24
C ARG A 32 10.45 6.93 2.01
N ALA A 33 9.34 6.64 2.70
CA ALA A 33 8.65 7.66 3.48
C ALA A 33 9.22 7.76 4.89
N LYS A 34 10.11 6.84 5.23
CA LYS A 34 10.74 6.83 6.54
C LYS A 34 9.70 6.55 7.63
N VAL A 35 8.86 5.55 7.39
CA VAL A 35 7.83 5.18 8.35
C VAL A 35 7.96 3.73 8.79
N SER A 36 7.14 3.31 9.73
CA SER A 36 7.17 1.95 10.24
C SER A 36 5.92 1.18 9.83
N GLN A 37 6.03 -0.14 9.76
CA GLN A 37 4.90 -0.98 9.39
C GLN A 37 3.64 -0.57 10.14
N ALA A 38 3.81 -0.12 11.37
CA ALA A 38 2.69 0.31 12.20
C ALA A 38 2.07 1.59 11.66
N LEU A 39 2.92 2.52 11.24
CA LEU A 39 2.44 3.79 10.69
C LEU A 39 1.80 3.59 9.33
N PHE A 40 2.60 3.14 8.36
CA PHE A 40 2.10 2.91 7.01
C PHE A 40 0.75 2.21 7.03
N ALA A 41 0.59 1.29 7.98
CA ALA A 41 -0.66 0.55 8.11
C ALA A 41 -1.70 1.35 8.89
N LYS A 42 -1.22 2.28 9.72
CA LYS A 42 -2.10 3.11 10.52
C LYS A 42 -2.64 4.29 9.71
N VAL A 43 -1.87 4.69 8.69
CA VAL A 43 -2.27 5.80 7.84
C VAL A 43 -2.80 5.29 6.50
N ALA A 44 -2.58 4.02 6.23
CA ALA A 44 -3.04 3.40 4.99
C ALA A 44 -4.31 2.59 5.21
N ALA A 45 -4.22 1.61 6.10
CA ALA A 45 -5.36 0.75 6.42
C ALA A 45 -5.89 1.03 7.82
N ASN A 46 -5.21 1.92 8.54
CA ASN A 46 -5.61 2.27 9.90
C ASN A 46 -5.65 1.03 10.79
N LYS A 47 -4.80 0.06 10.48
CA LYS A 47 -4.74 -1.18 11.25
C LYS A 47 -3.53 -1.18 12.18
N SER A 48 -3.31 -2.30 12.86
CA SER A 48 -2.19 -2.44 13.78
C SER A 48 -1.01 -3.11 13.10
N GLN A 49 0.20 -2.69 13.46
CA GLN A 49 1.42 -3.26 12.89
C GLN A 49 1.26 -4.75 12.64
N GLY A 50 0.88 -5.49 13.68
CA GLY A 50 0.70 -6.92 13.56
C GLY A 50 -0.05 -7.29 12.28
N TRP A 51 -1.08 -6.53 11.97
CA TRP A 51 -1.89 -6.79 10.78
C TRP A 51 -1.09 -6.50 9.51
N LEU A 52 -0.14 -5.56 9.61
CA LEU A 52 0.69 -5.19 8.47
C LEU A 52 1.87 -6.15 8.32
N CYS A 53 2.69 -6.23 9.36
CA CYS A 53 3.85 -7.11 9.34
C CYS A 53 3.50 -8.47 8.73
N GLU A 54 2.40 -9.05 9.21
CA GLU A 54 1.96 -10.35 8.72
C GLU A 54 1.82 -10.34 7.21
N LEU A 55 1.06 -9.38 6.69
CA LEU A 55 0.84 -9.25 5.26
C LEU A 55 2.16 -9.44 4.49
N LEU A 56 3.23 -8.90 5.03
CA LEU A 56 4.54 -9.01 4.40
C LEU A 56 5.18 -10.37 4.69
N ARG A 57 4.75 -11.00 5.78
CA ARG A 57 5.27 -12.30 6.18
C ARG A 57 4.64 -13.41 5.34
N TRP A 58 3.31 -13.47 5.36
CA TRP A 58 2.58 -14.48 4.61
C TRP A 58 2.48 -14.10 3.13
N LYS A 59 2.23 -12.81 2.88
CA LYS A 59 2.10 -12.32 1.51
C LYS A 59 1.07 -13.12 0.73
N GLU A 60 -0.04 -13.44 1.38
CA GLU A 60 -1.11 -14.20 0.75
C GLU A 60 -1.50 -13.59 -0.58
N ASN A 61 -1.87 -14.44 -1.54
CA ASN A 61 -2.26 -13.99 -2.86
C ASN A 61 -3.57 -13.20 -2.80
N PRO A 62 -3.49 -11.90 -3.15
CA PRO A 62 -4.66 -11.01 -3.15
C PRO A 62 -5.65 -11.35 -4.25
N SER A 63 -6.94 -11.23 -3.94
CA SER A 63 -7.99 -11.53 -4.91
C SER A 63 -9.29 -10.86 -4.51
N PRO A 64 -10.18 -10.65 -5.50
CA PRO A 64 -11.48 -10.01 -5.28
C PRO A 64 -12.43 -10.89 -4.48
N GLU A 65 -11.96 -12.10 -4.12
CA GLU A 65 -12.77 -13.03 -3.35
C GLU A 65 -12.63 -12.79 -1.85
N ASN A 66 -11.41 -12.50 -1.42
CA ASN A 66 -11.14 -12.25 -0.01
C ASN A 66 -11.54 -10.82 0.37
N ARG A 67 -12.58 -10.70 1.16
CA ARG A 67 -13.06 -9.39 1.60
C ARG A 67 -12.09 -8.77 2.60
N THR A 68 -12.02 -9.35 3.79
CA THR A 68 -11.12 -8.85 4.83
C THR A 68 -9.76 -8.47 4.26
N LEU A 69 -9.35 -9.18 3.21
CA LEU A 69 -8.06 -8.92 2.57
C LEU A 69 -8.21 -7.87 1.47
N TRP A 70 -8.92 -8.23 0.41
CA TRP A 70 -9.13 -7.32 -0.71
C TRP A 70 -9.52 -5.93 -0.22
N GLU A 71 -10.50 -5.87 0.68
CA GLU A 71 -10.96 -4.60 1.23
C GLU A 71 -9.78 -3.75 1.69
N ASN A 72 -9.11 -4.20 2.75
CA ASN A 72 -7.97 -3.49 3.30
C ASN A 72 -6.94 -3.19 2.21
N LEU A 73 -6.52 -4.23 1.50
CA LEU A 73 -5.54 -4.09 0.43
C LEU A 73 -6.01 -3.08 -0.61
N CYS A 74 -7.31 -2.83 -0.63
CA CYS A 74 -7.89 -1.87 -1.57
C CYS A 74 -7.50 -0.44 -1.19
N THR A 75 -7.76 -0.07 0.06
CA THR A 75 -7.44 1.27 0.53
C THR A 75 -5.95 1.57 0.41
N ILE A 76 -5.13 0.58 0.81
CA ILE A 76 -3.69 0.73 0.74
C ILE A 76 -3.21 0.94 -0.69
N ARG A 77 -3.91 0.31 -1.63
CA ARG A 77 -3.57 0.42 -3.05
C ARG A 77 -3.73 1.86 -3.53
N ARG A 78 -4.72 2.56 -2.97
CA ARG A 78 -4.98 3.94 -3.36
C ARG A 78 -3.95 4.89 -2.73
N PHE A 79 -3.47 4.52 -1.55
CA PHE A 79 -2.48 5.34 -0.83
C PHE A 79 -1.20 5.45 -1.64
N LEU A 80 -0.70 4.31 -2.12
CA LEU A 80 0.52 4.27 -2.91
C LEU A 80 0.39 5.12 -4.17
N ASN A 81 -0.82 5.17 -4.72
CA ASN A 81 -1.09 5.94 -5.92
C ASN A 81 -0.79 7.42 -5.70
N LEU A 82 -0.86 7.85 -4.44
CA LEU A 82 -0.59 9.23 -4.08
C LEU A 82 0.86 9.60 -4.38
N PRO A 83 1.10 10.88 -4.71
CA PRO A 83 2.44 11.39 -5.02
C PRO A 83 3.32 11.44 -3.78
N GLN A 84 4.62 11.28 -3.98
CA GLN A 84 5.59 11.31 -2.88
C GLN A 84 5.33 12.51 -1.98
N HIS A 85 5.06 13.67 -2.59
CA HIS A 85 4.80 14.89 -1.84
C HIS A 85 3.57 14.73 -0.96
N GLU A 86 2.65 13.87 -1.39
CA GLU A 86 1.42 13.63 -0.63
C GLU A 86 1.66 12.65 0.51
N ARG A 87 1.97 11.40 0.17
CA ARG A 87 2.23 10.37 1.16
C ARG A 87 3.12 10.91 2.27
N ASP A 88 4.17 11.61 1.89
CA ASP A 88 5.11 12.18 2.85
C ASP A 88 4.39 13.10 3.83
N VAL A 89 3.40 13.83 3.33
CA VAL A 89 2.63 14.75 4.17
C VAL A 89 1.82 13.99 5.22
N ILE A 90 1.14 12.94 4.78
CA ILE A 90 0.33 12.13 5.67
C ILE A 90 1.16 11.60 6.84
N TYR A 91 2.27 10.95 6.52
CA TYR A 91 3.16 10.40 7.54
C TYR A 91 3.62 11.47 8.52
N GLU A 92 4.06 12.61 7.97
CA GLU A 92 4.52 13.72 8.79
C GLU A 92 3.42 14.20 9.74
N GLU A 93 2.23 14.43 9.19
CA GLU A 93 1.11 14.89 10.00
C GLU A 93 0.75 13.85 11.06
N GLU A 94 0.69 12.59 10.65
CA GLU A 94 0.36 11.50 11.57
C GLU A 94 1.40 11.39 12.69
N SER A 95 2.61 11.01 12.31
CA SER A 95 3.70 10.87 13.28
C SER A 95 4.61 12.09 13.26
N SER A 96 4.26 13.08 14.07
CA SER A 96 5.04 14.31 14.16
C SER A 96 6.36 14.06 14.89
N GLY A 97 6.28 13.39 16.03
CA GLY A 97 7.47 13.10 16.81
C GLY A 97 8.03 11.72 16.51
N PRO A 98 9.37 11.62 16.52
CA PRO A 98 10.06 10.35 16.26
C PRO A 98 9.86 9.33 17.39
N SER A 99 9.37 8.15 17.03
CA SER A 99 9.13 7.10 18.01
C SER A 99 8.69 5.81 17.33
N SER A 100 9.03 4.68 17.94
CA SER A 100 8.67 3.38 17.38
C SER A 100 7.44 2.81 18.10
N GLY A 101 6.26 3.06 17.52
CA GLY A 101 5.04 2.57 18.11
C GLY A 101 5.03 2.68 19.63
N GLY A 1 13.14 1.59 -28.51
CA GLY A 1 13.39 0.22 -28.11
C GLY A 1 13.27 -0.76 -29.27
N SER A 2 12.87 -1.99 -28.96
CA SER A 2 12.72 -3.02 -29.98
C SER A 2 11.30 -3.58 -29.98
N SER A 3 11.01 -4.45 -30.94
CA SER A 3 9.69 -5.07 -31.06
C SER A 3 9.27 -5.69 -29.73
N GLY A 4 8.50 -4.93 -28.94
CA GLY A 4 8.04 -5.42 -27.66
C GLY A 4 7.65 -4.30 -26.71
N SER A 5 6.35 -4.11 -26.54
CA SER A 5 5.84 -3.06 -25.66
C SER A 5 5.28 -3.65 -24.37
N SER A 6 5.88 -3.27 -23.25
CA SER A 6 5.45 -3.77 -21.94
C SER A 6 5.70 -2.74 -20.85
N GLY A 7 4.81 -2.68 -19.88
CA GLY A 7 4.95 -1.73 -18.79
C GLY A 7 3.81 -1.81 -17.79
N PRO A 8 3.80 -0.89 -16.82
CA PRO A 8 2.77 -0.85 -15.78
C PRO A 8 1.40 -0.42 -16.33
N ILE A 9 0.41 -1.27 -16.14
CA ILE A 9 -0.94 -0.99 -16.63
C ILE A 9 -1.61 0.08 -15.77
N LYS A 10 -2.39 0.94 -16.42
CA LYS A 10 -3.08 2.02 -15.72
C LYS A 10 -4.53 1.63 -15.44
N VAL A 11 -4.85 1.46 -14.16
CA VAL A 11 -6.21 1.10 -13.76
C VAL A 11 -6.89 2.23 -13.01
N ASP A 12 -6.75 3.45 -13.53
CA ASP A 12 -7.35 4.62 -12.91
C ASP A 12 -8.87 4.48 -12.86
N GLY A 13 -9.48 4.35 -14.03
CA GLY A 13 -10.93 4.22 -14.09
C GLY A 13 -11.40 2.81 -13.74
N ALA A 14 -10.94 1.84 -14.51
CA ALA A 14 -11.32 0.44 -14.28
C ALA A 14 -11.20 0.09 -12.80
N ASN A 15 -11.89 -0.98 -12.40
CA ASN A 15 -11.86 -1.42 -11.01
C ASN A 15 -10.43 -1.66 -10.54
N ILE A 16 -10.08 -1.09 -9.40
CA ILE A 16 -8.74 -1.24 -8.85
C ILE A 16 -8.29 -2.70 -8.89
N ASN A 17 -7.18 -2.96 -9.58
CA ASN A 17 -6.65 -4.30 -9.70
C ASN A 17 -5.51 -4.53 -8.71
N ILE A 18 -5.79 -5.27 -7.65
CA ILE A 18 -4.79 -5.55 -6.63
C ILE A 18 -3.86 -6.69 -7.08
N THR A 19 -2.60 -6.62 -6.64
CA THR A 19 -1.62 -7.63 -7.00
C THR A 19 -0.62 -7.85 -5.86
N ALA A 20 -0.04 -9.05 -5.81
CA ALA A 20 0.93 -9.38 -4.78
C ALA A 20 1.94 -8.26 -4.58
N ALA A 21 2.32 -7.62 -5.67
CA ALA A 21 3.29 -6.52 -5.63
C ALA A 21 2.93 -5.54 -4.52
N ILE A 22 1.64 -5.33 -4.30
CA ILE A 22 1.18 -4.42 -3.26
C ILE A 22 2.00 -4.55 -2.00
N TYR A 23 2.39 -5.79 -1.67
CA TYR A 23 3.18 -6.06 -0.48
C TYR A 23 4.56 -5.41 -0.59
N ASP A 24 5.19 -5.57 -1.75
CA ASP A 24 6.51 -5.00 -1.99
C ASP A 24 6.47 -3.47 -1.89
N GLU A 25 5.52 -2.87 -2.59
CA GLU A 25 5.37 -1.42 -2.58
C GLU A 25 5.29 -0.88 -1.16
N ILE A 26 4.63 -1.63 -0.28
CA ILE A 26 4.48 -1.23 1.11
C ILE A 26 5.84 -1.24 1.83
N GLN A 27 6.62 -2.29 1.59
CA GLN A 27 7.94 -2.42 2.21
C GLN A 27 8.82 -1.25 1.84
N GLN A 28 8.93 -0.97 0.54
CA GLN A 28 9.76 0.13 0.06
C GLN A 28 9.18 1.47 0.48
N GLU A 29 7.87 1.66 0.25
CA GLU A 29 7.21 2.90 0.60
C GLU A 29 7.58 3.33 2.01
N MET A 30 7.80 2.35 2.90
CA MET A 30 8.15 2.64 4.28
C MET A 30 9.52 3.32 4.35
N LYS A 31 10.53 2.66 3.80
CA LYS A 31 11.88 3.21 3.81
C LYS A 31 11.95 4.51 3.02
N ARG A 32 10.98 4.71 2.13
CA ARG A 32 10.92 5.92 1.32
C ARG A 32 10.29 7.07 2.10
N ALA A 33 9.22 6.77 2.83
CA ALA A 33 8.53 7.78 3.62
C ALA A 33 9.14 7.89 5.02
N LYS A 34 9.96 6.92 5.38
CA LYS A 34 10.61 6.91 6.69
C LYS A 34 9.60 6.62 7.79
N VAL A 35 8.80 5.58 7.60
CA VAL A 35 7.79 5.20 8.58
C VAL A 35 7.95 3.75 9.00
N SER A 36 7.04 3.27 9.84
CA SER A 36 7.08 1.89 10.33
C SER A 36 5.81 1.15 9.92
N GLN A 37 5.95 -0.17 9.74
CA GLN A 37 4.81 -1.00 9.35
C GLN A 37 3.56 -0.60 10.11
N ALA A 38 3.73 -0.16 11.35
CA ALA A 38 2.62 0.26 12.19
C ALA A 38 1.99 1.54 11.65
N LEU A 39 2.83 2.49 11.25
CA LEU A 39 2.35 3.77 10.72
C LEU A 39 1.70 3.58 9.36
N PHE A 40 2.49 3.14 8.38
CA PHE A 40 1.98 2.91 7.04
C PHE A 40 0.63 2.21 7.07
N ALA A 41 0.47 1.28 8.00
CA ALA A 41 -0.78 0.54 8.15
C ALA A 41 -1.82 1.36 8.92
N LYS A 42 -1.34 2.28 9.75
CA LYS A 42 -2.22 3.11 10.54
C LYS A 42 -2.74 4.29 9.72
N VAL A 43 -1.96 4.70 8.72
CA VAL A 43 -2.33 5.82 7.86
C VAL A 43 -2.89 5.32 6.53
N ALA A 44 -2.68 4.04 6.26
CA ALA A 44 -3.15 3.44 5.02
C ALA A 44 -4.47 2.70 5.24
N ALA A 45 -4.42 1.66 6.06
CA ALA A 45 -5.61 0.86 6.36
C ALA A 45 -6.13 1.15 7.76
N ASN A 46 -5.36 1.93 8.52
CA ASN A 46 -5.74 2.29 9.89
C ASN A 46 -5.76 1.06 10.78
N LYS A 47 -4.91 0.09 10.47
CA LYS A 47 -4.84 -1.15 11.24
C LYS A 47 -3.63 -1.13 12.17
N SER A 48 -3.40 -2.24 12.86
CA SER A 48 -2.28 -2.36 13.78
C SER A 48 -1.09 -3.04 13.11
N GLN A 49 0.12 -2.64 13.50
CA GLN A 49 1.33 -3.21 12.93
C GLN A 49 1.16 -4.70 12.69
N GLY A 50 0.77 -5.43 13.73
CA GLY A 50 0.57 -6.87 13.61
C GLY A 50 -0.15 -7.25 12.33
N TRP A 51 -1.16 -6.46 11.96
CA TRP A 51 -1.93 -6.72 10.75
C TRP A 51 -1.10 -6.47 9.51
N LEU A 52 -0.17 -5.52 9.60
CA LEU A 52 0.69 -5.18 8.47
C LEU A 52 1.87 -6.14 8.38
N CYS A 53 2.66 -6.21 9.45
CA CYS A 53 3.82 -7.09 9.49
C CYS A 53 3.49 -8.45 8.86
N GLU A 54 2.40 -9.05 9.31
CA GLU A 54 1.98 -10.35 8.79
C GLU A 54 1.88 -10.32 7.27
N LEU A 55 1.10 -9.38 6.75
CA LEU A 55 0.92 -9.24 5.31
C LEU A 55 2.25 -9.42 4.57
N LEU A 56 3.30 -8.80 5.11
CA LEU A 56 4.62 -8.89 4.51
C LEU A 56 5.26 -10.25 4.79
N ARG A 57 4.85 -10.87 5.89
CA ARG A 57 5.38 -12.18 6.27
C ARG A 57 4.78 -13.28 5.40
N TRP A 58 3.46 -13.38 5.40
CA TRP A 58 2.76 -14.40 4.63
C TRP A 58 2.64 -13.96 3.16
N LYS A 59 2.24 -12.72 2.95
CA LYS A 59 2.08 -12.18 1.60
C LYS A 59 1.15 -13.05 0.78
N GLU A 60 0.00 -13.41 1.36
CA GLU A 60 -0.98 -14.24 0.68
C GLU A 60 -1.30 -13.67 -0.71
N ASN A 61 -2.02 -14.46 -1.51
CA ASN A 61 -2.38 -14.05 -2.85
C ASN A 61 -3.66 -13.21 -2.83
N PRO A 62 -3.54 -11.93 -3.22
CA PRO A 62 -4.67 -11.00 -3.25
C PRO A 62 -5.66 -11.33 -4.36
N SER A 63 -6.95 -11.17 -4.07
CA SER A 63 -8.00 -11.47 -5.04
C SER A 63 -9.32 -10.82 -4.62
N PRO A 64 -10.22 -10.63 -5.60
CA PRO A 64 -11.53 -10.04 -5.35
C PRO A 64 -12.45 -10.96 -4.56
N GLU A 65 -11.94 -12.14 -4.21
CA GLU A 65 -12.72 -13.11 -3.45
C GLU A 65 -12.56 -12.88 -1.95
N ASN A 66 -11.33 -12.54 -1.54
CA ASN A 66 -11.05 -12.30 -0.13
C ASN A 66 -11.49 -10.90 0.28
N ARG A 67 -12.56 -10.82 1.06
CA ARG A 67 -13.07 -9.54 1.52
C ARG A 67 -12.12 -8.89 2.53
N THR A 68 -12.00 -9.50 3.70
CA THR A 68 -11.12 -9.00 4.74
C THR A 68 -9.77 -8.58 4.17
N LEU A 69 -9.32 -9.30 3.15
CA LEU A 69 -8.04 -9.00 2.51
C LEU A 69 -8.21 -7.94 1.43
N TRP A 70 -8.89 -8.31 0.35
CA TRP A 70 -9.12 -7.40 -0.76
C TRP A 70 -9.53 -6.02 -0.25
N GLU A 71 -10.50 -5.99 0.64
CA GLU A 71 -10.99 -4.73 1.21
C GLU A 71 -9.81 -3.86 1.68
N ASN A 72 -9.12 -4.32 2.71
CA ASN A 72 -7.98 -3.58 3.25
C ASN A 72 -6.96 -3.27 2.15
N LEU A 73 -6.51 -4.32 1.46
CA LEU A 73 -5.54 -4.15 0.38
C LEU A 73 -6.01 -3.11 -0.63
N CYS A 74 -7.32 -2.90 -0.69
CA CYS A 74 -7.90 -1.93 -1.60
C CYS A 74 -7.59 -0.51 -1.16
N THR A 75 -7.83 -0.23 0.12
CA THR A 75 -7.59 1.09 0.67
C THR A 75 -6.09 1.43 0.65
N ILE A 76 -5.27 0.43 0.90
CA ILE A 76 -3.82 0.63 0.89
C ILE A 76 -3.30 0.85 -0.52
N ARG A 77 -3.99 0.28 -1.50
CA ARG A 77 -3.59 0.43 -2.90
C ARG A 77 -3.80 1.86 -3.38
N ARG A 78 -4.88 2.49 -2.92
CA ARG A 78 -5.18 3.86 -3.31
C ARG A 78 -4.18 4.83 -2.70
N PHE A 79 -3.69 4.50 -1.52
CA PHE A 79 -2.71 5.34 -0.83
C PHE A 79 -1.44 5.49 -1.65
N LEU A 80 -0.85 4.35 -2.01
CA LEU A 80 0.39 4.36 -2.79
C LEU A 80 0.22 5.15 -4.07
N ASN A 81 -0.99 5.11 -4.63
CA ASN A 81 -1.28 5.83 -5.87
C ASN A 81 -1.02 7.32 -5.70
N LEU A 82 -0.91 7.76 -4.45
CA LEU A 82 -0.66 9.17 -4.16
C LEU A 82 0.79 9.53 -4.46
N PRO A 83 1.02 10.82 -4.77
CA PRO A 83 2.37 11.32 -5.08
C PRO A 83 3.28 11.35 -3.86
N GLN A 84 4.56 11.13 -4.09
CA GLN A 84 5.54 11.12 -3.00
C GLN A 84 5.33 12.31 -2.07
N HIS A 85 5.10 13.49 -2.66
CA HIS A 85 4.87 14.70 -1.87
C HIS A 85 3.65 14.54 -0.97
N GLU A 86 2.69 13.75 -1.42
CA GLU A 86 1.47 13.52 -0.65
C GLU A 86 1.73 12.55 0.51
N ARG A 87 2.02 11.30 0.17
CA ARG A 87 2.29 10.28 1.18
C ARG A 87 3.18 10.83 2.29
N ASP A 88 4.20 11.59 1.91
CA ASP A 88 5.12 12.19 2.88
C ASP A 88 4.36 13.07 3.86
N VAL A 89 3.41 13.84 3.34
CA VAL A 89 2.62 14.74 4.19
C VAL A 89 1.81 13.96 5.20
N ILE A 90 1.12 12.92 4.75
CA ILE A 90 0.30 12.09 5.62
C ILE A 90 1.12 11.55 6.78
N TYR A 91 2.28 10.98 6.47
CA TYR A 91 3.15 10.41 7.48
C TYR A 91 3.66 11.50 8.42
N GLU A 92 4.12 12.61 7.84
CA GLU A 92 4.64 13.72 8.62
C GLU A 92 3.61 14.22 9.61
N GLU A 93 2.43 14.58 9.10
CA GLU A 93 1.35 15.08 9.95
C GLU A 93 0.96 14.05 11.00
N GLU A 94 0.91 12.78 10.58
CA GLU A 94 0.54 11.69 11.47
C GLU A 94 1.57 11.55 12.60
N SER A 95 2.79 11.16 12.24
CA SER A 95 3.85 10.97 13.22
C SER A 95 4.95 12.02 13.02
N SER A 96 5.57 12.44 14.13
CA SER A 96 6.62 13.43 14.08
C SER A 96 7.83 12.91 13.30
N GLY A 97 8.27 11.71 13.64
CA GLY A 97 9.41 11.12 12.97
C GLY A 97 9.92 9.87 13.67
N PRO A 98 10.61 9.00 12.92
CA PRO A 98 11.16 7.75 13.44
C PRO A 98 12.33 8.00 14.40
N SER A 99 12.40 7.19 15.45
CA SER A 99 13.47 7.32 16.44
C SER A 99 14.54 6.25 16.22
N SER A 100 15.78 6.70 16.04
CA SER A 100 16.90 5.78 15.82
C SER A 100 16.98 4.75 16.94
N GLY A 101 17.28 3.51 16.57
CA GLY A 101 17.38 2.45 17.55
C GLY A 101 18.81 2.04 17.81
N GLY A 1 11.85 8.22 -21.39
CA GLY A 1 10.76 8.20 -20.42
C GLY A 1 11.25 8.00 -19.00
N SER A 2 10.32 7.77 -18.08
CA SER A 2 10.66 7.59 -16.68
C SER A 2 11.65 6.44 -16.51
N SER A 3 12.72 6.70 -15.76
CA SER A 3 13.75 5.69 -15.53
C SER A 3 13.73 5.21 -14.08
N GLY A 4 12.82 4.28 -13.78
CA GLY A 4 12.72 3.75 -12.44
C GLY A 4 11.32 3.27 -12.12
N SER A 5 10.83 2.32 -12.90
CA SER A 5 9.49 1.77 -12.70
C SER A 5 9.26 0.55 -13.59
N SER A 6 8.30 -0.28 -13.21
CA SER A 6 7.99 -1.49 -13.96
C SER A 6 7.27 -1.14 -15.27
N GLY A 7 6.27 -0.27 -15.18
CA GLY A 7 5.54 0.14 -16.35
C GLY A 7 4.57 -0.93 -16.84
N PRO A 8 3.55 -1.22 -16.03
CA PRO A 8 2.55 -2.24 -16.36
C PRO A 8 1.64 -1.82 -17.53
N ILE A 9 0.73 -2.69 -17.90
CA ILE A 9 -0.20 -2.41 -18.99
C ILE A 9 -1.00 -1.14 -18.72
N LYS A 10 -0.92 -0.18 -19.63
CA LYS A 10 -1.65 1.08 -19.49
C LYS A 10 -3.15 0.85 -19.59
N VAL A 11 -3.87 1.16 -18.51
CA VAL A 11 -5.31 1.00 -18.48
C VAL A 11 -5.91 1.60 -17.21
N ASP A 12 -6.88 2.48 -17.39
CA ASP A 12 -7.54 3.13 -16.27
C ASP A 12 -8.69 2.28 -15.74
N GLY A 13 -9.69 2.07 -16.59
CA GLY A 13 -10.84 1.27 -16.19
C GLY A 13 -11.52 1.81 -14.95
N ALA A 14 -12.65 1.22 -14.59
CA ALA A 14 -13.41 1.65 -13.41
C ALA A 14 -13.37 0.60 -12.31
N ASN A 15 -12.18 0.04 -12.07
CA ASN A 15 -12.01 -0.98 -11.05
C ASN A 15 -10.53 -1.17 -10.71
N ILE A 16 -10.21 -1.13 -9.43
CA ILE A 16 -8.84 -1.29 -8.97
C ILE A 16 -8.39 -2.75 -9.08
N ASN A 17 -7.13 -2.95 -9.44
CA ASN A 17 -6.58 -4.30 -9.59
C ASN A 17 -5.47 -4.53 -8.58
N ILE A 18 -5.77 -5.25 -7.51
CA ILE A 18 -4.80 -5.55 -6.48
C ILE A 18 -3.91 -6.72 -6.89
N THR A 19 -2.61 -6.61 -6.61
CA THR A 19 -1.66 -7.66 -6.95
C THR A 19 -0.67 -7.89 -5.81
N ALA A 20 -0.10 -9.09 -5.76
CA ALA A 20 0.87 -9.44 -4.73
C ALA A 20 1.90 -8.33 -4.54
N ALA A 21 2.24 -7.65 -5.64
CA ALA A 21 3.21 -6.58 -5.60
C ALA A 21 2.88 -5.58 -4.50
N ILE A 22 1.59 -5.34 -4.29
CA ILE A 22 1.14 -4.41 -3.26
C ILE A 22 1.99 -4.52 -2.00
N TYR A 23 2.34 -5.76 -1.66
CA TYR A 23 3.16 -6.00 -0.47
C TYR A 23 4.53 -5.35 -0.60
N ASP A 24 5.19 -5.59 -1.73
CA ASP A 24 6.51 -5.02 -1.97
C ASP A 24 6.47 -3.50 -1.86
N GLU A 25 5.52 -2.89 -2.56
CA GLU A 25 5.38 -1.43 -2.54
C GLU A 25 5.29 -0.91 -1.11
N ILE A 26 4.63 -1.68 -0.25
CA ILE A 26 4.47 -1.29 1.15
C ILE A 26 5.82 -1.33 1.88
N GLN A 27 6.61 -2.35 1.59
CA GLN A 27 7.92 -2.50 2.22
C GLN A 27 8.82 -1.31 1.89
N GLN A 28 8.89 -0.97 0.61
CA GLN A 28 9.72 0.15 0.17
C GLN A 28 9.14 1.48 0.63
N GLU A 29 7.85 1.67 0.39
CA GLU A 29 7.18 2.90 0.79
C GLU A 29 7.60 3.33 2.19
N MET A 30 7.76 2.34 3.07
CA MET A 30 8.16 2.61 4.45
C MET A 30 9.54 3.24 4.50
N LYS A 31 10.50 2.60 3.85
CA LYS A 31 11.88 3.11 3.81
C LYS A 31 11.97 4.40 3.02
N ARG A 32 11.03 4.58 2.09
CA ARG A 32 11.01 5.78 1.26
C ARG A 32 10.35 6.94 2.00
N ALA A 33 9.33 6.64 2.80
CA ALA A 33 8.63 7.66 3.56
C ALA A 33 9.23 7.81 4.95
N LYS A 34 10.08 6.86 5.34
CA LYS A 34 10.73 6.90 6.64
C LYS A 34 9.73 6.58 7.75
N VAL A 35 8.92 5.55 7.54
CA VAL A 35 7.91 5.16 8.53
C VAL A 35 7.99 3.67 8.83
N SER A 36 7.26 3.23 9.84
CA SER A 36 7.25 1.83 10.24
C SER A 36 5.96 1.14 9.78
N GLN A 37 5.98 -0.18 9.76
CA GLN A 37 4.81 -0.96 9.34
C GLN A 37 3.57 -0.52 10.09
N ALA A 38 3.76 -0.10 11.34
CA ALA A 38 2.64 0.37 12.16
C ALA A 38 2.05 1.66 11.62
N LEU A 39 2.92 2.61 11.32
CA LEU A 39 2.49 3.92 10.79
C LEU A 39 1.81 3.75 9.44
N PHE A 40 2.58 3.29 8.45
CA PHE A 40 2.05 3.10 7.11
C PHE A 40 0.72 2.38 7.15
N ALA A 41 0.62 1.38 8.03
CA ALA A 41 -0.61 0.61 8.17
C ALA A 41 -1.67 1.38 8.97
N LYS A 42 -1.21 2.35 9.75
CA LYS A 42 -2.11 3.17 10.56
C LYS A 42 -2.68 4.32 9.74
N VAL A 43 -1.96 4.71 8.69
CA VAL A 43 -2.41 5.80 7.82
C VAL A 43 -2.96 5.27 6.51
N ALA A 44 -2.65 4.01 6.21
CA ALA A 44 -3.13 3.37 4.98
C ALA A 44 -4.41 2.59 5.24
N ALA A 45 -4.32 1.59 6.11
CA ALA A 45 -5.48 0.76 6.44
C ALA A 45 -5.97 1.05 7.85
N ASN A 46 -5.27 1.93 8.56
CA ASN A 46 -5.64 2.29 9.92
C ASN A 46 -5.64 1.07 10.83
N LYS A 47 -4.80 0.09 10.49
CA LYS A 47 -4.70 -1.14 11.28
C LYS A 47 -3.45 -1.11 12.16
N SER A 48 -3.25 -2.19 12.92
CA SER A 48 -2.11 -2.30 13.80
C SER A 48 -0.94 -2.99 13.11
N GLN A 49 0.27 -2.57 13.43
CA GLN A 49 1.47 -3.15 12.84
C GLN A 49 1.28 -4.64 12.59
N GLY A 50 0.94 -5.38 13.64
CA GLY A 50 0.74 -6.81 13.52
C GLY A 50 -0.01 -7.18 12.25
N TRP A 51 -1.06 -6.41 11.94
CA TRP A 51 -1.86 -6.67 10.75
C TRP A 51 -1.05 -6.42 9.48
N LEU A 52 -0.13 -5.46 9.56
CA LEU A 52 0.72 -5.13 8.41
C LEU A 52 1.88 -6.11 8.29
N CYS A 53 2.69 -6.19 9.34
CA CYS A 53 3.84 -7.10 9.34
C CYS A 53 3.48 -8.44 8.71
N GLU A 54 2.39 -9.03 9.18
CA GLU A 54 1.94 -10.32 8.67
C GLU A 54 1.81 -10.28 7.14
N LEU A 55 1.06 -9.32 6.64
CA LEU A 55 0.86 -9.17 5.20
C LEU A 55 2.18 -9.34 4.45
N LEU A 56 3.23 -8.72 4.98
CA LEU A 56 4.54 -8.81 4.35
C LEU A 56 5.20 -10.16 4.63
N ARG A 57 4.75 -10.82 5.69
CA ARG A 57 5.29 -12.12 6.07
C ARG A 57 4.67 -13.22 5.22
N TRP A 58 3.35 -13.36 5.30
CA TRP A 58 2.64 -14.39 4.54
C TRP A 58 2.52 -13.99 3.07
N LYS A 59 2.25 -12.71 2.83
CA LYS A 59 2.11 -12.20 1.48
C LYS A 59 1.08 -13.00 0.69
N GLU A 60 -0.02 -13.36 1.35
CA GLU A 60 -1.08 -14.12 0.73
C GLU A 60 -1.47 -13.51 -0.62
N ASN A 61 -1.84 -14.36 -1.56
CA ASN A 61 -2.24 -13.91 -2.89
C ASN A 61 -3.55 -13.12 -2.82
N PRO A 62 -3.48 -11.82 -3.17
CA PRO A 62 -4.65 -10.94 -3.16
C PRO A 62 -5.64 -11.27 -4.26
N SER A 63 -6.92 -11.17 -3.95
CA SER A 63 -7.98 -11.47 -4.92
C SER A 63 -9.29 -10.82 -4.52
N PRO A 64 -10.18 -10.61 -5.50
CA PRO A 64 -11.49 -10.00 -5.28
C PRO A 64 -12.43 -10.89 -4.48
N GLU A 65 -11.94 -12.09 -4.13
CA GLU A 65 -12.74 -13.04 -3.38
C GLU A 65 -12.60 -12.80 -1.87
N ASN A 66 -11.38 -12.54 -1.43
CA ASN A 66 -11.11 -12.30 -0.02
C ASN A 66 -11.50 -10.87 0.36
N ARG A 67 -12.56 -10.75 1.15
CA ARG A 67 -13.05 -9.44 1.60
C ARG A 67 -12.09 -8.82 2.60
N THR A 68 -11.99 -9.43 3.78
CA THR A 68 -11.12 -8.93 4.83
C THR A 68 -9.76 -8.52 4.26
N LEU A 69 -9.33 -9.20 3.21
CA LEU A 69 -8.06 -8.91 2.57
C LEU A 69 -8.22 -7.86 1.49
N TRP A 70 -8.91 -8.23 0.41
CA TRP A 70 -9.15 -7.31 -0.70
C TRP A 70 -9.56 -5.94 -0.20
N GLU A 71 -10.54 -5.90 0.70
CA GLU A 71 -11.02 -4.65 1.26
C GLU A 71 -9.85 -3.77 1.72
N ASN A 72 -9.17 -4.22 2.77
CA ASN A 72 -8.03 -3.48 3.30
C ASN A 72 -7.02 -3.16 2.21
N LEU A 73 -6.58 -4.20 1.49
CA LEU A 73 -5.61 -4.04 0.42
C LEU A 73 -6.10 -3.02 -0.60
N CYS A 74 -7.41 -2.79 -0.63
CA CYS A 74 -8.00 -1.84 -1.55
C CYS A 74 -7.63 -0.40 -1.18
N THR A 75 -7.78 -0.08 0.10
CA THR A 75 -7.47 1.25 0.59
C THR A 75 -5.97 1.53 0.55
N ILE A 76 -5.19 0.50 0.90
CA ILE A 76 -3.73 0.63 0.90
C ILE A 76 -3.20 0.83 -0.52
N ARG A 77 -3.91 0.27 -1.50
CA ARG A 77 -3.50 0.40 -2.89
C ARG A 77 -3.65 1.83 -3.38
N ARG A 78 -4.74 2.48 -2.99
CA ARG A 78 -5.00 3.86 -3.38
C ARG A 78 -3.99 4.81 -2.75
N PHE A 79 -3.54 4.46 -1.54
CA PHE A 79 -2.57 5.28 -0.83
C PHE A 79 -1.26 5.38 -1.61
N LEU A 80 -0.73 4.24 -2.02
CA LEU A 80 0.50 4.19 -2.77
C LEU A 80 0.39 4.97 -4.08
N ASN A 81 -0.82 5.03 -4.61
CA ASN A 81 -1.07 5.76 -5.86
C ASN A 81 -0.83 7.25 -5.67
N LEU A 82 -0.77 7.69 -4.42
CA LEU A 82 -0.54 9.09 -4.11
C LEU A 82 0.91 9.48 -4.40
N PRO A 83 1.12 10.77 -4.71
CA PRO A 83 2.46 11.31 -5.00
C PRO A 83 3.35 11.34 -3.77
N GLN A 84 4.65 11.13 -3.97
CA GLN A 84 5.61 11.14 -2.87
C GLN A 84 5.35 12.33 -1.94
N HIS A 85 5.13 13.49 -2.53
CA HIS A 85 4.86 14.70 -1.76
C HIS A 85 3.64 14.52 -0.87
N GLU A 86 2.69 13.73 -1.34
CA GLU A 86 1.46 13.48 -0.58
C GLU A 86 1.72 12.52 0.58
N ARG A 87 2.03 11.27 0.25
CA ARG A 87 2.30 10.26 1.25
C ARG A 87 3.15 10.83 2.39
N ASP A 88 4.20 11.55 2.02
CA ASP A 88 5.10 12.16 3.00
C ASP A 88 4.32 13.07 3.95
N VAL A 89 3.33 13.77 3.41
CA VAL A 89 2.52 14.69 4.20
C VAL A 89 1.66 13.92 5.20
N ILE A 90 1.00 12.87 4.72
CA ILE A 90 0.14 12.05 5.58
C ILE A 90 0.93 11.45 6.74
N TYR A 91 2.11 10.91 6.44
CA TYR A 91 2.96 10.31 7.45
C TYR A 91 3.44 11.35 8.45
N GLU A 92 3.90 12.48 7.94
CA GLU A 92 4.38 13.56 8.79
C GLU A 92 3.28 14.08 9.71
N GLU A 93 2.15 14.46 9.11
CA GLU A 93 1.02 14.98 9.87
C GLU A 93 0.58 13.98 10.93
N GLU A 94 0.53 12.71 10.56
CA GLU A 94 0.13 11.65 11.49
C GLU A 94 1.21 11.41 12.54
N SER A 95 2.36 10.90 12.11
CA SER A 95 3.46 10.62 13.00
C SER A 95 4.71 11.39 12.59
N SER A 96 4.94 12.53 13.23
CA SER A 96 6.09 13.36 12.93
C SER A 96 7.38 12.73 13.47
N GLY A 97 8.43 12.75 12.65
CA GLY A 97 9.70 12.19 13.06
C GLY A 97 10.85 13.18 12.98
N PRO A 98 11.75 13.12 13.96
CA PRO A 98 12.92 14.02 14.01
C PRO A 98 13.93 13.73 12.91
N SER A 99 14.07 12.45 12.57
CA SER A 99 15.01 12.03 11.53
C SER A 99 15.09 13.09 10.43
N SER A 100 13.94 13.43 9.86
CA SER A 100 13.87 14.42 8.79
C SER A 100 13.27 15.73 9.29
N GLY A 101 13.83 16.84 8.84
CA GLY A 101 13.33 18.14 9.24
C GLY A 101 14.07 19.29 8.56
N GLY A 1 -27.63 -5.17 -46.78
CA GLY A 1 -27.63 -6.52 -46.26
C GLY A 1 -27.38 -6.56 -44.76
N SER A 2 -26.42 -5.77 -44.30
CA SER A 2 -26.08 -5.71 -42.89
C SER A 2 -25.39 -4.39 -42.54
N SER A 3 -26.04 -3.60 -41.70
CA SER A 3 -25.51 -2.30 -41.29
C SER A 3 -24.02 -2.42 -40.96
N GLY A 4 -23.68 -3.41 -40.13
CA GLY A 4 -22.30 -3.61 -39.74
C GLY A 4 -22.13 -3.74 -38.25
N SER A 5 -20.95 -4.20 -37.82
CA SER A 5 -20.66 -4.37 -36.40
C SER A 5 -19.61 -3.37 -35.93
N SER A 6 -19.41 -3.31 -34.62
CA SER A 6 -18.44 -2.40 -34.04
C SER A 6 -17.14 -3.12 -33.68
N GLY A 7 -17.28 -4.32 -33.13
CA GLY A 7 -16.13 -5.10 -32.75
C GLY A 7 -16.11 -5.45 -31.28
N PRO A 8 -14.99 -6.02 -30.80
CA PRO A 8 -14.83 -6.40 -29.40
C PRO A 8 -14.72 -5.20 -28.47
N ILE A 9 -15.76 -4.96 -27.69
CA ILE A 9 -15.78 -3.83 -26.76
C ILE A 9 -14.91 -4.12 -25.54
N LYS A 10 -13.79 -3.41 -25.44
CA LYS A 10 -12.87 -3.58 -24.32
C LYS A 10 -12.87 -2.34 -23.42
N VAL A 11 -14.06 -1.84 -23.09
CA VAL A 11 -14.19 -0.66 -22.25
C VAL A 11 -14.22 -1.05 -20.77
N ASP A 12 -14.45 -2.33 -20.51
CA ASP A 12 -14.51 -2.83 -19.14
C ASP A 12 -13.11 -2.86 -18.52
N GLY A 13 -13.04 -2.64 -17.21
CA GLY A 13 -11.77 -2.65 -16.52
C GLY A 13 -11.52 -1.36 -15.76
N ALA A 14 -12.22 -1.19 -14.65
CA ALA A 14 -12.06 0.01 -13.82
C ALA A 14 -11.77 -0.36 -12.37
N ASN A 15 -12.47 -1.36 -11.86
CA ASN A 15 -12.28 -1.80 -10.48
C ASN A 15 -10.80 -2.01 -10.18
N ILE A 16 -10.28 -1.23 -9.23
CA ILE A 16 -8.88 -1.33 -8.85
C ILE A 16 -8.39 -2.77 -8.93
N ASN A 17 -7.28 -2.96 -9.64
CA ASN A 17 -6.70 -4.29 -9.80
C ASN A 17 -5.57 -4.51 -8.81
N ILE A 18 -5.87 -5.25 -7.74
CA ILE A 18 -4.88 -5.54 -6.71
C ILE A 18 -3.95 -6.68 -7.14
N THR A 19 -2.71 -6.63 -6.68
CA THR A 19 -1.73 -7.65 -7.01
C THR A 19 -0.74 -7.87 -5.88
N ALA A 20 -0.10 -9.03 -5.87
CA ALA A 20 0.88 -9.35 -4.83
C ALA A 20 1.88 -8.23 -4.65
N ALA A 21 2.21 -7.55 -5.75
CA ALA A 21 3.16 -6.44 -5.71
C ALA A 21 2.82 -5.46 -4.60
N ILE A 22 1.53 -5.30 -4.33
CA ILE A 22 1.09 -4.39 -3.29
C ILE A 22 1.91 -4.55 -2.02
N TYR A 23 2.33 -5.78 -1.75
CA TYR A 23 3.14 -6.06 -0.57
C TYR A 23 4.51 -5.41 -0.67
N ASP A 24 5.15 -5.58 -1.82
CA ASP A 24 6.47 -5.00 -2.05
C ASP A 24 6.43 -3.48 -1.92
N GLU A 25 5.46 -2.87 -2.57
CA GLU A 25 5.30 -1.41 -2.53
C GLU A 25 5.26 -0.91 -1.09
N ILE A 26 4.63 -1.70 -0.22
CA ILE A 26 4.51 -1.34 1.18
C ILE A 26 5.87 -1.29 1.86
N GLN A 27 6.69 -2.31 1.60
CA GLN A 27 8.03 -2.39 2.19
C GLN A 27 8.87 -1.18 1.77
N GLN A 28 8.99 -0.98 0.46
CA GLN A 28 9.76 0.14 -0.06
C GLN A 28 9.16 1.47 0.34
N GLU A 29 7.85 1.61 0.12
CA GLU A 29 7.15 2.84 0.47
C GLU A 29 7.52 3.31 1.87
N MET A 30 7.65 2.35 2.79
CA MET A 30 8.01 2.66 4.17
C MET A 30 9.39 3.29 4.25
N LYS A 31 10.40 2.56 3.76
CA LYS A 31 11.77 3.04 3.77
C LYS A 31 11.90 4.37 3.02
N ARG A 32 10.94 4.63 2.14
CA ARG A 32 10.93 5.86 1.35
C ARG A 32 10.32 7.01 2.15
N ALA A 33 9.22 6.72 2.85
CA ALA A 33 8.54 7.73 3.65
C ALA A 33 9.14 7.82 5.04
N LYS A 34 10.02 6.87 5.37
CA LYS A 34 10.67 6.85 6.67
C LYS A 34 9.67 6.56 7.78
N VAL A 35 8.79 5.58 7.54
CA VAL A 35 7.78 5.21 8.52
C VAL A 35 7.93 3.75 8.94
N SER A 36 7.06 3.31 9.84
CA SER A 36 7.10 1.93 10.33
C SER A 36 5.83 1.17 9.93
N GLN A 37 5.94 -0.14 9.85
CA GLN A 37 4.81 -0.98 9.49
C GLN A 37 3.54 -0.54 10.22
N ALA A 38 3.72 -0.07 11.46
CA ALA A 38 2.60 0.39 12.27
C ALA A 38 1.98 1.66 11.70
N LEU A 39 2.83 2.60 11.30
CA LEU A 39 2.36 3.86 10.74
C LEU A 39 1.71 3.63 9.38
N PHE A 40 2.50 3.17 8.41
CA PHE A 40 2.00 2.91 7.07
C PHE A 40 0.64 2.21 7.13
N ALA A 41 0.49 1.30 8.08
CA ALA A 41 -0.75 0.56 8.24
C ALA A 41 -1.79 1.38 9.00
N LYS A 42 -1.31 2.33 9.80
CA LYS A 42 -2.20 3.18 10.59
C LYS A 42 -2.72 4.34 9.74
N VAL A 43 -1.95 4.73 8.73
CA VAL A 43 -2.33 5.83 7.85
C VAL A 43 -2.87 5.29 6.52
N ALA A 44 -2.67 4.00 6.28
CA ALA A 44 -3.13 3.38 5.05
C ALA A 44 -4.41 2.58 5.29
N ALA A 45 -4.33 1.58 6.16
CA ALA A 45 -5.48 0.74 6.47
C ALA A 45 -5.99 1.03 7.88
N ASN A 46 -5.29 1.90 8.59
CA ASN A 46 -5.69 2.26 9.95
C ASN A 46 -5.68 1.03 10.87
N LYS A 47 -4.89 0.04 10.49
CA LYS A 47 -4.79 -1.19 11.27
C LYS A 47 -3.57 -1.16 12.18
N SER A 48 -3.35 -2.26 12.91
CA SER A 48 -2.23 -2.34 13.83
C SER A 48 -1.04 -3.03 13.17
N GLN A 49 0.16 -2.61 13.53
CA GLN A 49 1.39 -3.18 12.97
C GLN A 49 1.23 -4.68 12.76
N GLY A 50 0.83 -5.39 13.81
CA GLY A 50 0.66 -6.82 13.72
C GLY A 50 -0.09 -7.24 12.46
N TRP A 51 -1.10 -6.46 12.09
CA TRP A 51 -1.89 -6.76 10.91
C TRP A 51 -1.08 -6.51 9.64
N LEU A 52 -0.26 -5.46 9.66
CA LEU A 52 0.57 -5.11 8.51
C LEU A 52 1.76 -6.07 8.39
N CYS A 53 2.59 -6.11 9.41
CA CYS A 53 3.76 -6.98 9.41
C CYS A 53 3.44 -8.32 8.75
N GLU A 54 2.34 -8.94 9.17
CA GLU A 54 1.93 -10.22 8.63
C GLU A 54 1.83 -10.16 7.11
N LEU A 55 1.03 -9.22 6.61
CA LEU A 55 0.85 -9.06 5.17
C LEU A 55 2.18 -9.19 4.43
N LEU A 56 3.23 -8.66 5.03
CA LEU A 56 4.56 -8.71 4.43
C LEU A 56 5.21 -10.06 4.70
N ARG A 57 4.83 -10.69 5.80
CA ARG A 57 5.38 -11.99 6.18
C ARG A 57 4.78 -13.10 5.33
N TRP A 58 3.46 -13.22 5.35
CA TRP A 58 2.76 -14.23 4.57
C TRP A 58 2.64 -13.82 3.11
N LYS A 59 2.25 -12.57 2.88
CA LYS A 59 2.09 -12.05 1.54
C LYS A 59 1.14 -12.92 0.71
N GLU A 60 0.06 -13.37 1.35
CA GLU A 60 -0.92 -14.21 0.69
C GLU A 60 -1.25 -13.66 -0.71
N ASN A 61 -1.98 -14.45 -1.49
CA ASN A 61 -2.37 -14.05 -2.83
C ASN A 61 -3.66 -13.23 -2.81
N PRO A 62 -3.55 -11.95 -3.19
CA PRO A 62 -4.69 -11.04 -3.22
C PRO A 62 -5.68 -11.38 -4.34
N SER A 63 -6.97 -11.21 -4.05
CA SER A 63 -8.01 -11.51 -5.01
C SER A 63 -9.34 -10.88 -4.60
N PRO A 64 -10.23 -10.70 -5.58
CA PRO A 64 -11.55 -10.11 -5.34
C PRO A 64 -12.47 -11.03 -4.55
N GLU A 65 -11.96 -12.20 -4.19
CA GLU A 65 -12.73 -13.18 -3.43
C GLU A 65 -12.57 -12.94 -1.93
N ASN A 66 -11.35 -12.59 -1.52
CA ASN A 66 -11.07 -12.34 -0.11
C ASN A 66 -11.49 -10.93 0.29
N ARG A 67 -12.54 -10.84 1.10
CA ARG A 67 -13.05 -9.55 1.55
C ARG A 67 -12.07 -8.91 2.54
N THR A 68 -11.96 -9.49 3.73
CA THR A 68 -11.08 -8.97 4.76
C THR A 68 -9.73 -8.57 4.17
N LEU A 69 -9.31 -9.27 3.13
CA LEU A 69 -8.04 -8.98 2.48
C LEU A 69 -8.22 -7.93 1.38
N TRP A 70 -8.92 -8.30 0.32
CA TRP A 70 -9.17 -7.39 -0.80
C TRP A 70 -9.54 -6.01 -0.30
N GLU A 71 -10.49 -5.94 0.64
CA GLU A 71 -10.93 -4.67 1.20
C GLU A 71 -9.74 -3.84 1.66
N ASN A 72 -9.07 -4.30 2.71
CA ASN A 72 -7.91 -3.60 3.25
C ASN A 72 -6.90 -3.29 2.15
N LEU A 73 -6.50 -4.32 1.41
CA LEU A 73 -5.54 -4.17 0.32
C LEU A 73 -6.02 -3.12 -0.69
N CYS A 74 -7.32 -2.85 -0.66
CA CYS A 74 -7.91 -1.86 -1.57
C CYS A 74 -7.54 -0.45 -1.16
N THR A 75 -7.80 -0.12 0.11
CA THR A 75 -7.51 1.21 0.63
C THR A 75 -6.01 1.49 0.58
N ILE A 76 -5.21 0.51 0.96
CA ILE A 76 -3.76 0.66 0.96
C ILE A 76 -3.24 0.88 -0.45
N ARG A 77 -3.93 0.30 -1.43
CA ARG A 77 -3.53 0.43 -2.83
C ARG A 77 -3.69 1.87 -3.30
N ARG A 78 -4.81 2.49 -2.94
CA ARG A 78 -5.08 3.87 -3.33
C ARG A 78 -4.08 4.83 -2.69
N PHE A 79 -3.63 4.49 -1.49
CA PHE A 79 -2.66 5.33 -0.78
C PHE A 79 -1.35 5.43 -1.56
N LEU A 80 -0.79 4.28 -1.91
CA LEU A 80 0.46 4.24 -2.66
C LEU A 80 0.33 5.00 -3.97
N ASN A 81 -0.87 5.00 -4.54
CA ASN A 81 -1.13 5.69 -5.79
C ASN A 81 -0.87 7.20 -5.65
N LEU A 82 -0.76 7.65 -4.41
CA LEU A 82 -0.51 9.07 -4.13
C LEU A 82 0.93 9.43 -4.42
N PRO A 83 1.17 10.71 -4.75
CA PRO A 83 2.51 11.22 -5.06
C PRO A 83 3.40 11.28 -3.82
N GLN A 84 4.70 11.10 -4.02
CA GLN A 84 5.66 11.12 -2.92
C GLN A 84 5.41 12.33 -2.02
N HIS A 85 5.17 13.48 -2.63
CA HIS A 85 4.92 14.70 -1.87
C HIS A 85 3.68 14.55 -0.98
N GLU A 86 2.76 13.70 -1.41
CA GLU A 86 1.53 13.46 -0.66
C GLU A 86 1.79 12.50 0.50
N ARG A 87 2.09 11.25 0.17
CA ARG A 87 2.35 10.24 1.18
C ARG A 87 3.20 10.81 2.31
N ASP A 88 4.26 11.52 1.96
CA ASP A 88 5.15 12.12 2.94
C ASP A 88 4.38 13.01 3.90
N VAL A 89 3.44 13.79 3.35
CA VAL A 89 2.63 14.70 4.15
C VAL A 89 1.79 13.93 5.16
N ILE A 90 1.09 12.90 4.68
CA ILE A 90 0.24 12.09 5.55
C ILE A 90 1.03 11.54 6.74
N TYR A 91 2.21 11.01 6.46
CA TYR A 91 3.06 10.45 7.50
C TYR A 91 3.54 11.54 8.45
N GLU A 92 3.92 12.69 7.89
CA GLU A 92 4.40 13.81 8.69
C GLU A 92 3.34 14.26 9.68
N GLU A 93 2.18 14.66 9.16
CA GLU A 93 1.08 15.12 9.99
C GLU A 93 0.70 14.07 11.02
N GLU A 94 0.68 12.80 10.59
CA GLU A 94 0.33 11.70 11.47
C GLU A 94 1.34 11.58 12.61
N SER A 95 2.54 11.14 12.28
CA SER A 95 3.60 10.97 13.28
C SER A 95 4.90 11.59 12.80
N SER A 96 5.49 12.44 13.64
CA SER A 96 6.75 13.11 13.30
C SER A 96 7.94 12.24 13.68
N GLY A 97 7.84 10.94 13.41
CA GLY A 97 8.91 10.03 13.73
C GLY A 97 10.17 10.30 12.92
N PRO A 98 11.34 10.05 13.52
CA PRO A 98 12.63 10.26 12.88
C PRO A 98 12.88 9.27 11.75
N SER A 99 13.99 9.46 11.04
CA SER A 99 14.35 8.58 9.93
C SER A 99 14.22 7.11 10.33
N SER A 100 14.02 6.26 9.35
CA SER A 100 13.87 4.83 9.60
C SER A 100 15.15 4.07 9.24
N GLY A 101 15.75 3.43 10.23
CA GLY A 101 16.98 2.68 10.00
C GLY A 101 16.83 1.21 10.33
N GLY A 1 15.58 4.38 -15.63
CA GLY A 1 14.46 3.92 -14.82
C GLY A 1 13.41 3.20 -15.64
N SER A 2 12.29 3.88 -15.88
CA SER A 2 11.20 3.29 -16.66
C SER A 2 10.20 4.36 -17.08
N SER A 3 9.94 4.44 -18.38
CA SER A 3 9.00 5.42 -18.91
C SER A 3 7.70 5.42 -18.12
N GLY A 4 7.07 4.25 -18.03
CA GLY A 4 5.82 4.12 -17.30
C GLY A 4 4.81 3.25 -18.01
N SER A 5 4.45 2.13 -17.39
CA SER A 5 3.49 1.21 -17.98
C SER A 5 3.06 0.16 -16.96
N SER A 6 1.76 0.08 -16.71
CA SER A 6 1.21 -0.88 -15.77
C SER A 6 0.96 -2.22 -16.44
N GLY A 7 1.95 -3.11 -16.36
CA GLY A 7 1.82 -4.42 -16.97
C GLY A 7 1.30 -4.36 -18.39
N PRO A 8 0.62 -5.43 -18.82
CA PRO A 8 0.06 -5.51 -20.18
C PRO A 8 -1.12 -4.57 -20.37
N ILE A 9 -1.69 -4.59 -21.57
CA ILE A 9 -2.83 -3.73 -21.89
C ILE A 9 -4.08 -4.19 -21.13
N LYS A 10 -4.24 -3.67 -19.90
CA LYS A 10 -5.39 -4.02 -19.09
C LYS A 10 -6.18 -2.76 -18.71
N VAL A 11 -7.38 -2.98 -18.17
CA VAL A 11 -8.23 -1.87 -17.76
C VAL A 11 -7.91 -1.41 -16.33
N ASP A 12 -8.20 -0.15 -16.04
CA ASP A 12 -7.94 0.41 -14.73
C ASP A 12 -8.79 1.65 -14.48
N GLY A 13 -8.91 2.04 -13.21
CA GLY A 13 -9.70 3.21 -12.87
C GLY A 13 -10.97 2.85 -12.13
N ALA A 14 -11.93 2.27 -12.85
CA ALA A 14 -13.20 1.88 -12.25
C ALA A 14 -13.02 0.71 -11.28
N ASN A 15 -12.22 -0.27 -11.69
CA ASN A 15 -11.97 -1.44 -10.87
C ASN A 15 -10.48 -1.58 -10.54
N ILE A 16 -10.12 -1.32 -9.29
CA ILE A 16 -8.73 -1.41 -8.86
C ILE A 16 -8.24 -2.85 -8.90
N ASN A 17 -7.14 -3.09 -9.60
CA ASN A 17 -6.56 -4.41 -9.71
C ASN A 17 -5.48 -4.62 -8.66
N ILE A 18 -5.81 -5.35 -7.60
CA ILE A 18 -4.86 -5.63 -6.53
C ILE A 18 -3.97 -6.81 -6.88
N THR A 19 -2.66 -6.60 -6.79
CA THR A 19 -1.69 -7.66 -7.10
C THR A 19 -0.71 -7.86 -5.95
N ALA A 20 -0.13 -9.05 -5.88
CA ALA A 20 0.82 -9.37 -4.82
C ALA A 20 1.84 -8.24 -4.64
N ALA A 21 2.23 -7.62 -5.75
CA ALA A 21 3.19 -6.53 -5.71
C ALA A 21 2.86 -5.54 -4.59
N ILE A 22 1.57 -5.35 -4.35
CA ILE A 22 1.12 -4.43 -3.31
C ILE A 22 1.98 -4.57 -2.05
N TYR A 23 2.36 -5.80 -1.74
CA TYR A 23 3.18 -6.06 -0.56
C TYR A 23 4.54 -5.40 -0.68
N ASP A 24 5.18 -5.60 -1.83
CA ASP A 24 6.50 -5.01 -2.08
C ASP A 24 6.45 -3.50 -1.96
N GLU A 25 5.49 -2.88 -2.61
CA GLU A 25 5.34 -1.43 -2.58
C GLU A 25 5.26 -0.93 -1.14
N ILE A 26 4.60 -1.69 -0.28
CA ILE A 26 4.45 -1.34 1.12
C ILE A 26 5.80 -1.40 1.85
N GLN A 27 6.63 -2.36 1.46
CA GLN A 27 7.95 -2.53 2.07
C GLN A 27 8.85 -1.35 1.73
N GLN A 28 8.90 -0.98 0.46
CA GLN A 28 9.73 0.13 0.01
C GLN A 28 9.15 1.46 0.47
N GLU A 29 7.84 1.64 0.27
CA GLU A 29 7.16 2.86 0.66
C GLU A 29 7.59 3.29 2.07
N MET A 30 7.76 2.30 2.95
CA MET A 30 8.16 2.59 4.33
C MET A 30 9.55 3.21 4.37
N LYS A 31 10.54 2.50 3.86
CA LYS A 31 11.92 2.99 3.84
C LYS A 31 12.01 4.30 3.06
N ARG A 32 11.05 4.53 2.17
CA ARG A 32 11.02 5.73 1.36
C ARG A 32 10.42 6.90 2.13
N ALA A 33 9.36 6.61 2.88
CA ALA A 33 8.68 7.64 3.67
C ALA A 33 9.32 7.78 5.05
N LYS A 34 10.14 6.80 5.41
CA LYS A 34 10.81 6.82 6.71
C LYS A 34 9.82 6.57 7.85
N VAL A 35 9.04 5.51 7.72
CA VAL A 35 8.05 5.17 8.74
C VAL A 35 8.14 3.70 9.13
N SER A 36 7.21 3.26 9.97
CA SER A 36 7.19 1.87 10.42
C SER A 36 5.89 1.18 10.01
N GLN A 37 5.97 -0.12 9.77
CA GLN A 37 4.80 -0.90 9.38
C GLN A 37 3.56 -0.45 10.14
N ALA A 38 3.76 -0.04 11.39
CA ALA A 38 2.66 0.42 12.23
C ALA A 38 2.08 1.73 11.71
N LEU A 39 2.96 2.65 11.34
CA LEU A 39 2.52 3.95 10.83
C LEU A 39 1.86 3.81 9.47
N PHE A 40 2.61 3.30 8.50
CA PHE A 40 2.09 3.11 7.15
C PHE A 40 0.73 2.41 7.18
N ALA A 41 0.60 1.44 8.08
CA ALA A 41 -0.64 0.69 8.22
C ALA A 41 -1.68 1.50 8.99
N LYS A 42 -1.21 2.46 9.78
CA LYS A 42 -2.10 3.30 10.57
C LYS A 42 -2.67 4.45 9.73
N VAL A 43 -1.93 4.83 8.70
CA VAL A 43 -2.36 5.90 7.81
C VAL A 43 -2.92 5.35 6.50
N ALA A 44 -2.60 4.10 6.21
CA ALA A 44 -3.08 3.45 4.99
C ALA A 44 -4.37 2.68 5.25
N ALA A 45 -4.29 1.67 6.10
CA ALA A 45 -5.45 0.86 6.43
C ALA A 45 -5.95 1.16 7.84
N ASN A 46 -5.21 2.00 8.56
CA ASN A 46 -5.57 2.37 9.92
C ASN A 46 -5.61 1.15 10.83
N LYS A 47 -4.84 0.12 10.46
CA LYS A 47 -4.77 -1.10 11.24
C LYS A 47 -3.55 -1.10 12.16
N SER A 48 -3.38 -2.19 12.90
CA SER A 48 -2.25 -2.30 13.83
C SER A 48 -1.05 -2.96 13.14
N GLN A 49 0.15 -2.50 13.49
CA GLN A 49 1.37 -3.04 12.92
C GLN A 49 1.24 -4.54 12.66
N GLY A 50 0.85 -5.28 13.70
CA GLY A 50 0.69 -6.72 13.56
C GLY A 50 -0.04 -7.11 12.30
N TRP A 51 -1.10 -6.38 11.97
CA TRP A 51 -1.88 -6.65 10.78
C TRP A 51 -1.07 -6.39 9.52
N LEU A 52 -0.13 -5.45 9.61
CA LEU A 52 0.71 -5.10 8.47
C LEU A 52 1.89 -6.07 8.36
N CYS A 53 2.69 -6.15 9.41
CA CYS A 53 3.85 -7.03 9.43
C CYS A 53 3.51 -8.38 8.80
N GLU A 54 2.43 -9.00 9.27
CA GLU A 54 2.01 -10.29 8.75
C GLU A 54 1.91 -10.26 7.23
N LEU A 55 1.11 -9.33 6.72
CA LEU A 55 0.94 -9.19 5.28
C LEU A 55 2.26 -9.35 4.54
N LEU A 56 3.30 -8.72 5.06
CA LEU A 56 4.63 -8.79 4.45
C LEU A 56 5.28 -10.14 4.74
N ARG A 57 4.87 -10.77 5.82
CA ARG A 57 5.41 -12.06 6.21
C ARG A 57 4.81 -13.18 5.36
N TRP A 58 3.49 -13.31 5.39
CA TRP A 58 2.80 -14.34 4.62
C TRP A 58 2.70 -13.94 3.15
N LYS A 59 2.30 -12.70 2.91
CA LYS A 59 2.16 -12.18 1.55
C LYS A 59 1.25 -13.08 0.72
N GLU A 60 0.10 -13.43 1.28
CA GLU A 60 -0.86 -14.28 0.59
C GLU A 60 -1.16 -13.75 -0.80
N ASN A 61 -2.10 -14.40 -1.48
CA ASN A 61 -2.48 -13.99 -2.84
C ASN A 61 -3.76 -13.17 -2.80
N PRO A 62 -3.65 -11.89 -3.20
CA PRO A 62 -4.80 -10.96 -3.24
C PRO A 62 -5.79 -11.32 -4.34
N SER A 63 -7.07 -11.15 -4.05
CA SER A 63 -8.12 -11.45 -5.01
C SER A 63 -9.45 -10.82 -4.59
N PRO A 64 -10.35 -10.62 -5.57
CA PRO A 64 -11.66 -10.02 -5.34
C PRO A 64 -12.59 -10.94 -4.54
N GLU A 65 -12.07 -12.12 -4.19
CA GLU A 65 -12.85 -13.09 -3.42
C GLU A 65 -12.68 -12.87 -1.93
N ASN A 66 -11.46 -12.52 -1.51
CA ASN A 66 -11.17 -12.28 -0.10
C ASN A 66 -11.55 -10.87 0.30
N ARG A 67 -12.60 -10.75 1.10
CA ARG A 67 -13.07 -9.45 1.56
C ARG A 67 -12.09 -8.84 2.56
N THR A 68 -12.01 -9.41 3.75
CA THR A 68 -11.11 -8.92 4.78
C THR A 68 -9.76 -8.54 4.20
N LEU A 69 -9.35 -9.24 3.15
CA LEU A 69 -8.07 -8.98 2.49
C LEU A 69 -8.24 -7.93 1.40
N TRP A 70 -8.94 -8.29 0.34
CA TRP A 70 -9.17 -7.39 -0.78
C TRP A 70 -9.53 -5.98 -0.28
N GLU A 71 -10.50 -5.92 0.63
CA GLU A 71 -10.93 -4.64 1.19
C GLU A 71 -9.74 -3.81 1.65
N ASN A 72 -9.08 -4.26 2.72
CA ASN A 72 -7.93 -3.55 3.26
C ASN A 72 -6.91 -3.27 2.16
N LEU A 73 -6.51 -4.32 1.46
CA LEU A 73 -5.53 -4.18 0.38
C LEU A 73 -6.00 -3.15 -0.65
N CYS A 74 -7.28 -2.85 -0.64
CA CYS A 74 -7.85 -1.87 -1.57
C CYS A 74 -7.50 -0.45 -1.14
N THR A 75 -7.76 -0.14 0.13
CA THR A 75 -7.47 1.18 0.66
C THR A 75 -5.98 1.48 0.61
N ILE A 76 -5.17 0.48 0.93
CA ILE A 76 -3.73 0.64 0.91
C ILE A 76 -3.20 0.84 -0.50
N ARG A 77 -3.90 0.28 -1.47
CA ARG A 77 -3.50 0.39 -2.87
C ARG A 77 -3.65 1.84 -3.36
N ARG A 78 -4.76 2.47 -2.97
CA ARG A 78 -5.03 3.84 -3.36
C ARG A 78 -4.02 4.81 -2.74
N PHE A 79 -3.55 4.45 -1.55
CA PHE A 79 -2.57 5.28 -0.84
C PHE A 79 -1.28 5.40 -1.64
N LEU A 80 -0.75 4.26 -2.07
CA LEU A 80 0.49 4.24 -2.84
C LEU A 80 0.34 5.01 -4.14
N ASN A 81 -0.89 5.04 -4.67
CA ASN A 81 -1.16 5.75 -5.91
C ASN A 81 -0.94 7.25 -5.74
N LEU A 82 -0.83 7.68 -4.49
CA LEU A 82 -0.62 9.09 -4.19
C LEU A 82 0.82 9.50 -4.48
N PRO A 83 1.03 10.79 -4.77
CA PRO A 83 2.35 11.34 -5.07
C PRO A 83 3.25 11.37 -3.84
N GLN A 84 4.55 11.20 -4.06
CA GLN A 84 5.53 11.22 -2.97
C GLN A 84 5.27 12.39 -2.04
N HIS A 85 5.01 13.56 -2.62
CA HIS A 85 4.75 14.77 -1.84
C HIS A 85 3.53 14.58 -0.94
N GLU A 86 2.61 13.73 -1.38
CA GLU A 86 1.38 13.48 -0.61
C GLU A 86 1.67 12.51 0.53
N ARG A 87 1.99 11.27 0.19
CA ARG A 87 2.28 10.24 1.19
C ARG A 87 3.14 10.82 2.32
N ASP A 88 4.18 11.55 1.94
CA ASP A 88 5.09 12.15 2.92
C ASP A 88 4.32 13.04 3.89
N VAL A 89 3.31 13.75 3.37
CA VAL A 89 2.51 14.65 4.19
C VAL A 89 1.68 13.86 5.19
N ILE A 90 1.00 12.81 4.72
CA ILE A 90 0.17 11.99 5.58
C ILE A 90 0.98 11.41 6.74
N TYR A 91 2.13 10.83 6.41
CA TYR A 91 3.00 10.24 7.43
C TYR A 91 3.45 11.30 8.43
N GLU A 92 3.91 12.43 7.93
CA GLU A 92 4.38 13.51 8.78
C GLU A 92 3.27 13.99 9.70
N GLU A 93 2.16 14.44 9.12
CA GLU A 93 1.03 14.92 9.89
C GLU A 93 0.62 13.91 10.95
N GLU A 94 0.54 12.64 10.55
CA GLU A 94 0.16 11.57 11.47
C GLU A 94 1.21 11.39 12.56
N SER A 95 2.40 10.94 12.15
CA SER A 95 3.49 10.71 13.10
C SER A 95 4.71 11.55 12.72
N SER A 96 5.15 12.40 13.65
CA SER A 96 6.30 13.26 13.41
C SER A 96 7.50 12.79 14.23
N GLY A 97 8.54 12.36 13.54
CA GLY A 97 9.74 11.89 14.23
C GLY A 97 10.64 11.08 13.31
N PRO A 98 11.96 11.19 13.54
CA PRO A 98 12.96 10.48 12.74
C PRO A 98 12.95 8.98 13.01
N SER A 99 12.78 8.61 14.28
CA SER A 99 12.75 7.21 14.67
C SER A 99 14.04 6.50 14.26
N SER A 100 15.16 7.19 14.42
CA SER A 100 16.46 6.63 14.06
C SER A 100 16.76 5.39 14.89
N GLY A 101 16.51 5.48 16.19
CA GLY A 101 16.76 4.35 17.07
C GLY A 101 15.84 3.19 16.80
N GLY A 1 9.06 -25.92 -27.41
CA GLY A 1 8.26 -25.85 -28.62
C GLY A 1 6.87 -25.32 -28.35
N SER A 2 6.79 -24.24 -27.58
CA SER A 2 5.51 -23.62 -27.24
C SER A 2 5.63 -22.10 -27.21
N SER A 3 4.49 -21.42 -27.37
CA SER A 3 4.47 -19.96 -27.36
C SER A 3 4.30 -19.43 -25.95
N GLY A 4 4.52 -18.14 -25.77
CA GLY A 4 4.39 -17.52 -24.47
C GLY A 4 3.72 -16.15 -24.53
N SER A 5 2.41 -16.11 -24.35
CA SER A 5 1.66 -14.87 -24.40
C SER A 5 0.59 -14.83 -23.31
N SER A 6 0.83 -14.07 -22.26
CA SER A 6 -0.11 -13.96 -21.15
C SER A 6 -0.68 -12.54 -21.07
N GLY A 7 -2.01 -12.45 -21.06
CA GLY A 7 -2.66 -11.16 -20.99
C GLY A 7 -2.88 -10.54 -22.35
N PRO A 8 -3.97 -10.94 -23.01
CA PRO A 8 -4.32 -10.44 -24.34
C PRO A 8 -4.76 -8.97 -24.32
N ILE A 9 -5.01 -8.41 -25.50
CA ILE A 9 -5.45 -7.03 -25.60
C ILE A 9 -6.87 -6.85 -25.08
N LYS A 10 -6.98 -6.55 -23.79
CA LYS A 10 -8.29 -6.34 -23.17
C LYS A 10 -8.32 -5.04 -22.39
N VAL A 11 -9.49 -4.71 -21.83
CA VAL A 11 -9.65 -3.49 -21.06
C VAL A 11 -9.44 -3.75 -19.57
N ASP A 12 -8.94 -2.74 -18.87
CA ASP A 12 -8.69 -2.85 -17.44
C ASP A 12 -8.55 -1.47 -16.80
N GLY A 13 -8.91 -1.38 -15.53
CA GLY A 13 -8.80 -0.11 -14.82
C GLY A 13 -10.05 0.21 -14.03
N ALA A 14 -11.21 -0.07 -14.62
CA ALA A 14 -12.48 0.19 -13.95
C ALA A 14 -12.43 -0.17 -12.48
N ASN A 15 -12.07 -1.42 -12.19
CA ASN A 15 -11.98 -1.90 -10.82
C ASN A 15 -10.52 -2.11 -10.42
N ILE A 16 -10.07 -1.37 -9.41
CA ILE A 16 -8.70 -1.48 -8.92
C ILE A 16 -8.22 -2.93 -8.97
N ASN A 17 -7.06 -3.15 -9.58
CA ASN A 17 -6.49 -4.48 -9.69
C ASN A 17 -5.39 -4.69 -8.65
N ILE A 18 -5.72 -5.41 -7.59
CA ILE A 18 -4.76 -5.69 -6.52
C ILE A 18 -3.85 -6.85 -6.89
N THR A 19 -2.55 -6.66 -6.73
CA THR A 19 -1.58 -7.70 -7.04
C THR A 19 -0.64 -7.94 -5.86
N ALA A 20 -0.06 -9.13 -5.82
CA ALA A 20 0.87 -9.49 -4.74
C ALA A 20 1.91 -8.40 -4.53
N ALA A 21 2.28 -7.71 -5.61
CA ALA A 21 3.26 -6.64 -5.54
C ALA A 21 2.90 -5.64 -4.45
N ILE A 22 1.60 -5.45 -4.23
CA ILE A 22 1.13 -4.52 -3.22
C ILE A 22 1.94 -4.63 -1.93
N TYR A 23 2.37 -5.85 -1.61
CA TYR A 23 3.17 -6.10 -0.42
C TYR A 23 4.53 -5.43 -0.52
N ASP A 24 5.19 -5.62 -1.67
CA ASP A 24 6.50 -5.03 -1.89
C ASP A 24 6.44 -3.51 -1.83
N GLU A 25 5.47 -2.93 -2.51
CA GLU A 25 5.29 -1.49 -2.54
C GLU A 25 5.23 -0.93 -1.12
N ILE A 26 4.61 -1.68 -0.22
CA ILE A 26 4.48 -1.27 1.17
C ILE A 26 5.84 -1.25 1.88
N GLN A 27 6.64 -2.26 1.60
CA GLN A 27 7.97 -2.37 2.20
C GLN A 27 8.85 -1.19 1.80
N GLN A 28 8.95 -0.97 0.49
CA GLN A 28 9.76 0.13 -0.03
C GLN A 28 9.18 1.48 0.37
N GLU A 29 7.89 1.65 0.14
CA GLU A 29 7.21 2.89 0.48
C GLU A 29 7.57 3.35 1.89
N MET A 30 7.76 2.38 2.78
CA MET A 30 8.12 2.68 4.17
C MET A 30 9.50 3.32 4.25
N LYS A 31 10.50 2.61 3.73
CA LYS A 31 11.87 3.11 3.74
C LYS A 31 11.97 4.44 3.02
N ARG A 32 11.07 4.66 2.07
CA ARG A 32 11.06 5.90 1.30
C ARG A 32 10.40 7.03 2.09
N ALA A 33 9.35 6.69 2.83
CA ALA A 33 8.63 7.67 3.63
C ALA A 33 9.21 7.77 5.03
N LYS A 34 10.09 6.83 5.37
CA LYS A 34 10.72 6.81 6.68
C LYS A 34 9.69 6.55 7.78
N VAL A 35 8.85 5.55 7.57
CA VAL A 35 7.82 5.19 8.53
C VAL A 35 7.95 3.73 8.97
N SER A 36 7.11 3.32 9.91
CA SER A 36 7.14 1.96 10.42
C SER A 36 5.87 1.20 10.00
N GLN A 37 6.01 -0.12 9.89
CA GLN A 37 4.88 -0.96 9.50
C GLN A 37 3.61 -0.56 10.24
N ALA A 38 3.78 -0.11 11.48
CA ALA A 38 2.64 0.31 12.29
C ALA A 38 2.01 1.59 11.75
N LEU A 39 2.85 2.53 11.34
CA LEU A 39 2.39 3.80 10.80
C LEU A 39 1.74 3.60 9.43
N PHE A 40 2.53 3.14 8.47
CA PHE A 40 2.04 2.91 7.12
C PHE A 40 0.70 2.19 7.14
N ALA A 41 0.55 1.27 8.09
CA ALA A 41 -0.69 0.50 8.23
C ALA A 41 -1.75 1.30 8.97
N LYS A 42 -1.31 2.26 9.78
CA LYS A 42 -2.22 3.11 10.54
C LYS A 42 -2.71 4.27 9.70
N VAL A 43 -1.91 4.66 8.71
CA VAL A 43 -2.27 5.77 7.83
C VAL A 43 -2.79 5.26 6.48
N ALA A 44 -2.57 3.98 6.23
CA ALA A 44 -3.01 3.37 4.98
C ALA A 44 -4.29 2.57 5.18
N ALA A 45 -4.23 1.58 6.08
CA ALA A 45 -5.39 0.75 6.37
C ALA A 45 -5.93 1.02 7.77
N ASN A 46 -5.25 1.90 8.50
CA ASN A 46 -5.66 2.25 9.86
C ASN A 46 -5.67 1.02 10.75
N LYS A 47 -4.86 0.03 10.41
CA LYS A 47 -4.77 -1.20 11.18
C LYS A 47 -3.56 -1.17 12.12
N SER A 48 -3.32 -2.28 12.80
CA SER A 48 -2.20 -2.39 13.73
C SER A 48 -1.01 -3.10 13.07
N GLN A 49 0.20 -2.68 13.44
CA GLN A 49 1.40 -3.26 12.88
C GLN A 49 1.22 -4.76 12.64
N GLY A 50 0.83 -5.49 13.69
CA GLY A 50 0.63 -6.91 13.57
C GLY A 50 -0.11 -7.29 12.30
N TRP A 51 -1.13 -6.52 11.97
CA TRP A 51 -1.93 -6.78 10.77
C TRP A 51 -1.12 -6.49 9.51
N LEU A 52 -0.20 -5.54 9.60
CA LEU A 52 0.65 -5.17 8.48
C LEU A 52 1.82 -6.14 8.33
N CYS A 53 2.65 -6.21 9.37
CA CYS A 53 3.81 -7.09 9.36
C CYS A 53 3.46 -8.43 8.74
N GLU A 54 2.38 -9.04 9.23
CA GLU A 54 1.93 -10.33 8.72
C GLU A 54 1.79 -10.31 7.21
N LEU A 55 1.02 -9.35 6.71
CA LEU A 55 0.81 -9.22 5.27
C LEU A 55 2.11 -9.39 4.50
N LEU A 56 3.18 -8.79 5.03
CA LEU A 56 4.49 -8.89 4.39
C LEU A 56 5.14 -10.24 4.67
N ARG A 57 4.72 -10.89 5.75
CA ARG A 57 5.26 -12.18 6.12
C ARG A 57 4.63 -13.29 5.28
N TRP A 58 3.31 -13.40 5.33
CA TRP A 58 2.60 -14.42 4.57
C TRP A 58 2.49 -14.03 3.11
N LYS A 59 2.26 -12.74 2.85
CA LYS A 59 2.12 -12.24 1.49
C LYS A 59 1.10 -13.06 0.70
N GLU A 60 -0.01 -13.39 1.35
CA GLU A 60 -1.06 -14.16 0.72
C GLU A 60 -1.45 -13.53 -0.62
N ASN A 61 -1.82 -14.39 -1.59
CA ASN A 61 -2.21 -13.92 -2.91
C ASN A 61 -3.54 -13.16 -2.84
N PRO A 62 -3.49 -11.87 -3.19
CA PRO A 62 -4.67 -11.00 -3.18
C PRO A 62 -5.67 -11.38 -4.28
N SER A 63 -6.96 -11.26 -3.96
CA SER A 63 -8.01 -11.59 -4.92
C SER A 63 -9.33 -10.93 -4.52
N PRO A 64 -10.21 -10.73 -5.50
CA PRO A 64 -11.52 -10.11 -5.28
C PRO A 64 -12.46 -11.01 -4.49
N GLU A 65 -11.98 -12.19 -4.12
CA GLU A 65 -12.77 -13.14 -3.37
C GLU A 65 -12.63 -12.90 -1.86
N ASN A 66 -11.43 -12.57 -1.43
CA ASN A 66 -11.15 -12.31 -0.03
C ASN A 66 -11.56 -10.89 0.36
N ARG A 67 -12.61 -10.77 1.15
CA ARG A 67 -13.11 -9.47 1.59
C ARG A 67 -12.15 -8.83 2.59
N THR A 68 -12.04 -9.43 3.77
CA THR A 68 -11.16 -8.91 4.81
C THR A 68 -9.80 -8.54 4.24
N LEU A 69 -9.38 -9.25 3.20
CA LEU A 69 -8.09 -8.99 2.55
C LEU A 69 -8.24 -7.95 1.45
N TRP A 70 -8.94 -8.31 0.38
CA TRP A 70 -9.15 -7.41 -0.73
C TRP A 70 -9.54 -6.01 -0.25
N GLU A 71 -10.52 -5.96 0.65
CA GLU A 71 -10.98 -4.69 1.19
C GLU A 71 -9.81 -3.83 1.65
N ASN A 72 -9.13 -4.26 2.71
CA ASN A 72 -7.99 -3.54 3.24
C ASN A 72 -6.97 -3.25 2.15
N LEU A 73 -6.52 -4.30 1.46
CA LEU A 73 -5.54 -4.16 0.39
C LEU A 73 -6.03 -3.15 -0.65
N CYS A 74 -7.32 -2.88 -0.65
CA CYS A 74 -7.91 -1.93 -1.59
C CYS A 74 -7.53 -0.49 -1.22
N THR A 75 -7.78 -0.14 0.03
CA THR A 75 -7.47 1.20 0.51
C THR A 75 -5.97 1.49 0.44
N ILE A 76 -5.17 0.53 0.86
CA ILE A 76 -3.72 0.68 0.84
C ILE A 76 -3.21 0.92 -0.58
N ARG A 77 -3.89 0.30 -1.56
CA ARG A 77 -3.52 0.45 -2.95
C ARG A 77 -3.67 1.90 -3.41
N ARG A 78 -4.76 2.53 -2.98
CA ARG A 78 -5.03 3.91 -3.35
C ARG A 78 -4.00 4.86 -2.72
N PHE A 79 -3.55 4.51 -1.52
CA PHE A 79 -2.57 5.33 -0.82
C PHE A 79 -1.29 5.46 -1.64
N LEU A 80 -0.78 4.33 -2.12
CA LEU A 80 0.44 4.33 -2.92
C LEU A 80 0.26 5.14 -4.20
N ASN A 81 -0.96 5.14 -4.72
CA ASN A 81 -1.26 5.88 -5.94
C ASN A 81 -1.03 7.38 -5.75
N LEU A 82 -0.86 7.79 -4.49
CA LEU A 82 -0.63 9.19 -4.16
C LEU A 82 0.81 9.59 -4.47
N PRO A 83 1.01 10.88 -4.76
CA PRO A 83 2.34 11.43 -5.07
C PRO A 83 3.25 11.45 -3.85
N GLN A 84 4.56 11.32 -4.09
CA GLN A 84 5.53 11.32 -3.01
C GLN A 84 5.30 12.50 -2.06
N HIS A 85 5.04 13.67 -2.64
CA HIS A 85 4.80 14.87 -1.87
C HIS A 85 3.59 14.69 -0.94
N GLU A 86 2.67 13.82 -1.34
CA GLU A 86 1.47 13.55 -0.56
C GLU A 86 1.76 12.56 0.56
N ARG A 87 2.07 11.32 0.19
CA ARG A 87 2.36 10.28 1.15
C ARG A 87 3.22 10.81 2.28
N ASP A 88 4.23 11.62 1.94
CA ASP A 88 5.13 12.20 2.92
C ASP A 88 4.36 13.07 3.91
N VAL A 89 3.42 13.85 3.40
CA VAL A 89 2.62 14.73 4.24
C VAL A 89 1.78 13.93 5.22
N ILE A 90 1.14 12.88 4.73
CA ILE A 90 0.31 12.03 5.58
C ILE A 90 1.10 11.50 6.76
N TYR A 91 2.28 10.95 6.49
CA TYR A 91 3.14 10.40 7.53
C TYR A 91 3.60 11.50 8.49
N GLU A 92 3.99 12.64 7.94
CA GLU A 92 4.44 13.77 8.74
C GLU A 92 3.35 14.23 9.71
N GLU A 93 2.22 14.63 9.15
CA GLU A 93 1.10 15.10 9.96
C GLU A 93 0.71 14.07 11.01
N GLU A 94 0.73 12.79 10.61
CA GLU A 94 0.38 11.70 11.53
C GLU A 94 1.42 11.58 12.64
N SER A 95 2.61 11.12 12.28
CA SER A 95 3.69 10.94 13.24
C SER A 95 4.90 11.78 12.86
N SER A 96 5.18 12.81 13.67
CA SER A 96 6.31 13.69 13.42
C SER A 96 7.52 13.27 14.25
N GLY A 97 8.51 12.68 13.58
CA GLY A 97 9.72 12.25 14.27
C GLY A 97 10.87 13.20 14.10
N PRO A 98 11.67 13.38 15.15
CA PRO A 98 12.83 14.28 15.14
C PRO A 98 13.95 13.76 14.25
N SER A 99 14.08 14.34 13.06
CA SER A 99 15.12 13.93 12.12
C SER A 99 15.76 15.14 11.46
N SER A 100 17.07 15.28 11.65
CA SER A 100 17.81 16.40 11.08
C SER A 100 17.44 16.62 9.61
N GLY A 101 17.58 15.55 8.82
CA GLY A 101 17.24 15.65 7.41
C GLY A 101 17.81 14.49 6.60
N GLY A 1 -14.55 17.10 -42.69
CA GLY A 1 -14.54 16.16 -41.59
C GLY A 1 -13.82 16.71 -40.38
N SER A 2 -13.11 15.83 -39.66
CA SER A 2 -12.37 16.24 -38.47
C SER A 2 -11.22 15.27 -38.18
N SER A 3 -10.22 15.76 -37.45
CA SER A 3 -9.06 14.95 -37.12
C SER A 3 -9.47 13.50 -36.86
N GLY A 4 -9.05 12.61 -37.76
CA GLY A 4 -9.39 11.20 -37.62
C GLY A 4 -8.51 10.51 -36.59
N SER A 5 -7.21 10.72 -36.68
CA SER A 5 -6.26 10.10 -35.76
C SER A 5 -6.41 10.69 -34.36
N SER A 6 -7.23 10.06 -33.53
CA SER A 6 -7.47 10.52 -32.17
C SER A 6 -6.63 9.71 -31.18
N GLY A 7 -6.46 10.26 -29.98
CA GLY A 7 -5.68 9.58 -28.96
C GLY A 7 -6.07 8.12 -28.81
N PRO A 8 -5.06 7.24 -28.74
CA PRO A 8 -5.29 5.80 -28.60
C PRO A 8 -5.82 5.43 -27.22
N ILE A 9 -6.77 4.50 -27.18
CA ILE A 9 -7.36 4.06 -25.92
C ILE A 9 -6.50 3.00 -25.25
N LYS A 10 -6.46 3.04 -23.92
CA LYS A 10 -5.67 2.08 -23.15
C LYS A 10 -6.02 2.17 -21.66
N VAL A 11 -6.63 1.10 -21.15
CA VAL A 11 -7.01 1.06 -19.74
C VAL A 11 -7.03 -0.39 -19.23
N ASP A 12 -6.48 -0.59 -18.04
CA ASP A 12 -6.43 -1.92 -17.44
C ASP A 12 -7.55 -2.09 -16.41
N GLY A 13 -8.75 -2.39 -16.90
CA GLY A 13 -9.88 -2.57 -16.01
C GLY A 13 -10.28 -1.29 -15.30
N ALA A 14 -11.57 -1.02 -15.26
CA ALA A 14 -12.08 0.19 -14.61
C ALA A 14 -11.80 0.16 -13.11
N ASN A 15 -12.22 -0.94 -12.46
CA ASN A 15 -12.01 -1.09 -11.03
C ASN A 15 -10.53 -1.23 -10.70
N ILE A 16 -10.21 -1.26 -9.41
CA ILE A 16 -8.83 -1.39 -8.96
C ILE A 16 -8.37 -2.85 -9.02
N ASN A 17 -7.16 -3.06 -9.54
CA ASN A 17 -6.60 -4.40 -9.64
C ASN A 17 -5.49 -4.61 -8.63
N ILE A 18 -5.80 -5.32 -7.55
CA ILE A 18 -4.83 -5.60 -6.51
C ILE A 18 -3.95 -6.78 -6.87
N THR A 19 -2.65 -6.66 -6.63
CA THR A 19 -1.71 -7.72 -6.94
C THR A 19 -0.72 -7.92 -5.80
N ALA A 20 -0.13 -9.11 -5.73
CA ALA A 20 0.84 -9.42 -4.69
C ALA A 20 1.86 -8.30 -4.53
N ALA A 21 2.26 -7.71 -5.64
CA ALA A 21 3.23 -6.62 -5.63
C ALA A 21 2.89 -5.60 -4.55
N ILE A 22 1.60 -5.39 -4.33
CA ILE A 22 1.15 -4.43 -3.33
C ILE A 22 1.96 -4.55 -2.04
N TYR A 23 2.37 -5.77 -1.72
CA TYR A 23 3.16 -6.02 -0.52
C TYR A 23 4.54 -5.37 -0.63
N ASP A 24 5.20 -5.59 -1.77
CA ASP A 24 6.53 -5.02 -1.99
C ASP A 24 6.48 -3.50 -1.89
N GLU A 25 5.52 -2.88 -2.58
CA GLU A 25 5.39 -1.43 -2.57
C GLU A 25 5.32 -0.90 -1.14
N ILE A 26 4.65 -1.65 -0.26
CA ILE A 26 4.52 -1.25 1.14
C ILE A 26 5.88 -1.21 1.83
N GLN A 27 6.71 -2.22 1.56
CA GLN A 27 8.03 -2.28 2.15
C GLN A 27 8.86 -1.07 1.78
N GLN A 28 9.00 -0.83 0.48
CA GLN A 28 9.77 0.32 -0.01
C GLN A 28 9.13 1.63 0.42
N GLU A 29 7.83 1.75 0.17
CA GLU A 29 7.10 2.97 0.52
C GLU A 29 7.45 3.41 1.94
N MET A 30 7.72 2.44 2.81
CA MET A 30 8.06 2.74 4.19
C MET A 30 9.47 3.33 4.29
N LYS A 31 10.46 2.59 3.81
CA LYS A 31 11.84 3.05 3.84
C LYS A 31 12.00 4.38 3.10
N ARG A 32 11.11 4.61 2.14
CA ARG A 32 11.15 5.84 1.36
C ARG A 32 10.48 6.99 2.10
N ALA A 33 9.39 6.67 2.80
CA ALA A 33 8.65 7.67 3.57
C ALA A 33 9.22 7.81 4.98
N LYS A 34 10.10 6.89 5.35
CA LYS A 34 10.71 6.90 6.68
C LYS A 34 9.68 6.61 7.75
N VAL A 35 8.79 5.66 7.48
CA VAL A 35 7.75 5.28 8.44
C VAL A 35 7.92 3.83 8.89
N SER A 36 7.02 3.37 9.75
CA SER A 36 7.07 2.02 10.27
C SER A 36 5.82 1.24 9.90
N GLN A 37 5.94 -0.08 9.80
CA GLN A 37 4.81 -0.93 9.46
C GLN A 37 3.55 -0.51 10.21
N ALA A 38 3.74 -0.05 11.45
CA ALA A 38 2.62 0.38 12.27
C ALA A 38 1.98 1.66 11.71
N LEU A 39 2.83 2.60 11.30
CA LEU A 39 2.35 3.86 10.75
C LEU A 39 1.69 3.65 9.39
N PHE A 40 2.49 3.19 8.42
CA PHE A 40 1.98 2.93 7.07
C PHE A 40 0.63 2.22 7.13
N ALA A 41 0.49 1.31 8.08
CA ALA A 41 -0.75 0.56 8.24
C ALA A 41 -1.80 1.37 9.00
N LYS A 42 -1.33 2.31 9.80
CA LYS A 42 -2.22 3.17 10.58
C LYS A 42 -2.74 4.33 9.75
N VAL A 43 -1.96 4.72 8.74
CA VAL A 43 -2.35 5.82 7.85
C VAL A 43 -2.90 5.29 6.54
N ALA A 44 -2.66 4.02 6.27
CA ALA A 44 -3.13 3.40 5.03
C ALA A 44 -4.45 2.67 5.26
N ALA A 45 -4.41 1.64 6.10
CA ALA A 45 -5.60 0.86 6.41
C ALA A 45 -6.11 1.15 7.82
N ASN A 46 -5.32 1.92 8.57
CA ASN A 46 -5.69 2.26 9.94
C ASN A 46 -5.71 1.02 10.84
N LYS A 47 -4.88 0.04 10.48
CA LYS A 47 -4.80 -1.20 11.25
C LYS A 47 -3.59 -1.19 12.17
N SER A 48 -3.39 -2.29 12.89
CA SER A 48 -2.26 -2.42 13.80
C SER A 48 -1.07 -3.06 13.10
N GLN A 49 0.13 -2.66 13.51
CA GLN A 49 1.36 -3.20 12.92
C GLN A 49 1.22 -4.70 12.66
N GLY A 50 0.83 -5.45 13.70
CA GLY A 50 0.66 -6.88 13.55
C GLY A 50 -0.08 -7.26 12.29
N TRP A 51 -1.08 -6.46 11.93
CA TRP A 51 -1.87 -6.71 10.73
C TRP A 51 -1.06 -6.42 9.47
N LEU A 52 -0.13 -5.48 9.58
CA LEU A 52 0.72 -5.11 8.45
C LEU A 52 1.91 -6.06 8.32
N CYS A 53 2.71 -6.13 9.37
CA CYS A 53 3.89 -7.00 9.38
C CYS A 53 3.56 -8.35 8.75
N GLU A 54 2.48 -8.96 9.21
CA GLU A 54 2.07 -10.27 8.70
C GLU A 54 1.93 -10.24 7.18
N LEU A 55 1.13 -9.30 6.68
CA LEU A 55 0.91 -9.17 5.24
C LEU A 55 2.22 -9.31 4.48
N LEU A 56 3.28 -8.72 5.01
CA LEU A 56 4.59 -8.79 4.38
C LEU A 56 5.27 -10.13 4.67
N ARG A 57 4.88 -10.76 5.76
CA ARG A 57 5.44 -12.05 6.14
C ARG A 57 4.83 -13.18 5.31
N TRP A 58 3.51 -13.31 5.38
CA TRP A 58 2.81 -14.34 4.63
C TRP A 58 2.67 -13.95 3.17
N LYS A 59 2.24 -12.72 2.92
CA LYS A 59 2.07 -12.22 1.56
C LYS A 59 1.11 -13.10 0.78
N GLU A 60 -0.05 -13.40 1.37
CA GLU A 60 -1.05 -14.24 0.72
C GLU A 60 -1.38 -13.71 -0.66
N ASN A 61 -2.10 -14.52 -1.45
CA ASN A 61 -2.47 -14.14 -2.80
C ASN A 61 -3.75 -13.29 -2.79
N PRO A 62 -3.60 -12.01 -3.15
CA PRO A 62 -4.73 -11.07 -3.19
C PRO A 62 -5.70 -11.38 -4.32
N SER A 63 -7.00 -11.20 -4.04
CA SER A 63 -8.03 -11.47 -5.03
C SER A 63 -9.35 -10.83 -4.61
N PRO A 64 -10.25 -10.62 -5.59
CA PRO A 64 -11.56 -10.02 -5.36
C PRO A 64 -12.48 -10.93 -4.57
N GLU A 65 -11.99 -12.12 -4.24
CA GLU A 65 -12.78 -13.09 -3.49
C GLU A 65 -12.62 -12.88 -1.98
N ASN A 66 -11.41 -12.53 -1.57
CA ASN A 66 -11.13 -12.29 -0.15
C ASN A 66 -11.56 -10.89 0.26
N ARG A 67 -12.62 -10.80 1.03
CA ARG A 67 -13.14 -9.52 1.51
C ARG A 67 -12.18 -8.89 2.52
N THR A 68 -12.06 -9.53 3.68
CA THR A 68 -11.20 -9.03 4.74
C THR A 68 -9.84 -8.62 4.18
N LEU A 69 -9.39 -9.33 3.15
CA LEU A 69 -8.10 -9.03 2.52
C LEU A 69 -8.25 -7.96 1.44
N TRP A 70 -8.94 -8.33 0.36
CA TRP A 70 -9.16 -7.40 -0.75
C TRP A 70 -9.55 -6.02 -0.23
N GLU A 71 -10.53 -5.99 0.67
CA GLU A 71 -11.00 -4.73 1.24
C GLU A 71 -9.83 -3.86 1.67
N ASN A 72 -9.15 -4.30 2.73
CA ASN A 72 -8.00 -3.56 3.25
C ASN A 72 -7.00 -3.25 2.15
N LEU A 73 -6.50 -4.30 1.50
CA LEU A 73 -5.54 -4.15 0.42
C LEU A 73 -6.01 -3.10 -0.59
N CYS A 74 -7.32 -2.91 -0.65
CA CYS A 74 -7.91 -1.94 -1.59
C CYS A 74 -7.60 -0.51 -1.13
N THR A 75 -7.85 -0.23 0.14
CA THR A 75 -7.60 1.10 0.69
C THR A 75 -6.11 1.43 0.67
N ILE A 76 -5.28 0.43 0.92
CA ILE A 76 -3.84 0.61 0.95
C ILE A 76 -3.30 0.84 -0.46
N ARG A 77 -3.99 0.28 -1.45
CA ARG A 77 -3.58 0.42 -2.85
C ARG A 77 -3.76 1.86 -3.32
N ARG A 78 -4.84 2.50 -2.89
CA ARG A 78 -5.11 3.88 -3.28
C ARG A 78 -4.09 4.83 -2.67
N PHE A 79 -3.57 4.47 -1.50
CA PHE A 79 -2.57 5.29 -0.82
C PHE A 79 -1.29 5.39 -1.64
N LEU A 80 -0.73 4.24 -2.00
CA LEU A 80 0.49 4.21 -2.79
C LEU A 80 0.33 4.98 -4.10
N ASN A 81 -0.89 5.01 -4.62
CA ASN A 81 -1.19 5.72 -5.85
C ASN A 81 -0.93 7.22 -5.69
N LEU A 82 -0.80 7.66 -4.45
CA LEU A 82 -0.56 9.07 -4.16
C LEU A 82 0.90 9.44 -4.45
N PRO A 83 1.13 10.72 -4.78
CA PRO A 83 2.47 11.23 -5.09
C PRO A 83 3.36 11.27 -3.86
N GLN A 84 4.66 11.07 -4.06
CA GLN A 84 5.62 11.08 -2.97
C GLN A 84 5.41 12.29 -2.07
N HIS A 85 5.17 13.45 -2.68
CA HIS A 85 4.95 14.67 -1.93
C HIS A 85 3.72 14.54 -1.03
N GLU A 86 2.76 13.72 -1.45
CA GLU A 86 1.54 13.50 -0.68
C GLU A 86 1.80 12.57 0.50
N ARG A 87 2.09 11.31 0.19
CA ARG A 87 2.36 10.31 1.22
C ARG A 87 3.22 10.89 2.33
N ASP A 88 4.28 11.60 1.94
CA ASP A 88 5.19 12.22 2.90
C ASP A 88 4.43 13.12 3.87
N VAL A 89 3.44 13.84 3.34
CA VAL A 89 2.63 14.75 4.16
C VAL A 89 1.82 13.97 5.20
N ILE A 90 1.11 12.94 4.74
CA ILE A 90 0.29 12.12 5.61
C ILE A 90 1.11 11.59 6.78
N TYR A 91 2.25 10.98 6.47
CA TYR A 91 3.12 10.42 7.50
C TYR A 91 3.58 11.50 8.47
N GLU A 92 3.96 12.65 7.93
CA GLU A 92 4.41 13.77 8.74
C GLU A 92 3.32 14.24 9.70
N GLU A 93 2.18 14.63 9.13
CA GLU A 93 1.05 15.09 9.94
C GLU A 93 0.66 14.05 10.98
N GLU A 94 0.67 12.78 10.57
CA GLU A 94 0.31 11.69 11.47
C GLU A 94 1.32 11.57 12.61
N SER A 95 2.53 11.16 12.28
CA SER A 95 3.59 11.00 13.28
C SER A 95 4.78 11.91 12.97
N SER A 96 5.51 12.29 14.01
CA SER A 96 6.66 13.16 13.86
C SER A 96 7.97 12.38 14.02
N GLY A 97 8.01 11.20 13.42
CA GLY A 97 9.21 10.37 13.51
C GLY A 97 9.35 9.73 14.88
N PRO A 98 9.95 8.52 14.90
CA PRO A 98 10.17 7.78 16.15
C PRO A 98 11.22 8.43 17.04
N SER A 99 10.95 8.46 18.35
CA SER A 99 11.86 9.06 19.30
C SER A 99 12.16 10.50 18.95
N SER A 100 11.12 11.25 18.59
CA SER A 100 11.27 12.65 18.22
C SER A 100 11.11 13.56 19.43
N GLY A 101 11.80 14.69 19.41
CA GLY A 101 11.72 15.64 20.51
C GLY A 101 12.69 16.79 20.36
N GLY A 1 17.92 -10.00 -29.19
CA GLY A 1 16.59 -9.45 -28.99
C GLY A 1 16.61 -8.02 -28.49
N SER A 2 15.77 -7.71 -27.51
CA SER A 2 15.69 -6.37 -26.96
C SER A 2 15.38 -5.35 -28.04
N SER A 3 14.42 -5.68 -28.91
CA SER A 3 14.03 -4.80 -30.00
C SER A 3 12.75 -4.04 -29.65
N GLY A 4 11.76 -4.76 -29.15
CA GLY A 4 10.50 -4.14 -28.78
C GLY A 4 9.50 -4.13 -29.92
N SER A 5 8.39 -3.43 -29.72
CA SER A 5 7.35 -3.35 -30.75
C SER A 5 6.78 -4.73 -31.05
N SER A 6 6.52 -5.50 -30.00
CA SER A 6 5.97 -6.83 -30.16
C SER A 6 4.62 -6.96 -29.45
N GLY A 7 3.60 -7.36 -30.19
CA GLY A 7 2.27 -7.52 -29.61
C GLY A 7 1.33 -6.42 -30.05
N PRO A 8 0.04 -6.78 -30.20
CA PRO A 8 -0.99 -5.83 -30.62
C PRO A 8 -1.30 -4.79 -29.54
N ILE A 9 -2.21 -3.87 -29.86
CA ILE A 9 -2.60 -2.83 -28.92
C ILE A 9 -3.72 -3.30 -28.00
N LYS A 10 -3.61 -2.95 -26.72
CA LYS A 10 -4.60 -3.34 -25.73
C LYS A 10 -4.53 -2.44 -24.50
N VAL A 11 -5.67 -2.22 -23.85
CA VAL A 11 -5.73 -1.39 -22.66
C VAL A 11 -7.11 -1.45 -22.02
N ASP A 12 -7.14 -1.45 -20.69
CA ASP A 12 -8.39 -1.51 -19.94
C ASP A 12 -8.15 -1.36 -18.45
N GLY A 13 -9.12 -0.80 -17.75
CA GLY A 13 -8.99 -0.60 -16.32
C GLY A 13 -10.18 0.13 -15.72
N ALA A 14 -11.17 -0.63 -15.28
CA ALA A 14 -12.37 -0.05 -14.68
C ALA A 14 -12.22 0.06 -13.17
N ASN A 15 -12.04 -1.08 -12.50
CA ASN A 15 -11.90 -1.10 -11.06
C ASN A 15 -10.43 -1.29 -10.66
N ILE A 16 -10.15 -1.15 -9.38
CA ILE A 16 -8.80 -1.31 -8.86
C ILE A 16 -8.36 -2.77 -8.90
N ASN A 17 -7.19 -3.02 -9.50
CA ASN A 17 -6.66 -4.37 -9.60
C ASN A 17 -5.54 -4.60 -8.59
N ILE A 18 -5.86 -5.31 -7.51
CA ILE A 18 -4.88 -5.60 -6.47
C ILE A 18 -4.01 -6.79 -6.84
N THR A 19 -2.73 -6.72 -6.51
CA THR A 19 -1.80 -7.78 -6.81
C THR A 19 -0.80 -7.98 -5.67
N ALA A 20 -0.25 -9.19 -5.56
CA ALA A 20 0.71 -9.51 -4.52
C ALA A 20 1.75 -8.40 -4.39
N ALA A 21 2.14 -7.82 -5.52
CA ALA A 21 3.13 -6.74 -5.53
C ALA A 21 2.83 -5.71 -4.45
N ILE A 22 1.55 -5.42 -4.26
CA ILE A 22 1.12 -4.45 -3.26
C ILE A 22 1.93 -4.58 -1.98
N TYR A 23 2.38 -5.80 -1.70
CA TYR A 23 3.18 -6.06 -0.50
C TYR A 23 4.57 -5.45 -0.62
N ASP A 24 5.21 -5.67 -1.77
CA ASP A 24 6.55 -5.14 -2.01
C ASP A 24 6.54 -3.61 -1.93
N GLU A 25 5.56 -2.99 -2.57
CA GLU A 25 5.45 -1.54 -2.57
C GLU A 25 5.38 -1.00 -1.15
N ILE A 26 4.66 -1.71 -0.29
CA ILE A 26 4.52 -1.30 1.10
C ILE A 26 5.87 -1.31 1.82
N GLN A 27 6.70 -2.29 1.49
CA GLN A 27 8.02 -2.40 2.11
C GLN A 27 8.88 -1.20 1.76
N GLN A 28 9.03 -0.93 0.47
CA GLN A 28 9.83 0.20 0.02
C GLN A 28 9.21 1.52 0.44
N GLU A 29 7.91 1.67 0.21
CA GLU A 29 7.20 2.89 0.58
C GLU A 29 7.57 3.33 1.99
N MET A 30 7.78 2.37 2.88
CA MET A 30 8.14 2.65 4.25
C MET A 30 9.53 3.27 4.34
N LYS A 31 10.52 2.52 3.86
CA LYS A 31 11.91 2.99 3.87
C LYS A 31 12.05 4.29 3.10
N ARG A 32 11.11 4.54 2.18
CA ARG A 32 11.14 5.76 1.38
C ARG A 32 10.52 6.93 2.14
N ALA A 33 9.48 6.64 2.91
CA ALA A 33 8.81 7.67 3.69
C ALA A 33 9.41 7.79 5.09
N LYS A 34 10.23 6.80 5.46
CA LYS A 34 10.87 6.80 6.76
C LYS A 34 9.85 6.56 7.88
N VAL A 35 9.01 5.54 7.71
CA VAL A 35 7.99 5.23 8.69
C VAL A 35 8.08 3.75 9.12
N SER A 36 7.18 3.34 10.00
CA SER A 36 7.16 1.96 10.48
C SER A 36 5.88 1.25 10.06
N GLN A 37 5.97 -0.05 9.86
CA GLN A 37 4.81 -0.85 9.45
C GLN A 37 3.56 -0.38 10.17
N ALA A 38 3.71 0.02 11.43
CA ALA A 38 2.58 0.49 12.22
C ALA A 38 2.01 1.79 11.66
N LEU A 39 2.90 2.73 11.34
CA LEU A 39 2.49 4.02 10.79
C LEU A 39 1.82 3.84 9.43
N PHE A 40 2.59 3.35 8.46
CA PHE A 40 2.09 3.13 7.11
C PHE A 40 0.75 2.39 7.15
N ALA A 41 0.65 1.41 8.05
CA ALA A 41 -0.58 0.63 8.18
C ALA A 41 -1.65 1.42 8.94
N LYS A 42 -1.21 2.42 9.70
CA LYS A 42 -2.13 3.23 10.48
C LYS A 42 -2.69 4.37 9.63
N VAL A 43 -1.91 4.81 8.65
CA VAL A 43 -2.34 5.89 7.76
C VAL A 43 -2.88 5.33 6.45
N ALA A 44 -2.65 4.05 6.22
CA ALA A 44 -3.12 3.40 4.99
C ALA A 44 -4.40 2.61 5.25
N ALA A 45 -4.30 1.60 6.11
CA ALA A 45 -5.46 0.77 6.44
C ALA A 45 -5.96 1.06 7.85
N ASN A 46 -5.22 1.91 8.57
CA ASN A 46 -5.59 2.26 9.94
C ASN A 46 -5.62 1.04 10.84
N LYS A 47 -4.77 0.07 10.53
CA LYS A 47 -4.71 -1.17 11.31
C LYS A 47 -3.46 -1.17 12.21
N SER A 48 -3.29 -2.26 12.95
CA SER A 48 -2.15 -2.38 13.86
C SER A 48 -0.96 -3.02 13.14
N GLN A 49 0.24 -2.54 13.47
CA GLN A 49 1.46 -3.07 12.86
C GLN A 49 1.32 -4.56 12.57
N GLY A 50 1.00 -5.32 13.61
CA GLY A 50 0.86 -6.76 13.45
C GLY A 50 0.10 -7.13 12.19
N TRP A 51 -0.99 -6.42 11.93
CA TRP A 51 -1.81 -6.67 10.75
C TRP A 51 -1.02 -6.40 9.47
N LEU A 52 -0.09 -5.45 9.54
CA LEU A 52 0.74 -5.09 8.39
C LEU A 52 1.91 -6.04 8.25
N CYS A 53 2.74 -6.12 9.29
CA CYS A 53 3.90 -6.99 9.28
C CYS A 53 3.56 -8.35 8.66
N GLU A 54 2.50 -8.97 9.17
CA GLU A 54 2.08 -10.27 8.66
C GLU A 54 1.92 -10.24 7.15
N LEU A 55 1.11 -9.32 6.65
CA LEU A 55 0.88 -9.19 5.21
C LEU A 55 2.19 -9.35 4.44
N LEU A 56 3.24 -8.74 4.94
CA LEU A 56 4.55 -8.82 4.29
C LEU A 56 5.22 -10.15 4.58
N ARG A 57 4.84 -10.77 5.69
CA ARG A 57 5.41 -12.05 6.10
C ARG A 57 4.80 -13.19 5.26
N TRP A 58 3.49 -13.31 5.32
CA TRP A 58 2.79 -14.36 4.57
C TRP A 58 2.66 -13.98 3.10
N LYS A 59 2.25 -12.75 2.85
CA LYS A 59 2.07 -12.26 1.49
C LYS A 59 1.12 -13.16 0.70
N GLU A 60 -0.03 -13.46 1.30
CA GLU A 60 -1.02 -14.30 0.67
C GLU A 60 -1.38 -13.77 -0.72
N ASN A 61 -2.10 -14.58 -1.50
CA ASN A 61 -2.51 -14.19 -2.84
C ASN A 61 -3.78 -13.34 -2.80
N PRO A 62 -3.65 -12.06 -3.15
CA PRO A 62 -4.77 -11.12 -3.17
C PRO A 62 -5.75 -11.42 -4.29
N SER A 63 -7.05 -11.25 -4.00
CA SER A 63 -8.08 -11.51 -4.98
C SER A 63 -9.39 -10.83 -4.57
N PRO A 64 -10.27 -10.59 -5.57
CA PRO A 64 -11.56 -9.94 -5.35
C PRO A 64 -12.53 -10.83 -4.57
N GLU A 65 -12.08 -12.04 -4.24
CA GLU A 65 -12.91 -12.98 -3.49
C GLU A 65 -12.77 -12.75 -1.99
N ASN A 66 -11.54 -12.51 -1.53
CA ASN A 66 -11.28 -12.28 -0.12
C ASN A 66 -11.64 -10.85 0.27
N ARG A 67 -12.71 -10.71 1.05
CA ARG A 67 -13.16 -9.40 1.50
C ARG A 67 -12.19 -8.81 2.52
N THR A 68 -12.10 -9.44 3.68
CA THR A 68 -11.21 -8.98 4.74
C THR A 68 -9.85 -8.59 4.18
N LEU A 69 -9.43 -9.28 3.13
CA LEU A 69 -8.14 -9.01 2.50
C LEU A 69 -8.27 -7.94 1.41
N TRP A 70 -8.98 -8.28 0.34
CA TRP A 70 -9.19 -7.35 -0.76
C TRP A 70 -9.56 -5.97 -0.25
N GLU A 71 -10.55 -5.92 0.65
CA GLU A 71 -11.00 -4.66 1.22
C GLU A 71 -9.81 -3.81 1.67
N ASN A 72 -9.13 -4.27 2.71
CA ASN A 72 -7.98 -3.56 3.26
C ASN A 72 -6.97 -3.26 2.16
N LEU A 73 -6.53 -4.29 1.46
CA LEU A 73 -5.56 -4.15 0.38
C LEU A 73 -6.04 -3.11 -0.63
N CYS A 74 -7.34 -2.86 -0.65
CA CYS A 74 -7.92 -1.88 -1.57
C CYS A 74 -7.55 -0.46 -1.16
N THR A 75 -7.79 -0.12 0.10
CA THR A 75 -7.49 1.20 0.61
C THR A 75 -5.99 1.48 0.57
N ILE A 76 -5.20 0.46 0.92
CA ILE A 76 -3.75 0.59 0.92
C ILE A 76 -3.21 0.82 -0.48
N ARG A 77 -3.91 0.27 -1.48
CA ARG A 77 -3.50 0.41 -2.87
C ARG A 77 -3.69 1.85 -3.34
N ARG A 78 -4.78 2.47 -2.91
CA ARG A 78 -5.07 3.85 -3.30
C ARG A 78 -4.05 4.81 -2.69
N PHE A 79 -3.55 4.47 -1.52
CA PHE A 79 -2.57 5.29 -0.82
C PHE A 79 -1.29 5.41 -1.64
N LEU A 80 -0.72 4.26 -2.00
CA LEU A 80 0.51 4.24 -2.78
C LEU A 80 0.36 5.05 -4.06
N ASN A 81 -0.84 5.03 -4.63
CA ASN A 81 -1.11 5.77 -5.86
C ASN A 81 -0.83 7.26 -5.68
N LEU A 82 -0.86 7.71 -4.43
CA LEU A 82 -0.60 9.11 -4.12
C LEU A 82 0.84 9.48 -4.41
N PRO A 83 1.07 10.75 -4.78
CA PRO A 83 2.41 11.25 -5.09
C PRO A 83 3.30 11.35 -3.85
N GLN A 84 4.60 11.19 -4.04
CA GLN A 84 5.55 11.27 -2.94
C GLN A 84 5.26 12.47 -2.05
N HIS A 85 4.98 13.61 -2.67
CA HIS A 85 4.69 14.83 -1.94
C HIS A 85 3.46 14.66 -1.06
N GLU A 86 2.54 13.80 -1.51
CA GLU A 86 1.31 13.56 -0.77
C GLU A 86 1.56 12.60 0.40
N ARG A 87 1.89 11.36 0.08
CA ARG A 87 2.15 10.35 1.10
C ARG A 87 3.03 10.92 2.21
N ASP A 88 4.13 11.55 1.83
CA ASP A 88 5.04 12.15 2.79
C ASP A 88 4.29 13.03 3.78
N VAL A 89 3.30 13.76 3.28
CA VAL A 89 2.50 14.66 4.11
C VAL A 89 1.71 13.87 5.15
N ILE A 90 1.02 12.82 4.70
CA ILE A 90 0.22 11.99 5.59
C ILE A 90 1.07 11.44 6.73
N TYR A 91 2.21 10.85 6.39
CA TYR A 91 3.10 10.29 7.39
C TYR A 91 3.58 11.35 8.37
N GLU A 92 4.01 12.49 7.83
CA GLU A 92 4.49 13.59 8.66
C GLU A 92 3.41 14.08 9.60
N GLU A 93 2.25 14.44 9.04
CA GLU A 93 1.13 14.92 9.83
C GLU A 93 0.73 13.90 10.90
N GLU A 94 0.70 12.62 10.51
CA GLU A 94 0.34 11.56 11.42
C GLU A 94 1.39 11.38 12.51
N SER A 95 2.58 10.93 12.10
CA SER A 95 3.68 10.73 13.04
C SER A 95 4.59 11.95 13.09
N SER A 96 4.86 12.43 14.31
CA SER A 96 5.71 13.60 14.50
C SER A 96 7.07 13.19 15.05
N GLY A 97 8.13 13.55 14.33
CA GLY A 97 9.47 13.21 14.77
C GLY A 97 10.11 12.14 13.91
N PRO A 98 11.43 12.26 13.71
CA PRO A 98 12.20 11.29 12.90
C PRO A 98 12.31 9.93 13.57
N SER A 99 11.71 8.92 12.96
CA SER A 99 11.75 7.57 13.52
C SER A 99 13.01 6.83 13.06
N SER A 100 13.47 5.90 13.89
CA SER A 100 14.68 5.13 13.58
C SER A 100 14.31 3.69 13.20
N GLY A 101 14.77 3.27 12.03
CA GLY A 101 14.49 1.92 11.56
C GLY A 101 15.74 1.07 11.46
N GLY A 1 -20.50 4.73 -12.94
CA GLY A 1 -20.35 6.09 -13.41
C GLY A 1 -19.31 6.86 -12.61
N SER A 2 -18.88 8.00 -13.14
CA SER A 2 -17.88 8.83 -12.47
C SER A 2 -18.09 10.30 -12.82
N SER A 3 -18.15 11.15 -11.80
CA SER A 3 -18.35 12.58 -11.98
C SER A 3 -17.07 13.34 -11.64
N GLY A 4 -16.73 14.31 -12.49
CA GLY A 4 -15.54 15.11 -12.25
C GLY A 4 -14.31 14.52 -12.93
N SER A 5 -13.21 14.45 -12.18
CA SER A 5 -11.96 13.92 -12.71
C SER A 5 -11.27 13.02 -11.68
N SER A 6 -10.61 11.98 -12.15
CA SER A 6 -9.90 11.05 -11.27
C SER A 6 -8.48 11.53 -11.01
N GLY A 7 -8.34 12.83 -10.75
CA GLY A 7 -7.03 13.39 -10.48
C GLY A 7 -6.30 13.79 -11.75
N PRO A 8 -4.97 13.74 -11.71
CA PRO A 8 -4.12 14.09 -12.85
C PRO A 8 -4.23 13.09 -13.99
N ILE A 9 -3.82 13.51 -15.19
CA ILE A 9 -3.87 12.64 -16.36
C ILE A 9 -2.93 11.45 -16.21
N LYS A 10 -3.47 10.36 -15.64
CA LYS A 10 -2.68 9.16 -15.43
C LYS A 10 -3.53 7.91 -15.65
N VAL A 11 -2.88 6.77 -15.84
CA VAL A 11 -3.58 5.51 -16.06
C VAL A 11 -4.58 5.23 -14.94
N ASP A 12 -5.75 4.73 -15.31
CA ASP A 12 -6.79 4.42 -14.34
C ASP A 12 -7.83 3.48 -14.94
N GLY A 13 -8.26 2.50 -14.16
CA GLY A 13 -9.24 1.55 -14.64
C GLY A 13 -10.53 1.61 -13.85
N ALA A 14 -11.51 0.80 -14.26
CA ALA A 14 -12.81 0.77 -13.59
C ALA A 14 -12.68 0.23 -12.17
N ASN A 15 -12.26 -1.04 -12.06
CA ASN A 15 -12.09 -1.67 -10.76
C ASN A 15 -10.61 -1.86 -10.43
N ILE A 16 -10.17 -1.23 -9.35
CA ILE A 16 -8.78 -1.34 -8.94
C ILE A 16 -8.29 -2.78 -9.01
N ASN A 17 -7.12 -2.95 -9.62
CA ASN A 17 -6.53 -4.29 -9.77
C ASN A 17 -5.44 -4.52 -8.72
N ILE A 18 -5.75 -5.37 -7.74
CA ILE A 18 -4.80 -5.68 -6.69
C ILE A 18 -3.89 -6.84 -7.09
N THR A 19 -2.62 -6.75 -6.69
CA THR A 19 -1.65 -7.79 -7.01
C THR A 19 -0.68 -8.00 -5.85
N ALA A 20 -0.11 -9.20 -5.77
CA ALA A 20 0.83 -9.54 -4.71
C ALA A 20 1.87 -8.43 -4.54
N ALA A 21 2.29 -7.84 -5.65
CA ALA A 21 3.28 -6.77 -5.62
C ALA A 21 2.95 -5.75 -4.54
N ILE A 22 1.66 -5.51 -4.32
CA ILE A 22 1.21 -4.56 -3.32
C ILE A 22 2.04 -4.69 -2.04
N TYR A 23 2.42 -5.92 -1.70
CA TYR A 23 3.20 -6.17 -0.50
C TYR A 23 4.59 -5.52 -0.61
N ASP A 24 5.25 -5.74 -1.75
CA ASP A 24 6.57 -5.18 -1.98
C ASP A 24 6.53 -3.66 -1.95
N GLU A 25 5.51 -3.08 -2.56
CA GLU A 25 5.35 -1.63 -2.59
C GLU A 25 5.29 -1.06 -1.19
N ILE A 26 4.66 -1.79 -0.28
CA ILE A 26 4.54 -1.35 1.11
C ILE A 26 5.90 -1.29 1.79
N GLN A 27 6.74 -2.28 1.50
CA GLN A 27 8.07 -2.35 2.09
C GLN A 27 8.92 -1.15 1.65
N GLN A 28 8.94 -0.91 0.35
CA GLN A 28 9.71 0.21 -0.20
C GLN A 28 9.09 1.54 0.20
N GLU A 29 7.79 1.67 -0.02
CA GLU A 29 7.07 2.91 0.31
C GLU A 29 7.49 3.41 1.69
N MET A 30 7.79 2.48 2.59
CA MET A 30 8.19 2.83 3.95
C MET A 30 9.55 3.54 3.95
N LYS A 31 10.59 2.79 3.61
CA LYS A 31 11.94 3.34 3.57
C LYS A 31 11.95 4.71 2.88
N ARG A 32 10.99 4.92 2.00
CA ARG A 32 10.88 6.18 1.28
C ARG A 32 10.39 7.31 2.19
N ALA A 33 9.41 6.98 3.04
CA ALA A 33 8.84 7.94 3.97
C ALA A 33 9.41 7.75 5.37
N LYS A 34 10.37 6.84 5.49
CA LYS A 34 11.00 6.57 6.78
C LYS A 34 9.94 6.26 7.85
N VAL A 35 8.93 5.49 7.46
CA VAL A 35 7.86 5.13 8.38
C VAL A 35 7.97 3.67 8.81
N SER A 36 7.18 3.28 9.80
CA SER A 36 7.19 1.91 10.31
C SER A 36 5.93 1.16 9.88
N GLN A 37 6.04 -0.15 9.76
CA GLN A 37 4.91 -0.99 9.36
C GLN A 37 3.64 -0.58 10.10
N ALA A 38 3.81 -0.16 11.35
CA ALA A 38 2.67 0.25 12.18
C ALA A 38 2.05 1.54 11.64
N LEU A 39 2.90 2.50 11.27
CA LEU A 39 2.44 3.78 10.75
C LEU A 39 1.78 3.60 9.38
N PHE A 40 2.56 3.16 8.40
CA PHE A 40 2.05 2.95 7.06
C PHE A 40 0.70 2.24 7.09
N ALA A 41 0.56 1.28 8.02
CA ALA A 41 -0.68 0.53 8.16
C ALA A 41 -1.72 1.33 8.93
N LYS A 42 -1.25 2.25 9.76
CA LYS A 42 -2.15 3.09 10.57
C LYS A 42 -2.63 4.29 9.75
N VAL A 43 -1.86 4.67 8.74
CA VAL A 43 -2.22 5.80 7.88
C VAL A 43 -2.77 5.32 6.55
N ALA A 44 -2.52 4.06 6.23
CA ALA A 44 -2.99 3.48 4.97
C ALA A 44 -4.31 2.74 5.17
N ALA A 45 -4.29 1.73 6.02
CA ALA A 45 -5.48 0.93 6.30
C ALA A 45 -6.02 1.22 7.70
N ASN A 46 -5.28 2.04 8.45
CA ASN A 46 -5.68 2.40 9.80
C ASN A 46 -5.73 1.16 10.70
N LYS A 47 -4.88 0.18 10.40
CA LYS A 47 -4.83 -1.05 11.18
C LYS A 47 -3.61 -1.05 12.10
N SER A 48 -3.43 -2.15 12.84
CA SER A 48 -2.31 -2.28 13.75
C SER A 48 -1.12 -2.95 13.07
N GLN A 49 0.08 -2.59 13.51
CA GLN A 49 1.30 -3.17 12.94
C GLN A 49 1.15 -4.66 12.70
N GLY A 50 0.70 -5.37 13.73
CA GLY A 50 0.51 -6.81 13.63
C GLY A 50 -0.23 -7.19 12.36
N TRP A 51 -1.18 -6.36 11.96
CA TRP A 51 -1.96 -6.62 10.76
C TRP A 51 -1.15 -6.36 9.49
N LEU A 52 -0.17 -5.47 9.61
CA LEU A 52 0.69 -5.12 8.48
C LEU A 52 1.87 -6.09 8.37
N CYS A 53 2.66 -6.18 9.44
CA CYS A 53 3.81 -7.06 9.47
C CYS A 53 3.47 -8.41 8.85
N GLU A 54 2.38 -9.01 9.32
CA GLU A 54 1.94 -10.31 8.82
C GLU A 54 1.85 -10.30 7.30
N LEU A 55 1.09 -9.35 6.76
CA LEU A 55 0.91 -9.24 5.33
C LEU A 55 2.24 -9.43 4.59
N LEU A 56 3.27 -8.76 5.09
CA LEU A 56 4.60 -8.86 4.49
C LEU A 56 5.23 -10.22 4.79
N ARG A 57 4.79 -10.86 5.86
CA ARG A 57 5.31 -12.16 6.25
C ARG A 57 4.69 -13.27 5.42
N TRP A 58 3.37 -13.40 5.49
CA TRP A 58 2.67 -14.42 4.74
C TRP A 58 2.55 -14.04 3.27
N LYS A 59 2.25 -12.77 3.02
CA LYS A 59 2.11 -12.27 1.66
C LYS A 59 1.19 -13.16 0.84
N GLU A 60 0.03 -13.50 1.41
CA GLU A 60 -0.94 -14.35 0.73
C GLU A 60 -1.22 -13.83 -0.68
N ASN A 61 -2.16 -14.48 -1.36
CA ASN A 61 -2.53 -14.08 -2.72
C ASN A 61 -3.81 -13.25 -2.72
N PRO A 62 -3.69 -11.98 -3.13
CA PRO A 62 -4.82 -11.05 -3.19
C PRO A 62 -5.82 -11.42 -4.28
N SER A 63 -7.10 -11.22 -3.99
CA SER A 63 -8.15 -11.54 -4.95
C SER A 63 -9.47 -10.88 -4.54
N PRO A 64 -10.36 -10.69 -5.52
CA PRO A 64 -11.67 -10.08 -5.30
C PRO A 64 -12.60 -10.97 -4.48
N GLU A 65 -12.11 -12.15 -4.11
CA GLU A 65 -12.89 -13.10 -3.33
C GLU A 65 -12.73 -12.84 -1.82
N ASN A 66 -11.50 -12.52 -1.42
CA ASN A 66 -11.20 -12.25 -0.03
C ASN A 66 -11.58 -10.83 0.36
N ARG A 67 -12.62 -10.70 1.18
CA ARG A 67 -13.09 -9.38 1.61
C ARG A 67 -12.12 -8.75 2.59
N THR A 68 -12.02 -9.33 3.78
CA THR A 68 -11.13 -8.82 4.81
C THR A 68 -9.76 -8.47 4.23
N LEU A 69 -9.37 -9.18 3.17
CA LEU A 69 -8.10 -8.94 2.52
C LEU A 69 -8.24 -7.90 1.41
N TRP A 70 -8.96 -8.27 0.36
CA TRP A 70 -9.18 -7.38 -0.77
C TRP A 70 -9.55 -5.98 -0.30
N GLU A 71 -10.50 -5.89 0.62
CA GLU A 71 -10.94 -4.61 1.16
C GLU A 71 -9.75 -3.76 1.58
N ASN A 72 -9.08 -4.18 2.66
CA ASN A 72 -7.92 -3.47 3.17
C ASN A 72 -6.91 -3.21 2.06
N LEU A 73 -6.48 -4.27 1.40
CA LEU A 73 -5.50 -4.16 0.32
C LEU A 73 -5.96 -3.15 -0.72
N CYS A 74 -7.24 -2.83 -0.70
CA CYS A 74 -7.81 -1.87 -1.64
C CYS A 74 -7.46 -0.44 -1.24
N THR A 75 -7.68 -0.11 0.03
CA THR A 75 -7.39 1.21 0.55
C THR A 75 -5.89 1.51 0.50
N ILE A 76 -5.08 0.49 0.81
CA ILE A 76 -3.63 0.63 0.80
C ILE A 76 -3.10 0.81 -0.62
N ARG A 77 -3.82 0.25 -1.59
CA ARG A 77 -3.42 0.34 -2.98
C ARG A 77 -3.58 1.77 -3.49
N ARG A 78 -4.56 2.48 -2.96
CA ARG A 78 -4.82 3.85 -3.37
C ARG A 78 -3.81 4.81 -2.73
N PHE A 79 -3.35 4.46 -1.54
CA PHE A 79 -2.38 5.29 -0.82
C PHE A 79 -1.07 5.38 -1.59
N LEU A 80 -0.60 4.24 -2.08
CA LEU A 80 0.65 4.20 -2.84
C LEU A 80 0.53 5.00 -4.12
N ASN A 81 -0.66 5.02 -4.70
CA ASN A 81 -0.90 5.77 -5.93
C ASN A 81 -0.67 7.25 -5.73
N LEU A 82 -0.79 7.70 -4.48
CA LEU A 82 -0.59 9.11 -4.15
C LEU A 82 0.86 9.53 -4.41
N PRO A 83 1.05 10.81 -4.75
CA PRO A 83 2.38 11.37 -5.02
C PRO A 83 3.24 11.46 -3.77
N GLN A 84 4.56 11.38 -3.94
CA GLN A 84 5.48 11.45 -2.83
C GLN A 84 5.17 12.66 -1.95
N HIS A 85 4.86 13.78 -2.58
CA HIS A 85 4.54 15.01 -1.85
C HIS A 85 3.30 14.82 -0.99
N GLU A 86 2.44 13.88 -1.38
CA GLU A 86 1.22 13.60 -0.64
C GLU A 86 1.48 12.64 0.51
N ARG A 87 1.85 11.41 0.17
CA ARG A 87 2.13 10.39 1.17
C ARG A 87 3.01 10.95 2.29
N ASP A 88 4.06 11.67 1.89
CA ASP A 88 4.98 12.26 2.86
C ASP A 88 4.23 13.13 3.86
N VAL A 89 3.20 13.83 3.37
CA VAL A 89 2.41 14.70 4.23
C VAL A 89 1.65 13.90 5.29
N ILE A 90 0.97 12.84 4.85
CA ILE A 90 0.21 11.99 5.75
C ILE A 90 1.08 11.50 6.90
N TYR A 91 2.22 10.91 6.56
CA TYR A 91 3.14 10.39 7.56
C TYR A 91 3.57 11.49 8.53
N GLU A 92 3.82 12.68 7.99
CA GLU A 92 4.24 13.82 8.81
C GLU A 92 3.13 14.22 9.79
N GLU A 93 1.94 14.47 9.25
CA GLU A 93 0.80 14.87 10.07
C GLU A 93 0.51 13.82 11.15
N GLU A 94 0.49 12.56 10.74
CA GLU A 94 0.23 11.46 11.65
C GLU A 94 1.29 11.40 12.75
N SER A 95 2.50 10.96 12.38
CA SER A 95 3.60 10.85 13.32
C SER A 95 4.71 11.84 12.99
N SER A 96 5.54 12.16 13.97
CA SER A 96 6.63 13.09 13.78
C SER A 96 7.97 12.36 13.72
N GLY A 97 8.37 11.98 12.50
CA GLY A 97 9.63 11.28 12.33
C GLY A 97 10.74 12.19 11.86
N PRO A 98 11.98 11.89 12.31
CA PRO A 98 13.16 12.68 11.95
C PRO A 98 13.55 12.52 10.50
N SER A 99 13.54 13.63 9.76
CA SER A 99 13.89 13.60 8.34
C SER A 99 15.40 13.51 8.16
N SER A 100 15.95 12.30 8.32
CA SER A 100 17.38 12.09 8.17
C SER A 100 17.68 10.63 7.86
N GLY A 101 18.40 10.39 6.78
CA GLY A 101 18.74 9.03 6.40
C GLY A 101 19.73 8.39 7.34
N GLY A 1 5.50 -2.34 -12.86
CA GLY A 1 6.07 -1.59 -13.96
C GLY A 1 7.58 -1.49 -13.86
N SER A 2 8.24 -1.40 -15.02
CA SER A 2 9.70 -1.29 -15.06
C SER A 2 10.14 -0.09 -15.87
N SER A 3 11.08 0.68 -15.34
CA SER A 3 11.58 1.86 -16.02
C SER A 3 12.54 1.48 -17.14
N GLY A 4 12.60 2.32 -18.17
CA GLY A 4 13.48 2.05 -19.30
C GLY A 4 12.71 1.69 -20.56
N SER A 5 12.02 0.56 -20.53
CA SER A 5 11.25 0.11 -21.68
C SER A 5 9.78 -0.08 -21.31
N SER A 6 8.96 -0.35 -22.31
CA SER A 6 7.53 -0.55 -22.10
C SER A 6 6.99 -1.70 -22.95
N GLY A 7 5.91 -2.31 -22.50
CA GLY A 7 5.33 -3.42 -23.23
C GLY A 7 3.85 -3.23 -23.48
N PRO A 8 3.13 -4.35 -23.71
CA PRO A 8 1.69 -4.33 -23.96
C PRO A 8 0.89 -3.95 -22.72
N ILE A 9 0.17 -2.84 -22.81
CA ILE A 9 -0.65 -2.37 -21.70
C ILE A 9 -1.55 -3.48 -21.17
N LYS A 10 -1.30 -3.91 -19.93
CA LYS A 10 -2.09 -4.96 -19.31
C LYS A 10 -3.56 -4.57 -19.24
N VAL A 11 -4.44 -5.51 -19.59
CA VAL A 11 -5.87 -5.27 -19.56
C VAL A 11 -6.32 -4.73 -18.20
N ASP A 12 -7.21 -3.75 -18.23
CA ASP A 12 -7.72 -3.14 -17.00
C ASP A 12 -9.11 -2.56 -17.22
N GLY A 13 -10.03 -2.88 -16.32
CA GLY A 13 -11.39 -2.38 -16.43
C GLY A 13 -11.57 -1.04 -15.73
N ALA A 14 -12.77 -0.81 -15.21
CA ALA A 14 -13.07 0.43 -14.52
C ALA A 14 -13.04 0.24 -13.01
N ASN A 15 -12.08 -0.53 -12.53
CA ASN A 15 -11.93 -0.80 -11.11
C ASN A 15 -10.47 -0.95 -10.71
N ILE A 16 -10.22 -1.08 -9.42
CA ILE A 16 -8.86 -1.23 -8.91
C ILE A 16 -8.39 -2.67 -9.04
N ASN A 17 -7.10 -2.85 -9.32
CA ASN A 17 -6.52 -4.17 -9.47
C ASN A 17 -5.43 -4.41 -8.43
N ILE A 18 -5.75 -5.23 -7.42
CA ILE A 18 -4.80 -5.54 -6.36
C ILE A 18 -3.92 -6.73 -6.74
N THR A 19 -2.61 -6.54 -6.66
CA THR A 19 -1.66 -7.60 -6.99
C THR A 19 -0.68 -7.84 -5.85
N ALA A 20 -0.07 -9.02 -5.83
CA ALA A 20 0.89 -9.37 -4.79
C ALA A 20 1.89 -8.25 -4.57
N ALA A 21 2.26 -7.57 -5.66
CA ALA A 21 3.21 -6.47 -5.58
C ALA A 21 2.85 -5.51 -4.45
N ILE A 22 1.56 -5.33 -4.22
CA ILE A 22 1.08 -4.45 -3.16
C ILE A 22 1.94 -4.58 -1.90
N TYR A 23 2.35 -5.81 -1.60
CA TYR A 23 3.16 -6.07 -0.43
C TYR A 23 4.54 -5.43 -0.57
N ASP A 24 5.18 -5.65 -1.71
CA ASP A 24 6.51 -5.09 -1.97
C ASP A 24 6.47 -3.57 -1.90
N GLU A 25 5.44 -2.97 -2.48
CA GLU A 25 5.29 -1.52 -2.49
C GLU A 25 5.24 -0.98 -1.07
N ILE A 26 4.56 -1.71 -0.18
CA ILE A 26 4.43 -1.29 1.21
C ILE A 26 5.79 -1.23 1.89
N GLN A 27 6.64 -2.23 1.61
CA GLN A 27 7.97 -2.28 2.19
C GLN A 27 8.80 -1.05 1.79
N GLN A 28 8.91 -0.82 0.48
CA GLN A 28 9.67 0.31 -0.03
C GLN A 28 9.03 1.63 0.41
N GLU A 29 7.73 1.76 0.18
CA GLU A 29 7.01 2.98 0.55
C GLU A 29 7.39 3.43 1.96
N MET A 30 7.63 2.46 2.83
CA MET A 30 8.01 2.75 4.21
C MET A 30 9.40 3.36 4.28
N LYS A 31 10.39 2.65 3.73
CA LYS A 31 11.77 3.13 3.74
C LYS A 31 11.88 4.46 3.01
N ARG A 32 10.99 4.69 2.05
CA ARG A 32 10.98 5.93 1.28
C ARG A 32 10.36 7.06 2.07
N ALA A 33 9.30 6.75 2.81
CA ALA A 33 8.61 7.74 3.63
C ALA A 33 9.20 7.81 5.03
N LYS A 34 10.09 6.88 5.35
CA LYS A 34 10.73 6.83 6.65
C LYS A 34 9.70 6.57 7.75
N VAL A 35 8.85 5.58 7.54
CA VAL A 35 7.82 5.22 8.50
C VAL A 35 7.98 3.78 8.97
N SER A 36 7.06 3.33 9.81
CA SER A 36 7.10 1.97 10.34
C SER A 36 5.85 1.19 9.93
N GLN A 37 5.98 -0.13 9.85
CA GLN A 37 4.85 -0.99 9.48
C GLN A 37 3.59 -0.58 10.23
N ALA A 38 3.76 -0.14 11.48
CA ALA A 38 2.63 0.28 12.30
C ALA A 38 2.00 1.56 11.76
N LEU A 39 2.84 2.51 11.37
CA LEU A 39 2.37 3.78 10.84
C LEU A 39 1.71 3.59 9.48
N PHE A 40 2.50 3.15 8.51
CA PHE A 40 1.99 2.92 7.16
C PHE A 40 0.64 2.20 7.19
N ALA A 41 0.50 1.27 8.14
CA ALA A 41 -0.73 0.51 8.28
C ALA A 41 -1.79 1.32 9.03
N LYS A 42 -1.34 2.27 9.85
CA LYS A 42 -2.24 3.10 10.62
C LYS A 42 -2.74 4.28 9.79
N VAL A 43 -1.94 4.67 8.79
CA VAL A 43 -2.31 5.77 7.91
C VAL A 43 -2.83 5.27 6.58
N ALA A 44 -2.63 3.98 6.31
CA ALA A 44 -3.08 3.38 5.07
C ALA A 44 -4.37 2.60 5.28
N ALA A 45 -4.32 1.57 6.13
CA ALA A 45 -5.48 0.76 6.41
C ALA A 45 -6.02 1.04 7.81
N ASN A 46 -5.33 1.91 8.54
CA ASN A 46 -5.75 2.28 9.89
C ASN A 46 -5.77 1.04 10.79
N LYS A 47 -4.98 0.04 10.44
CA LYS A 47 -4.90 -1.19 11.21
C LYS A 47 -3.67 -1.18 12.14
N SER A 48 -3.46 -2.28 12.84
CA SER A 48 -2.33 -2.40 13.74
C SER A 48 -1.15 -3.08 13.06
N GLN A 49 0.06 -2.69 13.46
CA GLN A 49 1.27 -3.27 12.89
C GLN A 49 1.12 -4.77 12.67
N GLY A 50 0.71 -5.48 13.72
CA GLY A 50 0.53 -6.92 13.62
C GLY A 50 -0.22 -7.32 12.36
N TRP A 51 -1.19 -6.51 11.97
CA TRP A 51 -1.99 -6.79 10.78
C TRP A 51 -1.20 -6.47 9.51
N LEU A 52 -0.24 -5.55 9.62
CA LEU A 52 0.59 -5.16 8.49
C LEU A 52 1.78 -6.10 8.33
N CYS A 53 2.60 -6.18 9.37
CA CYS A 53 3.77 -7.05 9.35
C CYS A 53 3.44 -8.40 8.73
N GLU A 54 2.38 -9.02 9.21
CA GLU A 54 1.96 -10.32 8.71
C GLU A 54 1.82 -10.30 7.19
N LEU A 55 1.02 -9.36 6.69
CA LEU A 55 0.81 -9.23 5.25
C LEU A 55 2.11 -9.38 4.49
N LEU A 56 3.15 -8.71 4.96
CA LEU A 56 4.47 -8.78 4.33
C LEU A 56 5.14 -10.12 4.61
N ARG A 57 4.74 -10.75 5.71
CA ARG A 57 5.31 -12.04 6.10
C ARG A 57 4.72 -13.17 5.25
N TRP A 58 3.40 -13.33 5.32
CA TRP A 58 2.73 -14.38 4.57
C TRP A 58 2.61 -13.99 3.10
N LYS A 59 2.32 -12.72 2.84
CA LYS A 59 2.18 -12.22 1.47
C LYS A 59 1.17 -13.06 0.69
N GLU A 60 0.06 -13.39 1.33
CA GLU A 60 -0.99 -14.18 0.69
C GLU A 60 -1.39 -13.57 -0.65
N ASN A 61 -1.72 -14.43 -1.61
CA ASN A 61 -2.13 -13.98 -2.94
C ASN A 61 -3.44 -13.20 -2.86
N PRO A 62 -3.38 -11.90 -3.20
CA PRO A 62 -4.56 -11.03 -3.18
C PRO A 62 -5.55 -11.37 -4.29
N SER A 63 -6.84 -11.28 -3.97
CA SER A 63 -7.89 -11.58 -4.94
C SER A 63 -9.20 -10.92 -4.54
N PRO A 64 -10.09 -10.71 -5.53
CA PRO A 64 -11.39 -10.08 -5.31
C PRO A 64 -12.34 -10.98 -4.53
N GLU A 65 -11.86 -12.18 -4.17
CA GLU A 65 -12.67 -13.13 -3.42
C GLU A 65 -12.55 -12.89 -1.92
N ASN A 66 -11.32 -12.59 -1.48
CA ASN A 66 -11.07 -12.33 -0.07
C ASN A 66 -11.48 -10.92 0.32
N ARG A 67 -12.53 -10.81 1.12
CA ARG A 67 -13.02 -9.51 1.55
C ARG A 67 -12.07 -8.87 2.56
N THR A 68 -11.99 -9.47 3.75
CA THR A 68 -11.11 -8.96 4.79
C THR A 68 -9.75 -8.57 4.23
N LEU A 69 -9.33 -9.25 3.17
CA LEU A 69 -8.04 -8.97 2.54
C LEU A 69 -8.20 -7.92 1.45
N TRP A 70 -8.90 -8.28 0.38
CA TRP A 70 -9.12 -7.37 -0.73
C TRP A 70 -9.53 -5.99 -0.24
N GLU A 71 -10.52 -5.96 0.65
CA GLU A 71 -11.01 -4.70 1.20
C GLU A 71 -9.86 -3.83 1.68
N ASN A 72 -9.16 -4.30 2.71
CA ASN A 72 -8.03 -3.56 3.27
C ASN A 72 -7.01 -3.25 2.19
N LEU A 73 -6.59 -4.27 1.46
CA LEU A 73 -5.61 -4.11 0.39
C LEU A 73 -6.09 -3.10 -0.65
N CYS A 74 -7.40 -2.83 -0.64
CA CYS A 74 -7.98 -1.87 -1.58
C CYS A 74 -7.65 -0.44 -1.16
N THR A 75 -7.83 -0.14 0.11
CA THR A 75 -7.56 1.20 0.63
C THR A 75 -6.06 1.50 0.60
N ILE A 76 -5.26 0.51 0.95
CA ILE A 76 -3.81 0.67 0.96
C ILE A 76 -3.27 0.90 -0.46
N ARG A 77 -3.95 0.33 -1.44
CA ARG A 77 -3.54 0.47 -2.83
C ARG A 77 -3.70 1.91 -3.30
N ARG A 78 -4.80 2.54 -2.88
CA ARG A 78 -5.07 3.93 -3.26
C ARG A 78 -4.04 4.87 -2.65
N PHE A 79 -3.56 4.52 -1.46
CA PHE A 79 -2.57 5.34 -0.77
C PHE A 79 -1.28 5.46 -1.59
N LEU A 80 -0.74 4.32 -2.01
CA LEU A 80 0.47 4.29 -2.81
C LEU A 80 0.31 5.08 -4.10
N ASN A 81 -0.91 5.05 -4.64
CA ASN A 81 -1.20 5.77 -5.88
C ASN A 81 -0.97 7.27 -5.72
N LEU A 82 -0.81 7.70 -4.46
CA LEU A 82 -0.58 9.12 -4.17
C LEU A 82 0.87 9.49 -4.47
N PRO A 83 1.09 10.78 -4.78
CA PRO A 83 2.42 11.30 -5.09
C PRO A 83 3.33 11.34 -3.86
N GLN A 84 4.63 11.15 -4.09
CA GLN A 84 5.60 11.17 -3.00
C GLN A 84 5.38 12.36 -2.09
N HIS A 85 5.15 13.53 -2.68
CA HIS A 85 4.91 14.75 -1.92
C HIS A 85 3.69 14.60 -1.01
N GLU A 86 2.76 13.75 -1.41
CA GLU A 86 1.55 13.52 -0.63
C GLU A 86 1.83 12.54 0.52
N ARG A 87 2.11 11.29 0.17
CA ARG A 87 2.40 10.27 1.17
C ARG A 87 3.26 10.83 2.29
N ASP A 88 4.30 11.57 1.93
CA ASP A 88 5.20 12.15 2.91
C ASP A 88 4.43 13.04 3.89
N VAL A 89 3.48 13.79 3.37
CA VAL A 89 2.67 14.68 4.21
C VAL A 89 1.85 13.89 5.22
N ILE A 90 1.13 12.88 4.73
CA ILE A 90 0.31 12.04 5.58
C ILE A 90 1.11 11.50 6.76
N TYR A 91 2.25 10.90 6.46
CA TYR A 91 3.11 10.34 7.49
C TYR A 91 3.60 11.42 8.45
N GLU A 92 4.01 12.56 7.90
CA GLU A 92 4.50 13.67 8.70
C GLU A 92 3.42 14.14 9.67
N GLU A 93 2.29 14.57 9.13
CA GLU A 93 1.19 15.06 9.95
C GLU A 93 0.81 14.03 11.02
N GLU A 94 0.80 12.76 10.63
CA GLU A 94 0.46 11.68 11.55
C GLU A 94 1.51 11.54 12.64
N SER A 95 2.71 11.13 12.25
CA SER A 95 3.80 10.96 13.20
C SER A 95 5.03 11.75 12.76
N SER A 96 5.42 12.73 13.58
CA SER A 96 6.58 13.56 13.29
C SER A 96 7.83 12.71 13.05
N GLY A 97 8.50 12.95 11.93
CA GLY A 97 9.70 12.20 11.62
C GLY A 97 10.78 13.06 11.00
N PRO A 98 12.05 12.65 11.18
CA PRO A 98 13.20 13.38 10.65
C PRO A 98 13.29 13.31 9.13
N SER A 99 13.58 14.44 8.51
CA SER A 99 13.69 14.51 7.05
C SER A 99 14.69 13.49 6.53
N SER A 100 14.75 13.33 5.21
CA SER A 100 15.67 12.38 4.59
C SER A 100 16.94 13.09 4.12
N GLY A 101 17.90 12.31 3.63
CA GLY A 101 19.15 12.87 3.15
C GLY A 101 20.31 12.56 4.08
N GLY A 1 -4.98 5.81 -36.45
CA GLY A 1 -3.71 6.31 -35.97
C GLY A 1 -2.58 6.06 -36.94
N SER A 2 -1.92 7.13 -37.37
CA SER A 2 -0.82 7.03 -38.32
C SER A 2 0.52 6.96 -37.58
N SER A 3 0.68 7.82 -36.59
CA SER A 3 1.92 7.86 -35.81
C SER A 3 2.09 6.59 -34.98
N GLY A 4 3.31 6.08 -34.94
CA GLY A 4 3.59 4.87 -34.18
C GLY A 4 3.48 5.08 -32.69
N SER A 5 2.31 4.80 -32.13
CA SER A 5 2.08 4.97 -30.70
C SER A 5 1.91 3.62 -30.01
N SER A 6 2.76 3.34 -29.03
CA SER A 6 2.71 2.08 -28.30
C SER A 6 1.34 1.90 -27.65
N GLY A 7 0.92 2.88 -26.88
CA GLY A 7 -0.38 2.80 -26.21
C GLY A 7 -0.43 3.66 -24.95
N PRO A 8 -1.44 4.55 -24.88
CA PRO A 8 -1.62 5.43 -23.73
C PRO A 8 -2.06 4.68 -22.48
N ILE A 9 -1.34 4.89 -21.38
CA ILE A 9 -1.66 4.24 -20.12
C ILE A 9 -3.00 4.71 -19.58
N LYS A 10 -3.82 3.75 -19.13
CA LYS A 10 -5.13 4.07 -18.58
C LYS A 10 -5.10 4.06 -17.06
N VAL A 11 -5.62 5.13 -16.45
CA VAL A 11 -5.65 5.24 -15.00
C VAL A 11 -7.06 4.99 -14.47
N ASP A 12 -8.06 5.42 -15.22
CA ASP A 12 -9.45 5.24 -14.82
C ASP A 12 -9.87 3.78 -14.98
N GLY A 13 -9.61 3.20 -16.14
CA GLY A 13 -9.96 1.82 -16.39
C GLY A 13 -11.35 1.48 -15.88
N ALA A 14 -11.47 0.33 -15.25
CA ALA A 14 -12.76 -0.12 -14.71
C ALA A 14 -12.70 -0.23 -13.19
N ASN A 15 -11.85 -1.12 -12.69
CA ASN A 15 -11.70 -1.32 -11.26
C ASN A 15 -10.23 -1.48 -10.88
N ILE A 16 -9.94 -1.33 -9.59
CA ILE A 16 -8.58 -1.46 -9.09
C ILE A 16 -8.10 -2.90 -9.14
N ASN A 17 -6.93 -3.12 -9.72
CA ASN A 17 -6.36 -4.45 -9.83
C ASN A 17 -5.30 -4.68 -8.77
N ILE A 18 -5.66 -5.40 -7.71
CA ILE A 18 -4.74 -5.69 -6.63
C ILE A 18 -3.84 -6.86 -6.97
N THR A 19 -2.56 -6.74 -6.63
CA THR A 19 -1.58 -7.79 -6.90
C THR A 19 -0.65 -8.00 -5.72
N ALA A 20 -0.14 -9.23 -5.58
CA ALA A 20 0.77 -9.56 -4.50
C ALA A 20 1.84 -8.49 -4.33
N ALA A 21 2.23 -7.87 -5.43
CA ALA A 21 3.25 -6.83 -5.40
C ALA A 21 2.93 -5.77 -4.35
N ILE A 22 1.64 -5.48 -4.20
CA ILE A 22 1.20 -4.49 -3.22
C ILE A 22 1.98 -4.62 -1.92
N TYR A 23 2.41 -5.82 -1.61
CA TYR A 23 3.16 -6.08 -0.39
C TYR A 23 4.56 -5.46 -0.47
N ASP A 24 5.23 -5.68 -1.59
CA ASP A 24 6.57 -5.14 -1.80
C ASP A 24 6.56 -3.61 -1.74
N GLU A 25 5.63 -3.01 -2.48
CA GLU A 25 5.51 -1.56 -2.52
C GLU A 25 5.42 -0.98 -1.10
N ILE A 26 4.76 -1.71 -0.21
CA ILE A 26 4.60 -1.27 1.17
C ILE A 26 5.95 -1.23 1.88
N GLN A 27 6.80 -2.19 1.57
CA GLN A 27 8.13 -2.27 2.18
C GLN A 27 8.98 -1.06 1.80
N GLN A 28 9.12 -0.85 0.49
CA GLN A 28 9.91 0.27 -0.02
C GLN A 28 9.26 1.61 0.34
N GLU A 29 7.96 1.70 0.09
CA GLU A 29 7.22 2.93 0.39
C GLU A 29 7.57 3.45 1.77
N MET A 30 7.79 2.53 2.72
CA MET A 30 8.14 2.91 4.08
C MET A 30 9.56 3.48 4.14
N LYS A 31 10.53 2.72 3.67
CA LYS A 31 11.92 3.14 3.67
C LYS A 31 12.07 4.51 3.00
N ARG A 32 11.12 4.83 2.12
CA ARG A 32 11.15 6.10 1.41
C ARG A 32 10.57 7.22 2.26
N ALA A 33 9.50 6.91 2.99
CA ALA A 33 8.85 7.89 3.86
C ALA A 33 9.49 7.91 5.24
N LYS A 34 10.33 6.91 5.52
CA LYS A 34 11.01 6.81 6.80
C LYS A 34 10.01 6.53 7.92
N VAL A 35 9.13 5.56 7.69
CA VAL A 35 8.13 5.19 8.68
C VAL A 35 8.25 3.72 9.05
N SER A 36 7.32 3.24 9.88
CA SER A 36 7.32 1.86 10.33
C SER A 36 6.04 1.14 9.87
N GLN A 37 6.09 -0.18 9.85
CA GLN A 37 4.94 -0.98 9.44
C GLN A 37 3.68 -0.51 10.16
N ALA A 38 3.83 -0.07 11.40
CA ALA A 38 2.71 0.39 12.20
C ALA A 38 2.15 1.70 11.64
N LEU A 39 3.03 2.64 11.34
CA LEU A 39 2.63 3.93 10.79
C LEU A 39 1.97 3.77 9.42
N PHE A 40 2.75 3.28 8.46
CA PHE A 40 2.24 3.07 7.10
C PHE A 40 0.90 2.34 7.13
N ALA A 41 0.78 1.37 8.02
CA ALA A 41 -0.46 0.60 8.15
C ALA A 41 -1.52 1.40 8.91
N LYS A 42 -1.07 2.35 9.72
CA LYS A 42 -1.98 3.17 10.51
C LYS A 42 -2.54 4.31 9.66
N VAL A 43 -1.81 4.68 8.62
CA VAL A 43 -2.24 5.75 7.72
C VAL A 43 -2.81 5.20 6.43
N ALA A 44 -2.49 3.94 6.14
CA ALA A 44 -2.97 3.29 4.93
C ALA A 44 -4.25 2.52 5.20
N ALA A 45 -4.16 1.50 6.05
CA ALA A 45 -5.32 0.68 6.40
C ALA A 45 -5.82 1.00 7.80
N ASN A 46 -5.10 1.87 8.50
CA ASN A 46 -5.47 2.24 9.86
C ASN A 46 -5.53 1.03 10.77
N LYS A 47 -4.69 0.03 10.47
CA LYS A 47 -4.65 -1.18 11.28
C LYS A 47 -3.42 -1.20 12.18
N SER A 48 -3.28 -2.26 12.96
CA SER A 48 -2.16 -2.40 13.88
C SER A 48 -0.96 -3.04 13.18
N GLN A 49 0.23 -2.58 13.53
CA GLN A 49 1.46 -3.10 12.94
C GLN A 49 1.33 -4.60 12.66
N GLY A 50 0.98 -5.36 13.69
CA GLY A 50 0.83 -6.79 13.53
C GLY A 50 0.06 -7.17 12.28
N TRP A 51 -1.01 -6.43 12.00
CA TRP A 51 -1.83 -6.69 10.83
C TRP A 51 -1.06 -6.40 9.55
N LEU A 52 -0.10 -5.48 9.64
CA LEU A 52 0.71 -5.11 8.49
C LEU A 52 1.87 -6.08 8.31
N CYS A 53 2.72 -6.17 9.34
CA CYS A 53 3.87 -7.06 9.30
C CYS A 53 3.50 -8.40 8.68
N GLU A 54 2.44 -9.01 9.18
CA GLU A 54 1.98 -10.30 8.67
C GLU A 54 1.83 -10.26 7.16
N LEU A 55 1.02 -9.32 6.68
CA LEU A 55 0.78 -9.17 5.24
C LEU A 55 2.07 -9.35 4.45
N LEU A 56 3.15 -8.75 4.96
CA LEU A 56 4.46 -8.83 4.30
C LEU A 56 5.12 -10.17 4.59
N ARG A 57 4.75 -10.79 5.71
CA ARG A 57 5.31 -12.08 6.10
C ARG A 57 4.70 -13.20 5.28
N TRP A 58 3.38 -13.34 5.36
CA TRP A 58 2.67 -14.39 4.63
C TRP A 58 2.53 -14.02 3.16
N LYS A 59 2.13 -12.77 2.89
CA LYS A 59 1.96 -12.30 1.53
C LYS A 59 0.97 -13.18 0.76
N GLU A 60 -0.17 -13.44 1.38
CA GLU A 60 -1.20 -14.27 0.76
C GLU A 60 -1.53 -13.76 -0.64
N ASN A 61 -2.31 -14.55 -1.37
CA ASN A 61 -2.69 -14.18 -2.74
C ASN A 61 -3.95 -13.32 -2.74
N PRO A 62 -3.78 -12.04 -3.12
CA PRO A 62 -4.88 -11.07 -3.17
C PRO A 62 -5.86 -11.38 -4.30
N SER A 63 -7.15 -11.18 -4.03
CA SER A 63 -8.18 -11.43 -5.02
C SER A 63 -9.50 -10.76 -4.62
N PRO A 64 -10.37 -10.54 -5.61
CA PRO A 64 -11.68 -9.91 -5.39
C PRO A 64 -12.63 -10.81 -4.61
N GLU A 65 -12.16 -12.00 -4.26
CA GLU A 65 -12.98 -12.96 -3.51
C GLU A 65 -12.82 -12.74 -2.01
N ASN A 66 -11.61 -12.42 -1.58
CA ASN A 66 -11.33 -12.19 -0.17
C ASN A 66 -11.70 -10.77 0.24
N ARG A 67 -12.77 -10.65 1.03
CA ARG A 67 -13.23 -9.34 1.48
C ARG A 67 -12.26 -8.74 2.49
N THR A 68 -12.18 -9.36 3.67
CA THR A 68 -11.29 -8.90 4.72
C THR A 68 -9.92 -8.52 4.17
N LEU A 69 -9.50 -9.24 3.12
CA LEU A 69 -8.20 -8.98 2.49
C LEU A 69 -8.33 -7.92 1.40
N TRP A 70 -9.03 -8.26 0.32
CA TRP A 70 -9.22 -7.34 -0.79
C TRP A 70 -9.58 -5.95 -0.28
N GLU A 71 -10.54 -5.87 0.63
CA GLU A 71 -10.97 -4.59 1.18
C GLU A 71 -9.77 -3.77 1.64
N ASN A 72 -9.11 -4.23 2.70
CA ASN A 72 -7.93 -3.53 3.23
C ASN A 72 -6.92 -3.25 2.13
N LEU A 73 -6.51 -4.30 1.43
CA LEU A 73 -5.54 -4.17 0.35
C LEU A 73 -6.00 -3.14 -0.67
N CYS A 74 -7.30 -2.84 -0.66
CA CYS A 74 -7.86 -1.87 -1.59
C CYS A 74 -7.48 -0.45 -1.19
N THR A 75 -7.72 -0.11 0.07
CA THR A 75 -7.40 1.22 0.58
C THR A 75 -5.90 1.49 0.51
N ILE A 76 -5.11 0.49 0.92
CA ILE A 76 -3.66 0.61 0.91
C ILE A 76 -3.13 0.81 -0.51
N ARG A 77 -3.82 0.23 -1.48
CA ARG A 77 -3.43 0.35 -2.88
C ARG A 77 -3.59 1.79 -3.37
N ARG A 78 -4.69 2.42 -2.97
CA ARG A 78 -4.97 3.80 -3.37
C ARG A 78 -3.97 4.76 -2.74
N PHE A 79 -3.49 4.41 -1.55
CA PHE A 79 -2.53 5.24 -0.85
C PHE A 79 -1.23 5.37 -1.63
N LEU A 80 -0.67 4.23 -2.04
CA LEU A 80 0.57 4.22 -2.81
C LEU A 80 0.41 4.99 -4.12
N ASN A 81 -0.81 4.99 -4.65
CA ASN A 81 -1.10 5.68 -5.90
C ASN A 81 -0.90 7.19 -5.74
N LEU A 82 -0.82 7.64 -4.50
CA LEU A 82 -0.64 9.06 -4.20
C LEU A 82 0.79 9.50 -4.51
N PRO A 83 0.96 10.80 -4.81
CA PRO A 83 2.28 11.36 -5.13
C PRO A 83 3.19 11.42 -3.90
N GLN A 84 4.49 11.27 -4.13
CA GLN A 84 5.46 11.31 -3.04
C GLN A 84 5.19 12.48 -2.10
N HIS A 85 4.89 13.64 -2.69
CA HIS A 85 4.62 14.84 -1.90
C HIS A 85 3.41 14.62 -1.00
N GLU A 86 2.48 13.78 -1.44
CA GLU A 86 1.27 13.49 -0.67
C GLU A 86 1.58 12.53 0.48
N ARG A 87 1.92 11.30 0.13
CA ARG A 87 2.25 10.29 1.14
C ARG A 87 3.09 10.88 2.27
N ASP A 88 4.13 11.61 1.88
CA ASP A 88 5.01 12.24 2.87
C ASP A 88 4.22 13.09 3.85
N VAL A 89 3.23 13.82 3.34
CA VAL A 89 2.40 14.67 4.18
C VAL A 89 1.61 13.84 5.20
N ILE A 90 0.94 12.81 4.72
CA ILE A 90 0.15 11.93 5.59
C ILE A 90 1.00 11.40 6.73
N TYR A 91 2.14 10.82 6.40
CA TYR A 91 3.04 10.26 7.40
C TYR A 91 3.48 11.33 8.39
N GLU A 92 3.81 12.51 7.88
CA GLU A 92 4.25 13.62 8.72
C GLU A 92 3.14 14.04 9.68
N GLU A 93 2.00 14.43 9.12
CA GLU A 93 0.86 14.85 9.92
C GLU A 93 0.54 13.82 11.00
N GLU A 94 0.49 12.55 10.61
CA GLU A 94 0.20 11.47 11.54
C GLU A 94 1.33 11.31 12.56
N SER A 95 2.48 10.86 12.09
CA SER A 95 3.64 10.66 12.96
C SER A 95 4.50 11.92 13.02
N SER A 96 4.69 12.43 14.23
CA SER A 96 5.49 13.64 14.43
C SER A 96 6.98 13.32 14.35
N GLY A 97 7.38 12.22 14.98
CA GLY A 97 8.78 11.83 14.95
C GLY A 97 9.13 11.00 13.74
N PRO A 98 10.41 10.58 13.64
CA PRO A 98 10.89 9.77 12.52
C PRO A 98 10.33 8.35 12.54
N SER A 99 9.58 8.03 13.59
CA SER A 99 8.99 6.71 13.73
C SER A 99 10.07 5.63 13.81
N SER A 100 11.12 5.92 14.57
CA SER A 100 12.22 4.98 14.73
C SER A 100 11.99 4.07 15.93
N GLY A 101 11.56 4.66 17.04
CA GLY A 101 11.30 3.88 18.24
C GLY A 101 10.10 4.38 19.01
N GLY A 1 2.37 -15.94 -43.33
CA GLY A 1 3.58 -16.30 -42.61
C GLY A 1 3.37 -17.46 -41.67
N SER A 2 4.47 -18.10 -41.25
CA SER A 2 4.40 -19.24 -40.35
C SER A 2 4.53 -18.79 -38.91
N SER A 3 3.86 -17.70 -38.57
CA SER A 3 3.90 -17.16 -37.20
C SER A 3 2.55 -17.34 -36.50
N GLY A 4 2.60 -17.87 -35.30
CA GLY A 4 1.38 -18.08 -34.54
C GLY A 4 1.60 -17.99 -33.04
N SER A 5 1.25 -16.84 -32.48
CA SER A 5 1.41 -16.62 -31.04
C SER A 5 0.06 -16.47 -30.35
N SER A 6 -0.31 -17.46 -29.55
CA SER A 6 -1.57 -17.45 -28.84
C SER A 6 -1.85 -16.07 -28.25
N GLY A 7 -3.12 -15.76 -28.05
CA GLY A 7 -3.50 -14.47 -27.49
C GLY A 7 -3.70 -14.53 -25.99
N PRO A 8 -3.08 -13.59 -25.27
CA PRO A 8 -3.18 -13.52 -23.81
C PRO A 8 -4.56 -13.08 -23.34
N ILE A 9 -5.00 -13.62 -22.21
CA ILE A 9 -6.30 -13.30 -21.65
C ILE A 9 -6.52 -11.79 -21.62
N LYS A 10 -7.52 -11.32 -22.37
CA LYS A 10 -7.84 -9.90 -22.42
C LYS A 10 -8.93 -9.55 -21.43
N VAL A 11 -8.75 -8.45 -20.71
CA VAL A 11 -9.74 -8.00 -19.73
C VAL A 11 -9.92 -6.49 -19.77
N ASP A 12 -11.14 -6.04 -19.55
CA ASP A 12 -11.44 -4.61 -19.57
C ASP A 12 -12.21 -4.20 -18.31
N GLY A 13 -11.48 -3.96 -17.23
CA GLY A 13 -12.10 -3.56 -15.98
C GLY A 13 -11.51 -2.28 -15.40
N ALA A 14 -12.34 -1.26 -15.25
CA ALA A 14 -11.89 0.01 -14.71
C ALA A 14 -11.93 0.00 -13.19
N ASN A 15 -11.50 -1.10 -12.59
CA ASN A 15 -11.49 -1.24 -11.14
C ASN A 15 -10.08 -1.48 -10.63
N ILE A 16 -9.81 -1.04 -9.40
CA ILE A 16 -8.51 -1.21 -8.79
C ILE A 16 -8.07 -2.67 -8.82
N ASN A 17 -6.97 -2.94 -9.51
CA ASN A 17 -6.45 -4.31 -9.60
C ASN A 17 -5.36 -4.55 -8.57
N ILE A 18 -5.72 -5.23 -7.49
CA ILE A 18 -4.77 -5.54 -6.42
C ILE A 18 -3.91 -6.74 -6.78
N THR A 19 -2.62 -6.64 -6.50
CA THR A 19 -1.69 -7.73 -6.79
C THR A 19 -0.73 -7.96 -5.62
N ALA A 20 -0.17 -9.16 -5.55
CA ALA A 20 0.76 -9.50 -4.48
C ALA A 20 1.80 -8.42 -4.29
N ALA A 21 2.25 -7.82 -5.40
CA ALA A 21 3.24 -6.76 -5.36
C ALA A 21 2.91 -5.74 -4.27
N ILE A 22 1.62 -5.52 -4.05
CA ILE A 22 1.17 -4.57 -3.04
C ILE A 22 2.02 -4.66 -1.78
N TYR A 23 2.39 -5.89 -1.42
CA TYR A 23 3.21 -6.13 -0.23
C TYR A 23 4.57 -5.46 -0.37
N ASP A 24 5.22 -5.68 -1.51
CA ASP A 24 6.53 -5.10 -1.78
C ASP A 24 6.47 -3.57 -1.73
N GLU A 25 5.53 -3.00 -2.47
CA GLU A 25 5.38 -1.55 -2.51
C GLU A 25 5.32 -0.97 -1.10
N ILE A 26 4.67 -1.68 -0.20
CA ILE A 26 4.54 -1.23 1.18
C ILE A 26 5.89 -1.19 1.87
N GLN A 27 6.76 -2.15 1.54
CA GLN A 27 8.09 -2.21 2.12
C GLN A 27 8.94 -1.03 1.66
N GLN A 28 8.98 -0.81 0.35
CA GLN A 28 9.76 0.28 -0.21
C GLN A 28 9.19 1.64 0.22
N GLU A 29 7.88 1.79 0.08
CA GLU A 29 7.21 3.03 0.45
C GLU A 29 7.60 3.47 1.86
N MET A 30 7.80 2.49 2.74
CA MET A 30 8.19 2.76 4.12
C MET A 30 9.58 3.39 4.18
N LYS A 31 10.56 2.65 3.68
CA LYS A 31 11.94 3.13 3.67
C LYS A 31 12.06 4.47 2.96
N ARG A 32 11.13 4.72 2.03
CA ARG A 32 11.14 5.97 1.27
C ARG A 32 10.46 7.09 2.06
N ALA A 33 9.41 6.73 2.79
CA ALA A 33 8.67 7.70 3.59
C ALA A 33 9.26 7.82 4.99
N LYS A 34 10.16 6.89 5.32
CA LYS A 34 10.79 6.88 6.64
C LYS A 34 9.78 6.58 7.74
N VAL A 35 8.90 5.61 7.48
CA VAL A 35 7.89 5.22 8.44
C VAL A 35 8.06 3.77 8.86
N SER A 36 7.18 3.30 9.74
CA SER A 36 7.23 1.92 10.23
C SER A 36 5.97 1.17 9.85
N GLN A 37 6.09 -0.15 9.72
CA GLN A 37 4.96 -0.99 9.36
C GLN A 37 3.71 -0.57 10.13
N ALA A 38 3.91 -0.09 11.35
CA ALA A 38 2.79 0.35 12.18
C ALA A 38 2.16 1.62 11.63
N LEU A 39 3.00 2.57 11.23
CA LEU A 39 2.53 3.83 10.68
C LEU A 39 1.85 3.63 9.33
N PHE A 40 2.62 3.18 8.35
CA PHE A 40 2.10 2.93 7.02
C PHE A 40 0.76 2.21 7.08
N ALA A 41 0.62 1.30 8.03
CA ALA A 41 -0.61 0.54 8.20
C ALA A 41 -1.65 1.35 8.96
N LYS A 42 -1.18 2.30 9.76
CA LYS A 42 -2.06 3.15 10.55
C LYS A 42 -2.58 4.31 9.72
N VAL A 43 -1.81 4.70 8.71
CA VAL A 43 -2.20 5.81 7.84
C VAL A 43 -2.75 5.29 6.51
N ALA A 44 -2.53 4.01 6.24
CA ALA A 44 -3.01 3.39 5.02
C ALA A 44 -4.30 2.61 5.26
N ALA A 45 -4.22 1.61 6.13
CA ALA A 45 -5.38 0.79 6.45
C ALA A 45 -5.90 1.09 7.86
N ASN A 46 -5.16 1.92 8.58
CA ASN A 46 -5.55 2.29 9.94
C ASN A 46 -5.59 1.08 10.86
N LYS A 47 -4.80 0.06 10.51
CA LYS A 47 -4.75 -1.16 11.29
C LYS A 47 -3.53 -1.17 12.21
N SER A 48 -3.32 -2.28 12.91
CA SER A 48 -2.20 -2.41 13.84
C SER A 48 -1.00 -3.05 13.13
N GLN A 49 0.20 -2.63 13.52
CA GLN A 49 1.42 -3.17 12.93
C GLN A 49 1.28 -4.67 12.67
N GLY A 50 0.89 -5.40 13.71
CA GLY A 50 0.74 -6.83 13.57
C GLY A 50 -0.02 -7.22 12.31
N TRP A 51 -1.05 -6.46 11.98
CA TRP A 51 -1.86 -6.71 10.80
C TRP A 51 -1.08 -6.44 9.53
N LEU A 52 -0.13 -5.50 9.62
CA LEU A 52 0.69 -5.14 8.47
C LEU A 52 1.87 -6.10 8.32
N CYS A 53 2.69 -6.19 9.35
CA CYS A 53 3.85 -7.08 9.34
C CYS A 53 3.49 -8.43 8.73
N GLU A 54 2.43 -9.04 9.25
CA GLU A 54 1.98 -10.34 8.76
C GLU A 54 1.85 -10.33 7.25
N LEU A 55 1.04 -9.41 6.74
CA LEU A 55 0.82 -9.29 5.30
C LEU A 55 2.12 -9.50 4.53
N LEU A 56 3.18 -8.87 5.00
CA LEU A 56 4.48 -8.98 4.35
C LEU A 56 5.12 -10.34 4.64
N ARG A 57 4.77 -10.92 5.79
CA ARG A 57 5.30 -12.22 6.18
C ARG A 57 4.67 -13.33 5.34
N TRP A 58 3.35 -13.40 5.34
CA TRP A 58 2.64 -14.43 4.58
C TRP A 58 2.48 -14.00 3.13
N LYS A 59 2.15 -12.74 2.91
CA LYS A 59 1.98 -12.21 1.56
C LYS A 59 1.08 -13.13 0.73
N GLU A 60 -0.07 -13.50 1.30
CA GLU A 60 -1.01 -14.38 0.61
C GLU A 60 -1.31 -13.85 -0.79
N ASN A 61 -2.22 -14.53 -1.49
CA ASN A 61 -2.59 -14.14 -2.83
C ASN A 61 -3.86 -13.28 -2.82
N PRO A 62 -3.70 -11.99 -3.14
CA PRO A 62 -4.81 -11.03 -3.16
C PRO A 62 -5.77 -11.29 -4.32
N SER A 63 -7.06 -11.12 -4.07
CA SER A 63 -8.07 -11.33 -5.09
C SER A 63 -9.39 -10.69 -4.69
N PRO A 64 -10.26 -10.46 -5.68
CA PRO A 64 -11.58 -9.85 -5.46
C PRO A 64 -12.53 -10.77 -4.71
N GLU A 65 -12.05 -11.97 -4.37
CA GLU A 65 -12.86 -12.94 -3.65
C GLU A 65 -12.71 -12.75 -2.14
N ASN A 66 -11.49 -12.46 -1.70
CA ASN A 66 -11.22 -12.25 -0.28
C ASN A 66 -11.60 -10.85 0.16
N ARG A 67 -12.64 -10.74 0.96
CA ARG A 67 -13.11 -9.45 1.45
C ARG A 67 -12.14 -8.87 2.47
N THR A 68 -12.09 -9.49 3.65
CA THR A 68 -11.19 -9.04 4.71
C THR A 68 -9.83 -8.66 4.17
N LEU A 69 -9.42 -9.32 3.08
CA LEU A 69 -8.14 -9.04 2.46
C LEU A 69 -8.27 -7.96 1.39
N TRP A 70 -8.97 -8.28 0.31
CA TRP A 70 -9.18 -7.34 -0.78
C TRP A 70 -9.56 -5.97 -0.25
N GLU A 71 -10.54 -5.93 0.63
CA GLU A 71 -11.00 -4.67 1.23
C GLU A 71 -9.82 -3.84 1.70
N ASN A 72 -9.16 -4.31 2.75
CA ASN A 72 -8.01 -3.59 3.30
C ASN A 72 -6.97 -3.30 2.23
N LEU A 73 -6.59 -4.33 1.48
CA LEU A 73 -5.61 -4.18 0.41
C LEU A 73 -6.07 -3.17 -0.62
N CYS A 74 -7.36 -2.85 -0.59
CA CYS A 74 -7.94 -1.88 -1.52
C CYS A 74 -7.57 -0.46 -1.12
N THR A 75 -7.77 -0.14 0.15
CA THR A 75 -7.46 1.20 0.66
C THR A 75 -5.97 1.47 0.60
N ILE A 76 -5.18 0.47 0.95
CA ILE A 76 -3.71 0.61 0.94
C ILE A 76 -3.20 0.84 -0.47
N ARG A 77 -3.90 0.27 -1.46
CA ARG A 77 -3.52 0.42 -2.86
C ARG A 77 -3.66 1.87 -3.32
N ARG A 78 -4.78 2.49 -2.95
CA ARG A 78 -5.04 3.87 -3.32
C ARG A 78 -4.01 4.81 -2.70
N PHE A 79 -3.54 4.45 -1.51
CA PHE A 79 -2.55 5.26 -0.80
C PHE A 79 -1.27 5.38 -1.61
N LEU A 80 -0.73 4.24 -2.04
CA LEU A 80 0.50 4.22 -2.81
C LEU A 80 0.33 4.99 -4.12
N ASN A 81 -0.89 4.99 -4.65
CA ASN A 81 -1.18 5.69 -5.88
C ASN A 81 -0.98 7.20 -5.72
N LEU A 82 -0.84 7.64 -4.48
CA LEU A 82 -0.63 9.05 -4.19
C LEU A 82 0.81 9.47 -4.50
N PRO A 83 0.99 10.76 -4.81
CA PRO A 83 2.31 11.31 -5.13
C PRO A 83 3.22 11.37 -3.91
N GLN A 84 4.53 11.23 -4.14
CA GLN A 84 5.50 11.27 -3.07
C GLN A 84 5.26 12.47 -2.15
N HIS A 85 4.98 13.62 -2.75
CA HIS A 85 4.71 14.83 -1.99
C HIS A 85 3.51 14.65 -1.07
N GLU A 86 2.61 13.77 -1.46
CA GLU A 86 1.40 13.50 -0.68
C GLU A 86 1.71 12.54 0.46
N ARG A 87 2.01 11.30 0.12
CA ARG A 87 2.33 10.28 1.11
C ARG A 87 3.19 10.86 2.23
N ASP A 88 4.23 11.59 1.84
CA ASP A 88 5.13 12.21 2.82
C ASP A 88 4.36 13.08 3.80
N VAL A 89 3.36 13.79 3.29
CA VAL A 89 2.54 14.66 4.14
C VAL A 89 1.75 13.86 5.15
N ILE A 90 1.06 12.83 4.68
CA ILE A 90 0.25 11.98 5.56
C ILE A 90 1.09 11.45 6.72
N TYR A 91 2.25 10.89 6.40
CA TYR A 91 3.14 10.34 7.42
C TYR A 91 3.61 11.42 8.37
N GLU A 92 3.96 12.58 7.81
CA GLU A 92 4.43 13.71 8.62
C GLU A 92 3.36 14.15 9.61
N GLU A 93 2.20 14.54 9.08
CA GLU A 93 1.10 15.00 9.92
C GLU A 93 0.75 13.95 10.98
N GLU A 94 0.73 12.68 10.58
CA GLU A 94 0.42 11.60 11.49
C GLU A 94 1.47 11.49 12.59
N SER A 95 2.68 11.10 12.20
CA SER A 95 3.79 10.95 13.14
C SER A 95 4.58 12.25 13.25
N SER A 96 4.73 12.73 14.48
CA SER A 96 5.47 13.96 14.73
C SER A 96 6.69 13.71 15.60
N GLY A 97 7.85 13.59 14.96
CA GLY A 97 9.08 13.34 15.71
C GLY A 97 10.31 13.49 14.84
N PRO A 98 11.41 13.96 15.44
CA PRO A 98 12.68 14.16 14.73
C PRO A 98 13.34 12.84 14.35
N SER A 99 14.54 12.92 13.76
CA SER A 99 15.27 11.74 13.35
C SER A 99 16.16 11.23 14.47
N SER A 100 15.90 10.00 14.91
CA SER A 100 16.68 9.40 15.98
C SER A 100 16.65 10.27 17.24
N GLY A 101 15.48 10.82 17.55
CA GLY A 101 15.35 11.68 18.71
C GLY A 101 14.17 11.28 19.58
N GLY A 1 5.14 -12.69 -38.46
CA GLY A 1 4.17 -13.72 -38.15
C GLY A 1 2.76 -13.16 -38.05
N SER A 2 2.23 -13.13 -36.83
CA SER A 2 0.88 -12.63 -36.61
C SER A 2 0.90 -11.33 -35.81
N SER A 3 -0.04 -10.44 -36.11
CA SER A 3 -0.12 -9.15 -35.42
C SER A 3 -1.33 -9.10 -34.50
N GLY A 4 -1.21 -9.71 -33.33
CA GLY A 4 -2.32 -9.71 -32.39
C GLY A 4 -1.87 -9.39 -30.97
N SER A 5 -1.55 -8.13 -30.73
CA SER A 5 -1.10 -7.69 -29.41
C SER A 5 -2.26 -7.10 -28.61
N SER A 6 -2.76 -7.87 -27.64
CA SER A 6 -3.87 -7.43 -26.81
C SER A 6 -3.58 -6.05 -26.21
N GLY A 7 -2.47 -5.95 -25.50
CA GLY A 7 -2.10 -4.68 -24.89
C GLY A 7 -2.35 -4.67 -23.40
N PRO A 8 -1.56 -3.87 -22.66
CA PRO A 8 -1.67 -3.75 -21.21
C PRO A 8 -2.96 -3.03 -20.79
N ILE A 9 -3.71 -3.66 -19.89
CA ILE A 9 -4.95 -3.07 -19.40
C ILE A 9 -4.69 -2.09 -18.27
N LYS A 10 -5.17 -0.86 -18.44
CA LYS A 10 -5.00 0.17 -17.43
C LYS A 10 -6.34 0.82 -17.08
N VAL A 11 -6.69 0.77 -15.80
CA VAL A 11 -7.94 1.36 -15.32
C VAL A 11 -7.72 2.21 -14.08
N ASP A 12 -8.27 3.41 -14.08
CA ASP A 12 -8.13 4.32 -12.95
C ASP A 12 -9.50 4.83 -12.49
N GLY A 13 -10.50 3.96 -12.53
CA GLY A 13 -11.84 4.35 -12.13
C GLY A 13 -12.80 3.19 -12.13
N ALA A 14 -12.80 2.41 -13.21
CA ALA A 14 -13.68 1.26 -13.31
C ALA A 14 -13.51 0.32 -12.12
N ASN A 15 -12.29 -0.12 -11.88
CA ASN A 15 -12.00 -1.01 -10.77
C ASN A 15 -10.50 -1.02 -10.46
N ILE A 16 -10.16 -1.46 -9.25
CA ILE A 16 -8.78 -1.52 -8.82
C ILE A 16 -8.24 -2.94 -8.88
N ASN A 17 -7.18 -3.14 -9.65
CA ASN A 17 -6.57 -4.46 -9.78
C ASN A 17 -5.46 -4.66 -8.76
N ILE A 18 -5.79 -5.37 -7.67
CA ILE A 18 -4.82 -5.63 -6.61
C ILE A 18 -3.92 -6.81 -6.98
N THR A 19 -2.62 -6.63 -6.76
CA THR A 19 -1.65 -7.67 -7.06
C THR A 19 -0.69 -7.90 -5.89
N ALA A 20 -0.12 -9.10 -5.81
CA ALA A 20 0.81 -9.43 -4.74
C ALA A 20 1.84 -8.31 -4.54
N ALA A 21 2.27 -7.73 -5.64
CA ALA A 21 3.26 -6.65 -5.59
C ALA A 21 2.92 -5.65 -4.49
N ILE A 22 1.63 -5.44 -4.28
CA ILE A 22 1.17 -4.50 -3.25
C ILE A 22 2.01 -4.62 -1.98
N TYR A 23 2.37 -5.86 -1.64
CA TYR A 23 3.17 -6.10 -0.44
C TYR A 23 4.55 -5.45 -0.56
N ASP A 24 5.21 -5.68 -1.69
CA ASP A 24 6.52 -5.11 -1.94
C ASP A 24 6.48 -3.58 -1.87
N GLU A 25 5.54 -2.99 -2.60
CA GLU A 25 5.39 -1.54 -2.61
C GLU A 25 5.32 -0.98 -1.20
N ILE A 26 4.58 -1.67 -0.32
CA ILE A 26 4.43 -1.24 1.06
C ILE A 26 5.78 -1.22 1.78
N GLN A 27 6.60 -2.23 1.51
CA GLN A 27 7.91 -2.33 2.14
C GLN A 27 8.78 -1.13 1.77
N GLN A 28 8.93 -0.90 0.47
CA GLN A 28 9.75 0.21 -0.02
C GLN A 28 9.13 1.55 0.39
N GLU A 29 7.84 1.71 0.11
CA GLU A 29 7.13 2.94 0.44
C GLU A 29 7.49 3.41 1.85
N MET A 30 7.71 2.45 2.75
CA MET A 30 8.05 2.77 4.13
C MET A 30 9.44 3.40 4.21
N LYS A 31 10.47 2.60 3.93
CA LYS A 31 11.84 3.08 3.97
C LYS A 31 12.00 4.36 3.13
N ARG A 32 11.02 4.61 2.27
CA ARG A 32 11.05 5.79 1.41
C ARG A 32 10.40 6.98 2.10
N ALA A 33 9.38 6.70 2.92
CA ALA A 33 8.67 7.75 3.63
C ALA A 33 9.22 7.90 5.05
N LYS A 34 10.08 6.97 5.46
CA LYS A 34 10.67 7.00 6.80
C LYS A 34 9.64 6.63 7.85
N VAL A 35 8.80 5.65 7.54
CA VAL A 35 7.76 5.18 8.46
C VAL A 35 7.95 3.71 8.81
N SER A 36 7.18 3.24 9.79
CA SER A 36 7.26 1.85 10.21
C SER A 36 5.99 1.09 9.84
N GLN A 37 6.10 -0.22 9.70
CA GLN A 37 4.96 -1.06 9.34
C GLN A 37 3.72 -0.67 10.14
N ALA A 38 3.94 -0.20 11.37
CA ALA A 38 2.85 0.22 12.23
C ALA A 38 2.20 1.50 11.72
N LEU A 39 3.02 2.44 11.27
CA LEU A 39 2.54 3.71 10.76
C LEU A 39 1.86 3.53 9.40
N PHE A 40 2.63 3.10 8.42
CA PHE A 40 2.11 2.88 7.07
C PHE A 40 0.76 2.17 7.13
N ALA A 41 0.63 1.24 8.06
CA ALA A 41 -0.61 0.49 8.22
C ALA A 41 -1.65 1.31 8.97
N LYS A 42 -1.20 2.24 9.80
CA LYS A 42 -2.09 3.08 10.58
C LYS A 42 -2.58 4.26 9.74
N VAL A 43 -1.79 4.65 8.74
CA VAL A 43 -2.15 5.76 7.87
C VAL A 43 -2.69 5.26 6.54
N ALA A 44 -2.50 3.97 6.27
CA ALA A 44 -2.97 3.37 5.04
C ALA A 44 -4.27 2.61 5.26
N ALA A 45 -4.22 1.58 6.11
CA ALA A 45 -5.39 0.78 6.41
C ALA A 45 -5.93 1.08 7.81
N ASN A 46 -5.20 1.91 8.54
CA ASN A 46 -5.60 2.29 9.90
C ASN A 46 -5.63 1.07 10.81
N LYS A 47 -4.85 0.05 10.45
CA LYS A 47 -4.79 -1.17 11.24
C LYS A 47 -3.56 -1.18 12.14
N SER A 48 -3.38 -2.26 12.89
CA SER A 48 -2.25 -2.39 13.79
C SER A 48 -1.07 -3.08 13.11
N GLN A 49 0.14 -2.70 13.51
CA GLN A 49 1.35 -3.29 12.93
C GLN A 49 1.17 -4.78 12.68
N GLY A 50 0.78 -5.51 13.74
CA GLY A 50 0.59 -6.93 13.61
C GLY A 50 -0.16 -7.31 12.34
N TRP A 51 -1.13 -6.49 11.97
CA TRP A 51 -1.92 -6.74 10.77
C TRP A 51 -1.10 -6.49 9.51
N LEU A 52 -0.18 -5.53 9.59
CA LEU A 52 0.67 -5.19 8.45
C LEU A 52 1.85 -6.16 8.35
N CYS A 53 2.65 -6.23 9.42
CA CYS A 53 3.81 -7.10 9.45
C CYS A 53 3.48 -8.46 8.83
N GLU A 54 2.38 -9.05 9.27
CA GLU A 54 1.96 -10.35 8.77
C GLU A 54 1.84 -10.33 7.24
N LEU A 55 1.08 -9.38 6.72
CA LEU A 55 0.89 -9.25 5.27
C LEU A 55 2.21 -9.43 4.54
N LEU A 56 3.27 -8.82 5.07
CA LEU A 56 4.59 -8.91 4.46
C LEU A 56 5.24 -10.27 4.75
N ARG A 57 4.80 -10.90 5.84
CA ARG A 57 5.33 -12.21 6.22
C ARG A 57 4.72 -13.31 5.36
N TRP A 58 3.39 -13.42 5.40
CA TRP A 58 2.69 -14.43 4.62
C TRP A 58 2.59 -14.04 3.16
N LYS A 59 2.24 -12.77 2.92
CA LYS A 59 2.11 -12.27 1.55
C LYS A 59 1.17 -13.14 0.73
N GLU A 60 0.02 -13.48 1.31
CA GLU A 60 -0.96 -14.31 0.63
C GLU A 60 -1.25 -13.78 -0.77
N ASN A 61 -2.16 -14.44 -1.48
CA ASN A 61 -2.53 -14.03 -2.83
C ASN A 61 -3.80 -13.19 -2.81
N PRO A 62 -3.68 -11.91 -3.19
CA PRO A 62 -4.82 -10.98 -3.23
C PRO A 62 -5.80 -11.32 -4.34
N SER A 63 -7.09 -11.16 -4.05
CA SER A 63 -8.14 -11.46 -5.02
C SER A 63 -9.46 -10.81 -4.62
N PRO A 64 -10.35 -10.61 -5.60
CA PRO A 64 -11.65 -9.99 -5.38
C PRO A 64 -12.58 -10.90 -4.58
N GLU A 65 -12.10 -12.08 -4.21
CA GLU A 65 -12.89 -13.04 -3.45
C GLU A 65 -12.73 -12.81 -1.95
N ASN A 66 -11.50 -12.53 -1.53
CA ASN A 66 -11.22 -12.28 -0.12
C ASN A 66 -11.60 -10.86 0.28
N ARG A 67 -12.65 -10.74 1.07
CA ARG A 67 -13.13 -9.43 1.52
C ARG A 67 -12.15 -8.82 2.51
N THR A 68 -12.09 -9.39 3.71
CA THR A 68 -11.19 -8.90 4.75
C THR A 68 -9.83 -8.52 4.18
N LEU A 69 -9.41 -9.23 3.13
CA LEU A 69 -8.13 -8.96 2.49
C LEU A 69 -8.28 -7.91 1.40
N TRP A 70 -8.98 -8.28 0.33
CA TRP A 70 -9.20 -7.37 -0.79
C TRP A 70 -9.55 -5.97 -0.29
N GLU A 71 -10.52 -5.90 0.61
CA GLU A 71 -10.96 -4.63 1.17
C GLU A 71 -9.77 -3.80 1.64
N ASN A 72 -9.14 -4.25 2.72
CA ASN A 72 -7.98 -3.55 3.27
C ASN A 72 -6.95 -3.25 2.18
N LEU A 73 -6.54 -4.29 1.47
CA LEU A 73 -5.55 -4.14 0.40
C LEU A 73 -6.02 -3.11 -0.63
N CYS A 74 -7.33 -2.85 -0.65
CA CYS A 74 -7.89 -1.88 -1.58
C CYS A 74 -7.51 -0.46 -1.18
N THR A 75 -7.73 -0.13 0.10
CA THR A 75 -7.41 1.21 0.60
C THR A 75 -5.92 1.47 0.55
N ILE A 76 -5.13 0.46 0.91
CA ILE A 76 -3.68 0.58 0.91
C ILE A 76 -3.15 0.78 -0.51
N ARG A 77 -3.84 0.20 -1.48
CA ARG A 77 -3.44 0.33 -2.88
C ARG A 77 -3.61 1.76 -3.37
N ARG A 78 -4.66 2.43 -2.89
CA ARG A 78 -4.93 3.80 -3.29
C ARG A 78 -3.93 4.76 -2.67
N PHE A 79 -3.44 4.40 -1.49
CA PHE A 79 -2.46 5.23 -0.78
C PHE A 79 -1.17 5.36 -1.57
N LEU A 80 -0.62 4.21 -1.98
CA LEU A 80 0.62 4.18 -2.75
C LEU A 80 0.49 5.00 -4.03
N ASN A 81 -0.71 4.98 -4.62
CA ASN A 81 -0.96 5.72 -5.85
C ASN A 81 -0.68 7.21 -5.66
N LEU A 82 -0.85 7.68 -4.43
CA LEU A 82 -0.61 9.09 -4.11
C LEU A 82 0.84 9.47 -4.40
N PRO A 83 1.05 10.73 -4.78
CA PRO A 83 2.39 11.26 -5.10
C PRO A 83 3.27 11.38 -3.85
N GLN A 84 4.57 11.25 -4.06
CA GLN A 84 5.52 11.34 -2.94
C GLN A 84 5.22 12.56 -2.08
N HIS A 85 4.94 13.69 -2.72
CA HIS A 85 4.63 14.92 -1.99
C HIS A 85 3.40 14.74 -1.12
N GLU A 86 2.51 13.83 -1.52
CA GLU A 86 1.29 13.57 -0.77
C GLU A 86 1.55 12.61 0.39
N ARG A 87 1.88 11.37 0.05
CA ARG A 87 2.16 10.35 1.06
C ARG A 87 3.03 10.92 2.18
N ASP A 88 4.06 11.66 1.80
CA ASP A 88 4.97 12.26 2.76
C ASP A 88 4.21 13.14 3.75
N VAL A 89 3.25 13.91 3.23
CA VAL A 89 2.46 14.80 4.07
C VAL A 89 1.68 14.01 5.12
N ILE A 90 1.05 12.92 4.69
CA ILE A 90 0.27 12.08 5.59
C ILE A 90 1.12 11.58 6.75
N TYR A 91 2.27 11.01 6.42
CA TYR A 91 3.18 10.49 7.45
C TYR A 91 3.61 11.59 8.41
N GLU A 92 3.97 12.74 7.86
CA GLU A 92 4.40 13.88 8.67
C GLU A 92 3.30 14.28 9.65
N GLU A 93 2.14 14.66 9.12
CA GLU A 93 1.02 15.06 9.95
C GLU A 93 0.70 14.00 11.00
N GLU A 94 0.72 12.74 10.59
CA GLU A 94 0.43 11.63 11.50
C GLU A 94 1.48 11.56 12.60
N SER A 95 2.70 11.19 12.23
CA SER A 95 3.79 11.07 13.20
C SER A 95 4.77 12.22 13.04
N SER A 96 5.20 12.78 14.17
CA SER A 96 6.13 13.89 14.16
C SER A 96 7.32 13.62 15.08
N GLY A 97 8.42 13.16 14.51
CA GLY A 97 9.60 12.86 15.30
C GLY A 97 10.63 13.98 15.25
N PRO A 98 11.45 14.08 16.32
CA PRO A 98 12.48 15.11 16.42
C PRO A 98 13.63 14.88 15.44
N SER A 99 13.89 13.61 15.14
CA SER A 99 14.97 13.25 14.22
C SER A 99 14.57 13.55 12.78
N SER A 100 14.69 14.81 12.38
CA SER A 100 14.34 15.23 11.03
C SER A 100 15.23 14.54 10.00
N GLY A 101 14.69 13.54 9.31
CA GLY A 101 15.44 12.82 8.31
C GLY A 101 15.03 11.37 8.20
N GLY A 1 -4.51 20.44 -25.15
CA GLY A 1 -3.88 19.84 -24.00
C GLY A 1 -2.39 19.65 -24.19
N SER A 2 -1.60 20.09 -23.21
CA SER A 2 -0.16 19.97 -23.27
C SER A 2 0.27 18.50 -23.21
N SER A 3 1.22 18.14 -24.05
CA SER A 3 1.71 16.76 -24.10
C SER A 3 2.33 16.37 -22.77
N GLY A 4 1.82 15.28 -22.18
CA GLY A 4 2.33 14.80 -20.91
C GLY A 4 1.64 13.54 -20.44
N SER A 5 2.37 12.71 -19.70
CA SER A 5 1.82 11.46 -19.19
C SER A 5 1.18 11.66 -17.83
N SER A 6 -0.06 12.16 -17.83
CA SER A 6 -0.79 12.40 -16.59
C SER A 6 -0.92 11.12 -15.78
N GLY A 7 -0.04 10.95 -14.80
CA GLY A 7 -0.08 9.77 -13.96
C GLY A 7 0.15 8.50 -14.74
N PRO A 8 1.21 7.75 -14.38
CA PRO A 8 1.56 6.49 -15.05
C PRO A 8 0.54 5.38 -14.77
N ILE A 9 0.32 4.53 -15.76
CA ILE A 9 -0.62 3.43 -15.62
C ILE A 9 -1.72 3.76 -14.62
N LYS A 10 -2.38 4.90 -14.83
CA LYS A 10 -3.45 5.33 -13.94
C LYS A 10 -4.81 4.92 -14.49
N VAL A 11 -5.77 4.75 -13.60
CA VAL A 11 -7.12 4.36 -14.00
C VAL A 11 -8.07 5.56 -14.04
N ASP A 12 -9.29 5.33 -14.50
CA ASP A 12 -10.28 6.39 -14.59
C ASP A 12 -11.54 6.03 -13.81
N GLY A 13 -12.02 4.81 -14.01
CA GLY A 13 -13.21 4.36 -13.31
C GLY A 13 -12.94 3.94 -11.88
N ALA A 14 -13.78 3.06 -11.35
CA ALA A 14 -13.61 2.57 -9.99
C ALA A 14 -13.24 1.09 -9.97
N ASN A 15 -12.41 0.69 -10.93
CA ASN A 15 -11.98 -0.70 -11.03
C ASN A 15 -10.50 -0.83 -10.70
N ILE A 16 -10.20 -1.05 -9.41
CA ILE A 16 -8.83 -1.19 -8.97
C ILE A 16 -8.36 -2.64 -9.08
N ASN A 17 -7.12 -2.82 -9.53
CA ASN A 17 -6.56 -4.16 -9.68
C ASN A 17 -5.47 -4.41 -8.65
N ILE A 18 -5.80 -5.20 -7.64
CA ILE A 18 -4.84 -5.52 -6.57
C ILE A 18 -3.92 -6.66 -7.00
N THR A 19 -2.66 -6.57 -6.59
CA THR A 19 -1.67 -7.59 -6.92
C THR A 19 -0.70 -7.81 -5.77
N ALA A 20 -0.16 -9.02 -5.68
CA ALA A 20 0.79 -9.36 -4.63
C ALA A 20 1.83 -8.26 -4.44
N ALA A 21 2.22 -7.63 -5.55
CA ALA A 21 3.20 -6.56 -5.51
C ALA A 21 2.89 -5.56 -4.40
N ILE A 22 1.60 -5.30 -4.20
CA ILE A 22 1.16 -4.36 -3.17
C ILE A 22 2.00 -4.49 -1.91
N TYR A 23 2.36 -5.72 -1.57
CA TYR A 23 3.17 -5.99 -0.38
C TYR A 23 4.55 -5.35 -0.51
N ASP A 24 5.19 -5.58 -1.65
CA ASP A 24 6.52 -5.04 -1.90
C ASP A 24 6.50 -3.51 -1.79
N GLU A 25 5.55 -2.88 -2.48
CA GLU A 25 5.43 -1.43 -2.45
C GLU A 25 5.38 -0.90 -1.02
N ILE A 26 4.73 -1.67 -0.14
CA ILE A 26 4.60 -1.28 1.25
C ILE A 26 5.96 -1.30 1.95
N GLN A 27 6.77 -2.31 1.63
CA GLN A 27 8.10 -2.43 2.23
C GLN A 27 8.97 -1.25 1.86
N GLN A 28 8.96 -0.87 0.58
CA GLN A 28 9.76 0.24 0.11
C GLN A 28 9.17 1.57 0.57
N GLU A 29 7.88 1.74 0.38
CA GLU A 29 7.20 2.97 0.78
C GLU A 29 7.64 3.40 2.17
N MET A 30 7.82 2.43 3.06
CA MET A 30 8.23 2.72 4.43
C MET A 30 9.63 3.35 4.44
N LYS A 31 10.59 2.66 3.85
CA LYS A 31 11.96 3.16 3.79
C LYS A 31 12.04 4.46 3.00
N ARG A 32 11.09 4.66 2.09
CA ARG A 32 11.05 5.86 1.27
C ARG A 32 10.40 7.01 2.03
N ALA A 33 9.39 6.69 2.83
CA ALA A 33 8.68 7.69 3.62
C ALA A 33 9.31 7.86 5.00
N LYS A 34 10.17 6.90 5.37
CA LYS A 34 10.83 6.94 6.67
C LYS A 34 9.85 6.63 7.80
N VAL A 35 8.99 5.64 7.57
CA VAL A 35 8.00 5.24 8.57
C VAL A 35 8.12 3.75 8.89
N SER A 36 7.31 3.30 9.85
CA SER A 36 7.32 1.90 10.26
C SER A 36 6.06 1.19 9.79
N GLN A 37 6.09 -0.14 9.82
CA GLN A 37 4.95 -0.94 9.39
C GLN A 37 3.68 -0.51 10.13
N ALA A 38 3.84 -0.06 11.37
CA ALA A 38 2.71 0.39 12.17
C ALA A 38 2.12 1.68 11.62
N LEU A 39 2.98 2.65 11.33
CA LEU A 39 2.55 3.93 10.80
C LEU A 39 1.88 3.76 9.44
N PHE A 40 2.65 3.30 8.46
CA PHE A 40 2.14 3.09 7.12
C PHE A 40 0.79 2.36 7.16
N ALA A 41 0.68 1.38 8.04
CA ALA A 41 -0.55 0.61 8.19
C ALA A 41 -1.59 1.40 8.97
N LYS A 42 -1.15 2.37 9.75
CA LYS A 42 -2.05 3.19 10.55
C LYS A 42 -2.63 4.33 9.70
N VAL A 43 -1.90 4.72 8.66
CA VAL A 43 -2.35 5.79 7.78
C VAL A 43 -2.92 5.23 6.47
N ALA A 44 -2.57 3.98 6.18
CA ALA A 44 -3.06 3.33 4.97
C ALA A 44 -4.33 2.54 5.23
N ALA A 45 -4.23 1.52 6.08
CA ALA A 45 -5.38 0.70 6.42
C ALA A 45 -5.89 1.01 7.82
N ASN A 46 -5.15 1.87 8.54
CA ASN A 46 -5.53 2.25 9.89
C ASN A 46 -5.55 1.03 10.81
N LYS A 47 -4.75 0.03 10.49
CA LYS A 47 -4.69 -1.19 11.28
C LYS A 47 -3.46 -1.18 12.18
N SER A 48 -3.28 -2.25 12.96
CA SER A 48 -2.15 -2.36 13.87
C SER A 48 -0.97 -3.03 13.16
N GLN A 49 0.24 -2.57 13.51
CA GLN A 49 1.45 -3.12 12.91
C GLN A 49 1.31 -4.61 12.65
N GLY A 50 0.98 -5.37 13.69
CA GLY A 50 0.80 -6.81 13.55
C GLY A 50 0.05 -7.18 12.30
N TRP A 51 -1.01 -6.43 12.00
CA TRP A 51 -1.83 -6.69 10.82
C TRP A 51 -1.03 -6.44 9.54
N LEU A 52 -0.14 -5.45 9.60
CA LEU A 52 0.68 -5.10 8.44
C LEU A 52 1.85 -6.08 8.30
N CYS A 53 2.68 -6.15 9.33
CA CYS A 53 3.84 -7.03 9.33
C CYS A 53 3.49 -8.38 8.71
N GLU A 54 2.40 -8.98 9.19
CA GLU A 54 1.95 -10.28 8.69
C GLU A 54 1.83 -10.26 7.17
N LEU A 55 1.05 -9.32 6.66
CA LEU A 55 0.85 -9.18 5.22
C LEU A 55 2.16 -9.36 4.46
N LEU A 56 3.23 -8.77 4.99
CA LEU A 56 4.54 -8.86 4.37
C LEU A 56 5.19 -10.21 4.67
N ARG A 57 4.79 -10.82 5.77
CA ARG A 57 5.33 -12.11 6.17
C ARG A 57 4.73 -13.24 5.34
N TRP A 58 3.40 -13.34 5.36
CA TRP A 58 2.71 -14.38 4.59
C TRP A 58 2.60 -13.99 3.12
N LYS A 59 2.23 -12.75 2.87
CA LYS A 59 2.09 -12.25 1.50
C LYS A 59 1.13 -13.12 0.70
N GLU A 60 -0.02 -13.43 1.29
CA GLU A 60 -1.03 -14.26 0.64
C GLU A 60 -1.34 -13.72 -0.76
N ASN A 61 -2.17 -14.46 -1.50
CA ASN A 61 -2.55 -14.06 -2.84
C ASN A 61 -3.83 -13.22 -2.82
N PRO A 62 -3.71 -11.94 -3.17
CA PRO A 62 -4.84 -11.01 -3.21
C PRO A 62 -5.82 -11.32 -4.33
N SER A 63 -7.10 -11.17 -4.06
CA SER A 63 -8.14 -11.44 -5.04
C SER A 63 -9.46 -10.78 -4.65
N PRO A 64 -10.34 -10.56 -5.64
CA PRO A 64 -11.64 -9.93 -5.42
C PRO A 64 -12.59 -10.83 -4.65
N GLU A 65 -12.12 -12.02 -4.30
CA GLU A 65 -12.93 -12.98 -3.56
C GLU A 65 -12.80 -12.76 -2.05
N ASN A 66 -11.58 -12.52 -1.60
CA ASN A 66 -11.31 -12.30 -0.19
C ASN A 66 -11.67 -10.87 0.20
N ARG A 67 -12.73 -10.72 1.00
CA ARG A 67 -13.17 -9.41 1.45
C ARG A 67 -12.20 -8.82 2.46
N THR A 68 -12.14 -9.42 3.64
CA THR A 68 -11.25 -8.95 4.70
C THR A 68 -9.89 -8.57 4.13
N LEU A 69 -9.47 -9.27 3.10
CA LEU A 69 -8.18 -9.01 2.46
C LEU A 69 -8.32 -7.94 1.37
N TRP A 70 -9.01 -8.30 0.30
CA TRP A 70 -9.23 -7.37 -0.82
C TRP A 70 -9.57 -5.98 -0.31
N GLU A 71 -10.55 -5.91 0.59
CA GLU A 71 -10.97 -4.63 1.16
C GLU A 71 -9.77 -3.82 1.64
N ASN A 72 -9.14 -4.29 2.71
CA ASN A 72 -7.98 -3.60 3.27
C ASN A 72 -6.95 -3.30 2.18
N LEU A 73 -6.55 -4.34 1.45
CA LEU A 73 -5.57 -4.18 0.39
C LEU A 73 -6.03 -3.14 -0.63
N CYS A 74 -7.33 -2.86 -0.64
CA CYS A 74 -7.90 -1.88 -1.56
C CYS A 74 -7.52 -0.47 -1.14
N THR A 75 -7.79 -0.14 0.11
CA THR A 75 -7.48 1.19 0.64
C THR A 75 -5.98 1.46 0.59
N ILE A 76 -5.18 0.44 0.92
CA ILE A 76 -3.74 0.58 0.92
C ILE A 76 -3.20 0.77 -0.50
N ARG A 77 -3.91 0.19 -1.47
CA ARG A 77 -3.51 0.30 -2.87
C ARG A 77 -3.68 1.72 -3.37
N ARG A 78 -4.74 2.38 -2.94
CA ARG A 78 -5.02 3.76 -3.35
C ARG A 78 -4.04 4.73 -2.71
N PHE A 79 -3.60 4.41 -1.49
CA PHE A 79 -2.65 5.25 -0.77
C PHE A 79 -1.34 5.37 -1.55
N LEU A 80 -0.78 4.23 -1.95
CA LEU A 80 0.47 4.20 -2.70
C LEU A 80 0.34 4.98 -4.00
N ASN A 81 -0.87 4.99 -4.56
CA ASN A 81 -1.12 5.70 -5.81
C ASN A 81 -0.88 7.20 -5.64
N LEU A 82 -0.85 7.65 -4.40
CA LEU A 82 -0.63 9.06 -4.11
C LEU A 82 0.82 9.46 -4.40
N PRO A 83 1.03 10.74 -4.72
CA PRO A 83 2.36 11.28 -5.03
C PRO A 83 3.26 11.33 -3.80
N GLN A 84 4.56 11.14 -4.01
CA GLN A 84 5.53 11.16 -2.93
C GLN A 84 5.27 12.35 -2.00
N HIS A 85 5.02 13.51 -2.60
CA HIS A 85 4.77 14.73 -1.82
C HIS A 85 3.55 14.54 -0.93
N GLU A 86 2.60 13.73 -1.37
CA GLU A 86 1.38 13.48 -0.61
C GLU A 86 1.65 12.52 0.55
N ARG A 87 1.98 11.27 0.21
CA ARG A 87 2.26 10.26 1.23
C ARG A 87 3.13 10.83 2.35
N ASP A 88 4.17 11.56 1.96
CA ASP A 88 5.07 12.17 2.93
C ASP A 88 4.30 13.06 3.91
N VAL A 89 3.34 13.81 3.39
CA VAL A 89 2.53 14.70 4.23
C VAL A 89 1.70 13.90 5.24
N ILE A 90 1.01 12.88 4.74
CA ILE A 90 0.18 12.04 5.60
C ILE A 90 1.00 11.44 6.74
N TYR A 91 2.14 10.87 6.40
CA TYR A 91 3.02 10.27 7.40
C TYR A 91 3.50 11.30 8.40
N GLU A 92 3.94 12.45 7.90
CA GLU A 92 4.42 13.53 8.75
C GLU A 92 3.33 14.02 9.69
N GLU A 93 2.23 14.47 9.12
CA GLU A 93 1.10 14.97 9.90
C GLU A 93 0.67 13.93 10.94
N GLU A 94 0.62 12.67 10.53
CA GLU A 94 0.22 11.59 11.41
C GLU A 94 1.24 11.38 12.52
N SER A 95 2.44 10.98 12.13
CA SER A 95 3.52 10.74 13.08
C SER A 95 4.76 11.55 12.73
N SER A 96 4.84 12.77 13.25
CA SER A 96 5.98 13.64 12.99
C SER A 96 7.09 13.41 14.00
N GLY A 97 8.32 13.66 13.57
CA GLY A 97 9.46 13.47 14.46
C GLY A 97 10.78 13.80 13.78
N PRO A 98 11.73 14.35 14.55
CA PRO A 98 13.06 14.71 14.04
C PRO A 98 13.89 13.49 13.69
N SER A 99 13.78 12.44 14.50
CA SER A 99 14.54 11.22 14.27
C SER A 99 14.13 10.57 12.95
N SER A 100 14.83 10.94 11.87
CA SER A 100 14.54 10.40 10.55
C SER A 100 15.57 9.36 10.16
N GLY A 101 15.32 8.11 10.54
CA GLY A 101 16.24 7.03 10.22
C GLY A 101 15.78 5.69 10.77
N GLY A 1 2.36 -37.68 -26.95
CA GLY A 1 2.73 -38.02 -25.59
C GLY A 1 3.50 -36.90 -24.90
N SER A 2 2.85 -35.75 -24.76
CA SER A 2 3.47 -34.60 -24.11
C SER A 2 2.43 -33.77 -23.37
N SER A 3 2.90 -32.77 -22.62
CA SER A 3 2.02 -31.91 -21.85
C SER A 3 2.45 -30.45 -21.96
N GLY A 4 1.52 -29.55 -21.67
CA GLY A 4 1.83 -28.12 -21.76
C GLY A 4 0.58 -27.27 -21.93
N SER A 5 0.32 -26.41 -20.96
CA SER A 5 -0.85 -25.54 -21.01
C SER A 5 -0.80 -24.49 -19.89
N SER A 6 -1.47 -23.38 -20.10
CA SER A 6 -1.50 -22.30 -19.11
C SER A 6 -2.73 -21.40 -19.33
N GLY A 7 -3.17 -20.77 -18.25
CA GLY A 7 -4.33 -19.89 -18.34
C GLY A 7 -4.22 -18.69 -17.41
N PRO A 8 -3.56 -17.62 -17.88
CA PRO A 8 -3.38 -16.40 -17.10
C PRO A 8 -4.69 -15.63 -16.90
N ILE A 9 -4.82 -14.99 -15.74
CA ILE A 9 -6.03 -14.23 -15.42
C ILE A 9 -6.26 -13.13 -16.44
N LYS A 10 -7.51 -13.00 -16.88
CA LYS A 10 -7.87 -11.98 -17.86
C LYS A 10 -8.55 -10.80 -17.19
N VAL A 11 -7.95 -9.62 -17.31
CA VAL A 11 -8.50 -8.41 -16.72
C VAL A 11 -9.69 -7.90 -17.51
N ASP A 12 -10.72 -7.45 -16.80
CA ASP A 12 -11.92 -6.93 -17.44
C ASP A 12 -12.84 -6.26 -16.41
N GLY A 13 -12.99 -4.95 -16.54
CA GLY A 13 -13.84 -4.22 -15.61
C GLY A 13 -13.13 -3.03 -14.99
N ALA A 14 -13.83 -1.90 -14.91
CA ALA A 14 -13.26 -0.70 -14.33
C ALA A 14 -13.18 -0.80 -12.81
N ASN A 15 -12.13 -1.42 -12.30
CA ASN A 15 -11.94 -1.58 -10.88
C ASN A 15 -10.47 -1.75 -10.53
N ILE A 16 -10.10 -1.38 -9.31
CA ILE A 16 -8.72 -1.50 -8.85
C ILE A 16 -8.24 -2.94 -8.91
N ASN A 17 -7.10 -3.16 -9.56
CA ASN A 17 -6.53 -4.49 -9.68
C ASN A 17 -5.43 -4.71 -8.66
N ILE A 18 -5.74 -5.44 -7.59
CA ILE A 18 -4.77 -5.71 -6.54
C ILE A 18 -3.91 -6.92 -6.90
N THR A 19 -2.60 -6.75 -6.77
CA THR A 19 -1.66 -7.83 -7.08
C THR A 19 -0.72 -8.09 -5.91
N ALA A 20 -0.15 -9.29 -5.86
CA ALA A 20 0.76 -9.67 -4.80
C ALA A 20 1.83 -8.59 -4.60
N ALA A 21 2.20 -7.92 -5.69
CA ALA A 21 3.21 -6.87 -5.62
C ALA A 21 2.88 -5.85 -4.54
N ILE A 22 1.59 -5.60 -4.35
CA ILE A 22 1.14 -4.64 -3.34
C ILE A 22 1.98 -4.75 -2.08
N TYR A 23 2.32 -5.98 -1.70
CA TYR A 23 3.12 -6.21 -0.50
C TYR A 23 4.48 -5.56 -0.62
N ASP A 24 5.17 -5.84 -1.72
CA ASP A 24 6.50 -5.28 -1.97
C ASP A 24 6.46 -3.75 -1.94
N GLU A 25 5.40 -3.19 -2.51
CA GLU A 25 5.24 -1.74 -2.56
C GLU A 25 5.19 -1.16 -1.14
N ILE A 26 4.55 -1.87 -0.24
CA ILE A 26 4.42 -1.42 1.15
C ILE A 26 5.78 -1.40 1.83
N GLN A 27 6.62 -2.39 1.53
CA GLN A 27 7.95 -2.47 2.12
C GLN A 27 8.81 -1.27 1.70
N GLN A 28 8.81 -0.99 0.40
CA GLN A 28 9.59 0.13 -0.13
C GLN A 28 8.97 1.47 0.28
N GLU A 29 7.66 1.60 0.06
CA GLU A 29 6.96 2.83 0.40
C GLU A 29 7.38 3.34 1.78
N MET A 30 7.66 2.41 2.69
CA MET A 30 8.08 2.76 4.04
C MET A 30 9.43 3.46 4.02
N LYS A 31 10.46 2.75 3.55
CA LYS A 31 11.80 3.31 3.49
C LYS A 31 11.81 4.64 2.74
N ARG A 32 10.80 4.84 1.90
CA ARG A 32 10.70 6.08 1.12
C ARG A 32 10.24 7.23 2.01
N ALA A 33 9.39 6.93 2.98
CA ALA A 33 8.89 7.94 3.89
C ALA A 33 9.45 7.75 5.29
N LYS A 34 10.36 6.78 5.44
CA LYS A 34 10.98 6.49 6.72
C LYS A 34 9.92 6.24 7.80
N VAL A 35 8.93 5.41 7.47
CA VAL A 35 7.87 5.08 8.41
C VAL A 35 7.96 3.63 8.86
N SER A 36 7.15 3.28 9.85
CA SER A 36 7.13 1.93 10.39
C SER A 36 5.88 1.18 9.95
N GLN A 37 5.98 -0.14 9.87
CA GLN A 37 4.86 -0.98 9.47
C GLN A 37 3.58 -0.56 10.18
N ALA A 38 3.72 -0.13 11.43
CA ALA A 38 2.59 0.31 12.23
C ALA A 38 1.98 1.59 11.66
N LEU A 39 2.84 2.54 11.30
CA LEU A 39 2.39 3.81 10.76
C LEU A 39 1.73 3.61 9.40
N PHE A 40 2.51 3.16 8.42
CA PHE A 40 2.00 2.93 7.07
C PHE A 40 0.65 2.22 7.12
N ALA A 41 0.51 1.28 8.04
CA ALA A 41 -0.73 0.53 8.19
C ALA A 41 -1.77 1.34 8.96
N LYS A 42 -1.30 2.27 9.78
CA LYS A 42 -2.19 3.11 10.57
C LYS A 42 -2.67 4.31 9.76
N VAL A 43 -1.91 4.66 8.72
CA VAL A 43 -2.27 5.79 7.87
C VAL A 43 -2.80 5.31 6.52
N ALA A 44 -2.54 4.04 6.21
CA ALA A 44 -3.00 3.45 4.96
C ALA A 44 -4.27 2.63 5.16
N ALA A 45 -4.22 1.68 6.09
CA ALA A 45 -5.36 0.82 6.38
C ALA A 45 -5.90 1.11 7.78
N ASN A 46 -5.24 2.01 8.50
CA ASN A 46 -5.65 2.35 9.86
C ASN A 46 -5.69 1.12 10.74
N LYS A 47 -4.89 0.12 10.40
CA LYS A 47 -4.83 -1.12 11.17
C LYS A 47 -3.63 -1.11 12.12
N SER A 48 -3.42 -2.23 12.79
CA SER A 48 -2.30 -2.36 13.73
C SER A 48 -1.10 -3.02 13.07
N GLN A 49 0.09 -2.62 13.50
CA GLN A 49 1.33 -3.17 12.94
C GLN A 49 1.19 -4.67 12.71
N GLY A 50 0.71 -5.39 13.73
CA GLY A 50 0.56 -6.83 13.62
C GLY A 50 -0.18 -7.22 12.35
N TRP A 51 -1.16 -6.43 11.96
CA TRP A 51 -1.94 -6.71 10.76
C TRP A 51 -1.13 -6.41 9.51
N LEU A 52 -0.19 -5.49 9.62
CA LEU A 52 0.67 -5.12 8.49
C LEU A 52 1.84 -6.08 8.34
N CYS A 53 2.65 -6.18 9.38
CA CYS A 53 3.80 -7.07 9.38
C CYS A 53 3.45 -8.42 8.76
N GLU A 54 2.37 -9.02 9.25
CA GLU A 54 1.92 -10.32 8.75
C GLU A 54 1.79 -10.29 7.23
N LEU A 55 1.02 -9.33 6.72
CA LEU A 55 0.81 -9.19 5.29
C LEU A 55 2.11 -9.37 4.53
N LEU A 56 3.18 -8.78 5.05
CA LEU A 56 4.49 -8.87 4.42
C LEU A 56 5.13 -10.22 4.69
N ARG A 57 4.70 -10.87 5.77
CA ARG A 57 5.24 -12.17 6.14
C ARG A 57 4.61 -13.28 5.29
N TRP A 58 3.29 -13.39 5.36
CA TRP A 58 2.56 -14.40 4.59
C TRP A 58 2.47 -14.02 3.12
N LYS A 59 2.20 -12.73 2.86
CA LYS A 59 2.08 -12.24 1.50
C LYS A 59 1.08 -13.07 0.70
N GLU A 60 -0.01 -13.46 1.36
CA GLU A 60 -1.04 -14.26 0.71
C GLU A 60 -1.46 -13.63 -0.62
N ASN A 61 -1.72 -14.47 -1.61
CA ASN A 61 -2.14 -14.00 -2.93
C ASN A 61 -3.47 -13.24 -2.84
N PRO A 62 -3.44 -11.95 -3.22
CA PRO A 62 -4.63 -11.10 -3.19
C PRO A 62 -5.65 -11.49 -4.26
N SER A 63 -6.93 -11.37 -3.92
CA SER A 63 -8.00 -11.71 -4.85
C SER A 63 -9.31 -11.04 -4.45
N PRO A 64 -10.19 -10.84 -5.43
CA PRO A 64 -11.49 -10.20 -5.21
C PRO A 64 -12.44 -11.07 -4.41
N GLU A 65 -11.97 -12.26 -4.03
CA GLU A 65 -12.78 -13.19 -3.26
C GLU A 65 -12.64 -12.93 -1.76
N ASN A 66 -11.43 -12.56 -1.35
CA ASN A 66 -11.16 -12.28 0.06
C ASN A 66 -11.56 -10.85 0.42
N ARG A 67 -12.59 -10.73 1.25
CA ARG A 67 -13.08 -9.41 1.67
C ARG A 67 -12.10 -8.76 2.63
N THR A 68 -11.96 -9.36 3.82
CA THR A 68 -11.06 -8.82 4.84
C THR A 68 -9.71 -8.47 4.24
N LEU A 69 -9.29 -9.21 3.22
CA LEU A 69 -8.02 -8.98 2.56
C LEU A 69 -8.16 -7.94 1.44
N TRP A 70 -8.89 -8.32 0.39
CA TRP A 70 -9.10 -7.42 -0.74
C TRP A 70 -9.48 -6.02 -0.26
N GLU A 71 -10.45 -5.95 0.64
CA GLU A 71 -10.90 -4.67 1.19
C GLU A 71 -9.71 -3.80 1.58
N ASN A 72 -9.03 -4.21 2.65
CA ASN A 72 -7.87 -3.46 3.14
C ASN A 72 -6.87 -3.21 2.01
N LEU A 73 -6.42 -4.28 1.37
CA LEU A 73 -5.47 -4.19 0.28
C LEU A 73 -5.94 -3.20 -0.78
N CYS A 74 -7.22 -2.87 -0.72
CA CYS A 74 -7.81 -1.92 -1.68
C CYS A 74 -7.49 -0.48 -1.28
N THR A 75 -7.71 -0.16 -0.01
CA THR A 75 -7.44 1.18 0.50
C THR A 75 -5.96 1.51 0.45
N ILE A 76 -5.13 0.54 0.83
CA ILE A 76 -3.69 0.73 0.83
C ILE A 76 -3.17 0.94 -0.60
N ARG A 77 -3.83 0.33 -1.57
CA ARG A 77 -3.44 0.45 -2.96
C ARG A 77 -3.61 1.88 -3.45
N ARG A 78 -4.60 2.58 -2.90
CA ARG A 78 -4.86 3.96 -3.28
C ARG A 78 -3.84 4.90 -2.66
N PHE A 79 -3.38 4.56 -1.46
CA PHE A 79 -2.40 5.38 -0.75
C PHE A 79 -1.11 5.49 -1.55
N LEU A 80 -0.65 4.36 -2.09
CA LEU A 80 0.58 4.32 -2.87
C LEU A 80 0.43 5.16 -4.14
N ASN A 81 -0.77 5.20 -4.69
CA ASN A 81 -1.05 5.97 -5.90
C ASN A 81 -0.76 7.45 -5.68
N LEU A 82 -0.84 7.89 -4.43
CA LEU A 82 -0.60 9.29 -4.09
C LEU A 82 0.85 9.67 -4.37
N PRO A 83 1.07 10.95 -4.69
CA PRO A 83 2.40 11.48 -4.99
C PRO A 83 3.30 11.53 -3.76
N GLN A 84 4.60 11.45 -3.98
CA GLN A 84 5.57 11.48 -2.89
C GLN A 84 5.30 12.67 -1.97
N HIS A 85 4.99 13.81 -2.57
CA HIS A 85 4.72 15.03 -1.81
C HIS A 85 3.49 14.84 -0.92
N GLU A 86 2.62 13.93 -1.31
CA GLU A 86 1.40 13.67 -0.55
C GLU A 86 1.67 12.67 0.58
N ARG A 87 1.99 11.44 0.20
CA ARG A 87 2.26 10.39 1.18
C ARG A 87 3.19 10.90 2.28
N ASP A 88 4.19 11.68 1.89
CA ASP A 88 5.14 12.25 2.85
C ASP A 88 4.43 13.15 3.86
N VAL A 89 3.38 13.83 3.39
CA VAL A 89 2.61 14.73 4.24
C VAL A 89 1.82 13.95 5.28
N ILE A 90 1.13 12.91 4.82
CA ILE A 90 0.32 12.08 5.71
C ILE A 90 1.16 11.54 6.87
N TYR A 91 2.31 10.95 6.55
CA TYR A 91 3.19 10.40 7.55
C TYR A 91 3.63 11.47 8.54
N GLU A 92 3.99 12.64 8.01
CA GLU A 92 4.44 13.75 8.84
C GLU A 92 3.34 14.17 9.82
N GLU A 93 2.17 14.51 9.27
CA GLU A 93 1.05 14.94 10.10
C GLU A 93 0.71 13.89 11.15
N GLU A 94 0.64 12.64 10.73
CA GLU A 94 0.33 11.54 11.65
C GLU A 94 1.39 11.42 12.74
N SER A 95 2.58 10.98 12.36
CA SER A 95 3.68 10.82 13.31
C SER A 95 4.82 11.79 13.00
N SER A 96 4.93 12.85 13.80
CA SER A 96 5.96 13.85 13.61
C SER A 96 7.35 13.23 13.73
N GLY A 97 8.37 14.02 13.41
CA GLY A 97 9.74 13.53 13.49
C GLY A 97 10.62 14.10 12.40
N PRO A 98 11.91 14.31 12.71
CA PRO A 98 12.88 14.85 11.77
C PRO A 98 13.21 13.87 10.65
N SER A 99 13.33 12.59 11.01
CA SER A 99 13.65 11.55 10.03
C SER A 99 14.91 11.92 9.24
N SER A 100 15.87 12.54 9.92
CA SER A 100 17.12 12.94 9.28
C SER A 100 18.31 12.69 10.20
N GLY A 101 19.20 11.81 9.77
CA GLY A 101 20.37 11.49 10.57
C GLY A 101 21.61 11.28 9.71
N GLY A 1 14.21 -11.96 2.15
CA GLY A 1 14.74 -12.62 0.97
C GLY A 1 14.95 -11.67 -0.19
N SER A 2 16.22 -11.36 -0.47
CA SER A 2 16.56 -10.44 -1.56
C SER A 2 16.31 -11.10 -2.91
N SER A 3 15.17 -10.79 -3.52
CA SER A 3 14.82 -11.36 -4.81
C SER A 3 14.51 -10.25 -5.82
N GLY A 4 14.14 -9.08 -5.31
CA GLY A 4 13.83 -7.95 -6.17
C GLY A 4 12.39 -7.51 -6.03
N SER A 5 11.79 -7.07 -7.14
CA SER A 5 10.41 -6.61 -7.12
C SER A 5 9.70 -6.98 -8.41
N SER A 6 8.60 -7.73 -8.28
CA SER A 6 7.83 -8.16 -9.44
C SER A 6 7.14 -6.98 -10.10
N GLY A 7 7.20 -6.93 -11.43
CA GLY A 7 6.58 -5.85 -12.17
C GLY A 7 5.07 -5.85 -12.04
N PRO A 8 4.52 -4.74 -11.52
CA PRO A 8 3.07 -4.60 -11.33
C PRO A 8 2.32 -4.47 -12.65
N ILE A 9 1.23 -5.23 -12.78
CA ILE A 9 0.43 -5.20 -13.99
C ILE A 9 -0.27 -3.86 -14.16
N LYS A 10 -0.33 -3.37 -15.39
CA LYS A 10 -0.98 -2.10 -15.69
C LYS A 10 -2.47 -2.30 -15.92
N VAL A 11 -3.26 -1.34 -15.46
CA VAL A 11 -4.71 -1.40 -15.62
C VAL A 11 -5.31 -0.01 -15.80
N ASP A 12 -6.32 0.09 -16.66
CA ASP A 12 -6.97 1.37 -16.93
C ASP A 12 -8.45 1.17 -17.23
N GLY A 13 -9.29 2.03 -16.66
CA GLY A 13 -10.72 1.94 -16.87
C GLY A 13 -11.29 0.62 -16.36
N ALA A 14 -11.02 0.32 -15.09
CA ALA A 14 -11.51 -0.90 -14.48
C ALA A 14 -11.22 -0.93 -12.98
N ASN A 15 -12.15 -1.50 -12.21
CA ASN A 15 -11.99 -1.58 -10.76
C ASN A 15 -10.52 -1.81 -10.39
N ILE A 16 -10.08 -1.17 -9.30
CA ILE A 16 -8.71 -1.32 -8.84
C ILE A 16 -8.27 -2.77 -8.88
N ASN A 17 -7.14 -3.03 -9.53
CA ASN A 17 -6.60 -4.38 -9.63
C ASN A 17 -5.49 -4.60 -8.62
N ILE A 18 -5.81 -5.32 -7.54
CA ILE A 18 -4.83 -5.61 -6.50
C ILE A 18 -3.95 -6.80 -6.88
N THR A 19 -2.66 -6.67 -6.61
CA THR A 19 -1.71 -7.73 -6.93
C THR A 19 -0.71 -7.93 -5.80
N ALA A 20 -0.15 -9.14 -5.71
CA ALA A 20 0.82 -9.45 -4.67
C ALA A 20 1.84 -8.34 -4.52
N ALA A 21 2.21 -7.71 -5.64
CA ALA A 21 3.18 -6.63 -5.64
C ALA A 21 2.87 -5.63 -4.53
N ILE A 22 1.59 -5.38 -4.30
CA ILE A 22 1.16 -4.44 -3.27
C ILE A 22 2.02 -4.57 -2.02
N TYR A 23 2.37 -5.80 -1.68
CA TYR A 23 3.19 -6.07 -0.50
C TYR A 23 4.56 -5.41 -0.63
N ASP A 24 5.20 -5.63 -1.78
CA ASP A 24 6.52 -5.06 -2.03
C ASP A 24 6.49 -3.54 -1.92
N GLU A 25 5.56 -2.92 -2.63
CA GLU A 25 5.42 -1.47 -2.61
C GLU A 25 5.34 -0.95 -1.17
N ILE A 26 4.65 -1.68 -0.32
CA ILE A 26 4.51 -1.30 1.08
C ILE A 26 5.85 -1.35 1.80
N GLN A 27 6.69 -2.31 1.43
CA GLN A 27 7.99 -2.46 2.05
C GLN A 27 8.89 -1.27 1.71
N GLN A 28 8.91 -0.89 0.44
CA GLN A 28 9.72 0.22 -0.02
C GLN A 28 9.13 1.56 0.44
N GLU A 29 7.84 1.73 0.21
CA GLU A 29 7.15 2.95 0.60
C GLU A 29 7.55 3.37 2.00
N MET A 30 7.72 2.40 2.88
CA MET A 30 8.11 2.66 4.27
C MET A 30 9.50 3.26 4.33
N LYS A 31 10.49 2.54 3.80
CA LYS A 31 11.87 3.00 3.80
C LYS A 31 12.00 4.33 3.05
N ARG A 32 11.09 4.57 2.12
CA ARG A 32 11.09 5.80 1.34
C ARG A 32 10.45 6.95 2.12
N ALA A 33 9.38 6.64 2.84
CA ALA A 33 8.69 7.65 3.64
C ALA A 33 9.30 7.79 5.02
N LYS A 34 10.17 6.85 5.37
CA LYS A 34 10.84 6.86 6.66
C LYS A 34 9.84 6.59 7.79
N VAL A 35 9.02 5.55 7.61
CA VAL A 35 8.02 5.19 8.61
C VAL A 35 8.12 3.71 8.96
N SER A 36 7.26 3.27 9.88
CA SER A 36 7.25 1.88 10.30
C SER A 36 5.94 1.20 9.91
N GLN A 37 5.99 -0.11 9.73
CA GLN A 37 4.82 -0.89 9.35
C GLN A 37 3.59 -0.43 10.14
N ALA A 38 3.81 -0.03 11.38
CA ALA A 38 2.73 0.43 12.24
C ALA A 38 2.14 1.74 11.73
N LEU A 39 3.00 2.65 11.30
CA LEU A 39 2.56 3.94 10.78
C LEU A 39 1.89 3.78 9.42
N PHE A 40 2.65 3.30 8.45
CA PHE A 40 2.12 3.09 7.11
C PHE A 40 0.78 2.37 7.14
N ALA A 41 0.65 1.40 8.05
CA ALA A 41 -0.57 0.62 8.19
C ALA A 41 -1.63 1.43 8.95
N LYS A 42 -1.17 2.41 9.72
CA LYS A 42 -2.08 3.24 10.52
C LYS A 42 -2.64 4.38 9.66
N VAL A 43 -1.90 4.77 8.63
CA VAL A 43 -2.33 5.84 7.74
C VAL A 43 -2.87 5.28 6.43
N ALA A 44 -2.55 4.03 6.15
CA ALA A 44 -3.01 3.37 4.93
C ALA A 44 -4.29 2.58 5.18
N ALA A 45 -4.20 1.57 6.05
CA ALA A 45 -5.35 0.74 6.37
C ALA A 45 -5.87 1.04 7.77
N ASN A 46 -5.17 1.92 8.47
CA ASN A 46 -5.56 2.30 9.83
C ASN A 46 -5.59 1.09 10.75
N LYS A 47 -4.73 0.12 10.46
CA LYS A 47 -4.65 -1.10 11.27
C LYS A 47 -3.41 -1.08 12.14
N SER A 48 -3.24 -2.13 12.94
CA SER A 48 -2.09 -2.24 13.83
C SER A 48 -0.93 -2.94 13.14
N GLN A 49 0.29 -2.54 13.49
CA GLN A 49 1.49 -3.13 12.90
C GLN A 49 1.30 -4.61 12.66
N GLY A 50 0.97 -5.35 13.72
CA GLY A 50 0.77 -6.78 13.60
C GLY A 50 0.01 -7.15 12.34
N TRP A 51 -1.02 -6.38 12.02
CA TRP A 51 -1.83 -6.63 10.83
C TRP A 51 -1.02 -6.40 9.56
N LEU A 52 -0.11 -5.43 9.62
CA LEU A 52 0.73 -5.11 8.47
C LEU A 52 1.90 -6.09 8.36
N CYS A 53 2.71 -6.15 9.40
CA CYS A 53 3.87 -7.04 9.42
C CYS A 53 3.53 -8.39 8.81
N GLU A 54 2.43 -8.98 9.27
CA GLU A 54 1.99 -10.28 8.76
C GLU A 54 1.88 -10.26 7.24
N LEU A 55 1.10 -9.32 6.72
CA LEU A 55 0.91 -9.19 5.28
C LEU A 55 2.23 -9.38 4.54
N LEU A 56 3.30 -8.79 5.07
CA LEU A 56 4.61 -8.89 4.46
C LEU A 56 5.24 -10.26 4.77
N ARG A 57 4.84 -10.86 5.87
CA ARG A 57 5.36 -12.16 6.28
C ARG A 57 4.75 -13.27 5.44
N TRP A 58 3.42 -13.37 5.48
CA TRP A 58 2.71 -14.40 4.73
C TRP A 58 2.59 -14.01 3.26
N LYS A 59 2.20 -12.77 3.01
CA LYS A 59 2.05 -12.26 1.64
C LYS A 59 1.07 -13.13 0.86
N GLU A 60 -0.09 -13.40 1.45
CA GLU A 60 -1.11 -14.21 0.80
C GLU A 60 -1.40 -13.69 -0.60
N ASN A 61 -2.19 -14.46 -1.35
CA ASN A 61 -2.55 -14.08 -2.72
C ASN A 61 -3.81 -13.22 -2.73
N PRO A 62 -3.66 -11.95 -3.12
CA PRO A 62 -4.77 -11.00 -3.19
C PRO A 62 -5.75 -11.33 -4.31
N SER A 63 -7.05 -11.16 -4.03
CA SER A 63 -8.08 -11.44 -5.03
C SER A 63 -9.39 -10.79 -4.63
N PRO A 64 -10.28 -10.59 -5.62
CA PRO A 64 -11.59 -9.98 -5.40
C PRO A 64 -12.53 -10.88 -4.62
N GLU A 65 -12.04 -12.07 -4.25
CA GLU A 65 -12.84 -13.03 -3.51
C GLU A 65 -12.69 -12.80 -2.00
N ASN A 66 -11.47 -12.51 -1.57
CA ASN A 66 -11.20 -12.28 -0.15
C ASN A 66 -11.59 -10.85 0.24
N ARG A 67 -12.64 -10.73 1.02
CA ARG A 67 -13.12 -9.42 1.47
C ARG A 67 -12.15 -8.81 2.48
N THR A 68 -12.09 -9.42 3.67
CA THR A 68 -11.21 -8.93 4.72
C THR A 68 -9.84 -8.54 4.17
N LEU A 69 -9.41 -9.24 3.12
CA LEU A 69 -8.13 -8.97 2.49
C LEU A 69 -8.26 -7.92 1.40
N TRP A 70 -8.95 -8.28 0.33
CA TRP A 70 -9.16 -7.35 -0.79
C TRP A 70 -9.53 -5.97 -0.29
N GLU A 71 -10.51 -5.90 0.60
CA GLU A 71 -10.95 -4.64 1.17
C GLU A 71 -9.77 -3.80 1.64
N ASN A 72 -9.11 -4.26 2.70
CA ASN A 72 -7.96 -3.56 3.24
C ASN A 72 -6.93 -3.26 2.16
N LEU A 73 -6.53 -4.29 1.43
CA LEU A 73 -5.55 -4.13 0.36
C LEU A 73 -6.03 -3.11 -0.67
N CYS A 74 -7.33 -2.84 -0.66
CA CYS A 74 -7.91 -1.88 -1.60
C CYS A 74 -7.55 -0.45 -1.20
N THR A 75 -7.77 -0.12 0.06
CA THR A 75 -7.47 1.22 0.57
C THR A 75 -5.96 1.50 0.51
N ILE A 76 -5.16 0.51 0.90
CA ILE A 76 -3.71 0.65 0.89
C ILE A 76 -3.20 0.88 -0.52
N ARG A 77 -3.88 0.29 -1.49
CA ARG A 77 -3.48 0.42 -2.89
C ARG A 77 -3.68 1.86 -3.38
N ARG A 78 -4.78 2.47 -2.94
CA ARG A 78 -5.09 3.84 -3.33
C ARG A 78 -4.10 4.82 -2.72
N PHE A 79 -3.60 4.49 -1.53
CA PHE A 79 -2.64 5.34 -0.84
C PHE A 79 -1.34 5.45 -1.64
N LEU A 80 -0.80 4.31 -2.03
CA LEU A 80 0.44 4.28 -2.79
C LEU A 80 0.30 5.07 -4.09
N ASN A 81 -0.91 5.08 -4.65
CA ASN A 81 -1.18 5.79 -5.89
C ASN A 81 -0.93 7.29 -5.72
N LEU A 82 -0.91 7.75 -4.47
CA LEU A 82 -0.69 9.15 -4.17
C LEU A 82 0.75 9.55 -4.47
N PRO A 83 0.96 10.84 -4.78
CA PRO A 83 2.29 11.37 -5.09
C PRO A 83 3.20 11.41 -3.87
N GLN A 84 4.49 11.22 -4.10
CA GLN A 84 5.47 11.23 -3.02
C GLN A 84 5.22 12.40 -2.08
N HIS A 85 4.98 13.58 -2.65
CA HIS A 85 4.73 14.77 -1.85
C HIS A 85 3.51 14.58 -0.95
N GLU A 86 2.57 13.78 -1.40
CA GLU A 86 1.36 13.51 -0.64
C GLU A 86 1.63 12.53 0.50
N ARG A 87 1.95 11.29 0.14
CA ARG A 87 2.24 10.26 1.14
C ARG A 87 3.12 10.82 2.25
N ASP A 88 4.16 11.56 1.88
CA ASP A 88 5.07 12.15 2.85
C ASP A 88 4.31 13.04 3.83
N VAL A 89 3.33 13.79 3.32
CA VAL A 89 2.54 14.68 4.16
C VAL A 89 1.72 13.88 5.17
N ILE A 90 1.05 12.83 4.70
CA ILE A 90 0.23 12.00 5.57
C ILE A 90 1.06 11.40 6.71
N TYR A 91 2.19 10.79 6.35
CA TYR A 91 3.06 10.19 7.34
C TYR A 91 3.56 11.22 8.34
N GLU A 92 3.97 12.37 7.83
CA GLU A 92 4.47 13.45 8.69
C GLU A 92 3.39 13.93 9.64
N GLU A 93 2.26 14.36 9.09
CA GLU A 93 1.15 14.85 9.89
C GLU A 93 0.76 13.81 10.95
N GLU A 94 0.70 12.55 10.54
CA GLU A 94 0.34 11.47 11.45
C GLU A 94 1.41 11.26 12.51
N SER A 95 2.59 10.82 12.07
CA SER A 95 3.70 10.58 12.99
C SER A 95 4.66 11.76 13.00
N SER A 96 4.77 12.40 14.17
CA SER A 96 5.66 13.55 14.32
C SER A 96 6.53 13.41 15.57
N GLY A 97 7.59 14.21 15.64
CA GLY A 97 8.48 14.16 16.77
C GLY A 97 9.38 12.94 16.75
N PRO A 98 10.30 12.85 17.73
CA PRO A 98 11.23 11.73 17.84
C PRO A 98 10.54 10.43 18.25
N SER A 99 10.54 9.46 17.34
CA SER A 99 9.92 8.18 17.59
C SER A 99 10.86 7.03 17.25
N SER A 100 11.53 7.15 16.10
CA SER A 100 12.46 6.12 15.65
C SER A 100 13.89 6.46 16.06
N GLY A 101 14.81 5.53 15.83
CA GLY A 101 16.19 5.75 16.18
C GLY A 101 17.07 4.55 15.87
#